data_9E3G
#
_entry.id   9E3G
#
_cell.length_a   1.00
_cell.length_b   1.00
_cell.length_c   1.00
_cell.angle_alpha   90.00
_cell.angle_beta   90.00
_cell.angle_gamma   90.00
#
_symmetry.space_group_name_H-M   'P 1'
#
loop_
_entity.id
_entity.type
_entity.pdbx_description
1 polymer 'Acetylcholine receptor subunit alpha'
2 polymer 'Acetylcholine receptor subunit beta'
3 polymer 'Acetylcholine receptor subunit delta'
4 polymer 'Acetylcholine receptor subunit gamma'
5 branched alpha-D-mannopyranose-(1-3)-[alpha-D-mannopyranose-(1-6)]alpha-D-mannopyranose-(1-6)-[alpha-D-mannopyranose-(1-3)]beta-D-mannopyranose-(1-4)-2-acetamido-2-deoxy-beta-D-glucopyranose-(1-4)-2-acetamido-2-deoxy-beta-D-glucopyranose
6 branched alpha-D-mannopyranose-(1-3)-[alpha-D-mannopyranose-(1-6)]beta-D-mannopyranose-(1-4)-2-acetamido-2-deoxy-beta-D-glucopyranose-(1-4)-2-acetamido-2-deoxy-beta-D-glucopyranose
7 branched alpha-D-mannopyranose-(1-2)-alpha-D-mannopyranose-(1-3)-[alpha-D-mannopyranose-(1-6)]beta-D-mannopyranose-(1-4)-2-acetamido-2-deoxy-beta-D-glucopyranose-(1-4)-2-acetamido-2-deoxy-beta-D-glucopyranose
8 branched 2-acetamido-2-deoxy-beta-D-glucopyranose-(1-4)-2-acetamido-2-deoxy-beta-D-glucopyranose
9 branched alpha-D-mannopyranose-(1-6)-alpha-D-mannopyranose-(1-6)-[alpha-D-mannopyranose-(1-3)]beta-D-mannopyranose-(1-4)-2-acetamido-2-deoxy-beta-D-glucopyranose-(1-4)-2-acetamido-2-deoxy-beta-D-glucopyranose
10 non-polymer ACETYLCHOLINE
11 non-polymer '(2S)-3-(hexadecanoyloxy)-2-[(9Z)-octadec-9-enoyloxy]propyl 2-(trimethylammonio)ethyl phosphate'
#
loop_
_entity_poly.entity_id
_entity_poly.type
_entity_poly.pdbx_seq_one_letter_code
_entity_poly.pdbx_strand_id
1 'polypeptide(L)'
;SEHETRLVANLLENYNKVIRPVEHHTHFVDITVGLQLIQLISVDEVNQIVETNVRLRQQWIDVRLRWNPADYGGIKKIRL
PSDDVWLPDLVLYNNADGDFAIVHMTKLLLDYTGKIMWTPPAIFKSYCEIIVTHFPFDQQNCTMKLGIWTYDGTKVSISP
ESDRPDLSTFMESGEWVMKDYRGWKHWVYYTCCPDTPYLDITYHFIMQRIPLYFVVNVIIPCLLFSFLTGLVFYLPTDSG
EKMTLSISVLLSLTVFLLVIVELIPSTSSAVPLIGKYMLFTMIFVISSIIITVVVINTHHRSPSTHTMPQWVRKIFIDTI
PNVMFFSTMKRASKEKQENKIFADDIDISDISGKQVTGEVIFQTPLIKNPDVKSAIEGVKYIAEHMKSDEESSNAAEEWK
YVAMVIDHILLCVFMLICIIGTVSVFAGRLIELSQEG
;
A,D
2 'polypeptide(L)'
;SVMEDTLLSVLFETYNPKVRPAQTVGDKVTVRVGLTLTNLLILNEKIEEMTTNVFLNLAWTDYRLQWDPAAYEGIKDLRI
PSSDVWQPDIVLMNNNDGSFEITLHVNVLVQHTGAVSWQPSAIYRSSCTIKVMYFPFDWQNCTMVFKSYTYDTSEVTLQH
ALDAKGEREVKEIVINKDAFTENGQWSIEHKPSRKNWRSDDPSYEDVTFYLIIQRKPLFYIVYTIIPCILISILAILVFY
LPPDAGEKMSLSISALLAVTVFLLLLADKVPETSLSVPIIIRYLMFIMILVAFSVILSVVVLNLHHRSPNTHTMPNWIRQ
IFIETLPPFLWIQRPVTTPSPDSKPTIISRANDEYFIRKPAGDFVCPVDNARVAVQPERLFSEMKWHLNGLTQPVTLPQD
LKEAVEAIKYIAEQLESASEFDDLKKDWQYVAMVADRLFLYVFFVICSIGTFSIFLDASHNVPPDNPFA
;
B
3 'polypeptide(L)'
;VNEEERLINDLLIVNKYNKHVRPVKHNNEVVNIALSLTLSNLISLKETDETLTSNVWMDHAWYDHRLTWNASEYSDISIL
RLPPELVWIPDIVLQNNNDGQYHVAYFCNVLVRPNGYVTWLPPAIFRSSCPINVLYFPFDWQNCSLKFTALNYDANEITM
DLMTDTIDGKDYPIEWIIIDPEAFTENGEWEIIHKPAKKNIYPDKFPNGTNYQDVTFYLIIRRKPLFYVINFITPCVLIS
FLASLAFYLPAESGEKMSTAISVLLAQAVFLLLTSQRLPETALAVPLIGKYLMFIMSLVTGVIVNCGIVLNFHFRTPSTH
VLSTRVKQIFLEKLPRILHMSRADESEQPDWQNDLKLRRSSSVGYISKAQEYFNIKSRSELMFEKQSERHGLVPRVTPRI
GFGNNNENIAASDQLHDEIKSGIDSTNYIVKQIKEKNAYDEEVGNWNLVGQTIDRLSMFIITPVMVLGTIFIFVMGNFNH
PPAKPFEGDPFDYSSDHPRCA
;
C
4 'polypeptide(L)'
;NEEGRLIEKLLGDYDKRIIPAKTLDHIIDVTLKLTLTNLISLNEKEEALTTNVWIEIQWNDYRLSWNTSEYEGIDLVRIP
SELLWLPDVVLENNVDGQFEVAYYANVLVYNDGSMYWLPPAIYRSTCPIAVTYFPFDWQNCSLVFRSQTYNAHEVNLQLS
AEEGEAVEWIHIDPEDFTENGEWTIRHRPAKKNYNWQLTKDDTDFQEIIFFLIIQRKPLFYIINIIAPCVLISSLVVLVY
FLPAQAGGQKCTLSISVLLAQTIFLFLIAQKVPETSLNVPLIGKYLIFVMFVSMLIVMNCVIVLNVSLRTPNTHSLSEKI
KHLFLGFLPKYLGMQLEPSEETPEKPQPRRRSSFGIMIKAEEYILKKPRSELMFEEQKDRHGLKRVNKMTSDIDIGTTVD
LYKDLANFAPEIKSCVEACNFIAKSTKEQNDSGSENENWVLIGKVIDKACFWIALLLFSIGTLAIFLTGHFNQVPEFPFP
GDPRKYVP
;
E
#
# COMPACT_ATOMS: atom_id res chain seq x y z
N SER A 1 8.49 -45.72 -27.45
CA SER A 1 8.72 -46.49 -28.67
C SER A 1 10.19 -46.51 -29.03
N GLU A 2 10.73 -47.71 -29.28
CA GLU A 2 12.14 -47.85 -29.61
C GLU A 2 12.49 -47.16 -30.92
N HIS A 3 11.52 -46.99 -31.83
CA HIS A 3 11.77 -46.21 -33.03
C HIS A 3 12.15 -44.77 -32.69
N GLU A 4 11.38 -44.16 -31.78
CA GLU A 4 11.67 -42.79 -31.39
C GLU A 4 12.97 -42.67 -30.61
N THR A 5 13.29 -43.68 -29.79
CA THR A 5 14.58 -43.65 -29.09
C THR A 5 15.74 -43.75 -30.08
N ARG A 6 15.59 -44.60 -31.10
CA ARG A 6 16.62 -44.70 -32.14
C ARG A 6 16.77 -43.36 -32.85
N LEU A 7 15.65 -42.72 -33.18
CA LEU A 7 15.71 -41.45 -33.91
C LEU A 7 16.36 -40.37 -33.07
N VAL A 8 15.95 -40.22 -31.81
CA VAL A 8 16.48 -39.15 -30.97
C VAL A 8 17.95 -39.38 -30.67
N ALA A 9 18.35 -40.64 -30.44
CA ALA A 9 19.77 -40.92 -30.23
C ALA A 9 20.59 -40.67 -31.48
N ASN A 10 20.04 -40.95 -32.66
CA ASN A 10 20.80 -40.74 -33.88
C ASN A 10 20.90 -39.26 -34.26
N LEU A 11 19.89 -38.47 -33.95
CA LEU A 11 19.92 -37.06 -34.34
C LEU A 11 20.96 -36.29 -33.54
N LEU A 12 21.11 -36.60 -32.26
CA LEU A 12 21.96 -35.82 -31.37
C LEU A 12 23.31 -36.47 -31.11
N GLU A 13 23.78 -37.32 -32.04
CA GLU A 13 25.08 -37.93 -31.88
C GLU A 13 26.20 -36.90 -31.99
N ASN A 14 26.16 -36.08 -33.04
CA ASN A 14 27.21 -35.08 -33.28
C ASN A 14 26.64 -33.67 -33.38
N TYR A 15 25.40 -33.46 -32.98
CA TYR A 15 24.78 -32.14 -33.08
C TYR A 15 25.43 -31.18 -32.09
N ASN A 16 25.70 -29.96 -32.56
CA ASN A 16 26.31 -28.92 -31.75
C ASN A 16 25.32 -27.78 -31.59
N LYS A 17 25.09 -27.37 -30.34
CA LYS A 17 24.05 -26.39 -30.05
C LYS A 17 24.39 -25.00 -30.54
N VAL A 18 25.66 -24.68 -30.73
CA VAL A 18 26.09 -23.30 -30.89
C VAL A 18 26.52 -22.99 -32.32
N ILE A 19 26.06 -23.77 -33.29
CA ILE A 19 26.49 -23.62 -34.68
C ILE A 19 25.26 -23.30 -35.53
N ARG A 20 25.41 -22.33 -36.43
CA ARG A 20 24.28 -21.88 -37.23
C ARG A 20 23.80 -23.00 -38.15
N PRO A 21 22.49 -23.12 -38.36
CA PRO A 21 21.94 -24.26 -39.13
C PRO A 21 21.86 -23.97 -40.62
N VAL A 22 23.01 -23.74 -41.24
CA VAL A 22 23.09 -23.45 -42.66
C VAL A 22 24.06 -24.42 -43.31
N GLU A 23 23.84 -24.70 -44.59
CA GLU A 23 24.74 -25.59 -45.32
C GLU A 23 26.09 -24.92 -45.56
N HIS A 24 26.07 -23.65 -45.93
CA HIS A 24 27.28 -22.87 -46.15
C HIS A 24 27.18 -21.57 -45.36
N HIS A 25 28.31 -21.11 -44.84
CA HIS A 25 28.29 -19.96 -43.93
C HIS A 25 27.86 -18.67 -44.61
N THR A 26 27.93 -18.60 -45.94
CA THR A 26 27.47 -17.42 -46.65
C THR A 26 25.94 -17.35 -46.75
N HIS A 27 25.24 -18.45 -46.47
CA HIS A 27 23.79 -18.48 -46.55
C HIS A 27 23.19 -17.82 -45.30
N PHE A 28 21.88 -17.92 -45.17
CA PHE A 28 21.18 -17.39 -44.01
C PHE A 28 19.93 -18.23 -43.81
N VAL A 29 19.62 -18.52 -42.55
CA VAL A 29 18.44 -19.33 -42.24
C VAL A 29 17.23 -18.42 -42.17
N ASP A 30 16.22 -18.72 -42.99
CA ASP A 30 15.02 -17.90 -43.09
C ASP A 30 14.07 -18.30 -41.97
N ILE A 31 13.96 -17.46 -40.96
CA ILE A 31 13.12 -17.75 -39.80
C ILE A 31 11.82 -16.99 -39.94
N THR A 32 10.71 -17.73 -39.95
CA THR A 32 9.37 -17.15 -40.06
C THR A 32 8.85 -16.93 -38.64
N VAL A 33 8.92 -15.69 -38.18
CA VAL A 33 8.54 -15.33 -36.82
C VAL A 33 7.13 -14.77 -36.82
N GLY A 34 6.26 -15.33 -35.98
CA GLY A 34 4.95 -14.77 -35.76
C GLY A 34 4.68 -14.64 -34.28
N LEU A 35 3.66 -13.86 -33.95
CA LEU A 35 3.28 -13.64 -32.56
C LEU A 35 1.78 -13.78 -32.43
N GLN A 36 1.34 -14.46 -31.36
CA GLN A 36 -0.05 -14.52 -31.00
C GLN A 36 -0.21 -14.06 -29.56
N LEU A 37 -1.18 -13.19 -29.33
CA LEU A 37 -1.42 -12.61 -28.02
C LEU A 37 -2.51 -13.40 -27.32
N ILE A 38 -2.16 -14.09 -26.23
CA ILE A 38 -3.15 -14.87 -25.51
C ILE A 38 -4.01 -13.97 -24.64
N GLN A 39 -3.39 -13.14 -23.79
CA GLN A 39 -4.14 -12.21 -22.97
C GLN A 39 -3.27 -11.01 -22.64
N LEU A 40 -3.92 -9.85 -22.56
CA LEU A 40 -3.26 -8.63 -22.15
C LEU A 40 -3.36 -8.53 -20.64
N ILE A 41 -2.22 -8.68 -19.96
CA ILE A 41 -2.25 -8.78 -18.49
C ILE A 41 -2.60 -7.43 -17.88
N SER A 42 -1.77 -6.42 -18.10
CA SER A 42 -2.02 -5.11 -17.52
C SER A 42 -1.23 -4.06 -18.28
N VAL A 43 -1.71 -2.82 -18.19
CA VAL A 43 -1.00 -1.66 -18.74
C VAL A 43 -0.66 -0.75 -17.57
N ASP A 44 0.63 -0.55 -17.33
CA ASP A 44 1.12 0.25 -16.21
C ASP A 44 1.50 1.62 -16.75
N GLU A 45 0.62 2.60 -16.55
CA GLU A 45 0.85 3.92 -17.13
C GLU A 45 1.94 4.68 -16.40
N VAL A 46 2.07 4.49 -15.09
CA VAL A 46 3.05 5.25 -14.32
C VAL A 46 4.47 4.84 -14.67
N ASN A 47 4.66 3.63 -15.18
CA ASN A 47 5.98 3.15 -15.56
C ASN A 47 6.14 2.95 -17.05
N GLN A 48 5.09 3.19 -17.83
CA GLN A 48 5.11 3.02 -19.29
C GLN A 48 5.50 1.60 -19.69
N ILE A 49 5.01 0.61 -18.94
CA ILE A 49 5.31 -0.79 -19.19
C ILE A 49 4.01 -1.54 -19.45
N VAL A 50 3.95 -2.25 -20.56
CA VAL A 50 2.78 -3.05 -20.94
C VAL A 50 3.18 -4.52 -20.86
N GLU A 51 2.42 -5.29 -20.10
CA GLU A 51 2.71 -6.69 -19.83
C GLU A 51 1.72 -7.56 -20.60
N THR A 52 2.23 -8.41 -21.48
CA THR A 52 1.42 -9.25 -22.34
C THR A 52 1.84 -10.70 -22.20
N ASN A 53 0.87 -11.60 -22.27
CA ASN A 53 1.13 -13.05 -22.26
C ASN A 53 1.01 -13.54 -23.70
N VAL A 54 2.14 -13.77 -24.35
CA VAL A 54 2.16 -14.10 -25.77
C VAL A 54 2.78 -15.48 -25.97
N ARG A 55 2.60 -16.01 -27.17
CA ARG A 55 3.21 -17.27 -27.59
C ARG A 55 4.01 -16.98 -28.85
N LEU A 56 5.27 -16.61 -28.69
CA LEU A 56 6.12 -16.35 -29.83
C LEU A 56 6.34 -17.63 -30.62
N ARG A 57 6.00 -17.59 -31.90
CA ARG A 57 6.05 -18.77 -32.77
C ARG A 57 7.16 -18.56 -33.80
N GLN A 58 8.22 -19.35 -33.69
CA GLN A 58 9.34 -19.30 -34.62
C GLN A 58 9.38 -20.57 -35.43
N GLN A 59 9.61 -20.42 -36.74
CA GLN A 59 9.76 -21.56 -37.63
C GLN A 59 11.05 -21.40 -38.43
N TRP A 60 11.86 -22.45 -38.47
CA TRP A 60 13.05 -22.42 -39.31
C TRP A 60 13.40 -23.85 -39.70
N ILE A 61 14.12 -23.97 -40.81
CA ILE A 61 14.48 -25.27 -41.37
C ILE A 61 15.91 -25.58 -40.98
N ASP A 62 16.09 -26.66 -40.23
CA ASP A 62 17.40 -27.14 -39.83
C ASP A 62 17.78 -28.32 -40.72
N VAL A 63 18.92 -28.20 -41.39
CA VAL A 63 19.33 -29.25 -42.33
C VAL A 63 19.88 -30.48 -41.62
N ARG A 64 20.35 -30.34 -40.39
CA ARG A 64 20.92 -31.46 -39.65
C ARG A 64 19.89 -32.27 -38.90
N LEU A 65 18.62 -31.85 -38.90
CA LEU A 65 17.57 -32.54 -38.17
C LEU A 65 16.50 -33.12 -39.11
N ARG A 66 16.94 -33.68 -40.23
CA ARG A 66 16.05 -34.31 -41.19
C ARG A 66 16.30 -35.81 -41.23
N TRP A 67 15.25 -36.59 -41.45
CA TRP A 67 15.35 -38.03 -41.54
C TRP A 67 14.31 -38.56 -42.52
N ASN A 68 14.52 -39.79 -42.95
CA ASN A 68 13.53 -40.48 -43.77
C ASN A 68 12.57 -41.25 -42.87
N PRO A 69 11.28 -40.95 -42.89
CA PRO A 69 10.36 -41.59 -41.94
C PRO A 69 10.24 -43.09 -42.12
N ALA A 70 10.40 -43.61 -43.34
CA ALA A 70 10.28 -45.04 -43.56
C ALA A 70 11.38 -45.83 -42.87
N ASP A 71 12.50 -45.20 -42.54
CA ASP A 71 13.56 -45.90 -41.81
C ASP A 71 13.19 -46.12 -40.35
N TYR A 72 12.31 -45.27 -39.80
CA TYR A 72 12.02 -45.33 -38.37
C TYR A 72 10.54 -45.59 -38.11
N GLY A 73 9.95 -46.53 -38.83
CA GLY A 73 8.61 -47.00 -38.54
C GLY A 73 7.49 -46.09 -39.00
N GLY A 74 7.80 -45.02 -39.72
CA GLY A 74 6.77 -44.13 -40.24
C GLY A 74 6.48 -42.90 -39.41
N ILE A 75 7.34 -42.57 -38.45
CA ILE A 75 7.12 -41.37 -37.65
C ILE A 75 7.42 -40.14 -38.49
N LYS A 76 6.49 -39.18 -38.48
CA LYS A 76 6.67 -37.94 -39.22
C LYS A 76 6.93 -36.74 -38.32
N LYS A 77 6.32 -36.70 -37.14
CA LYS A 77 6.50 -35.58 -36.22
C LYS A 77 6.92 -36.12 -34.87
N ILE A 78 7.91 -35.46 -34.26
CA ILE A 78 8.39 -35.81 -32.92
C ILE A 78 8.46 -34.54 -32.09
N ARG A 79 8.90 -34.71 -30.85
CA ARG A 79 9.10 -33.59 -29.94
C ARG A 79 10.49 -33.70 -29.34
N LEU A 80 11.18 -32.57 -29.26
CA LEU A 80 12.49 -32.50 -28.64
C LEU A 80 12.53 -31.34 -27.65
N PRO A 81 13.25 -31.49 -26.53
CA PRO A 81 13.45 -30.35 -25.64
C PRO A 81 14.23 -29.26 -26.36
N SER A 82 13.87 -28.01 -26.08
CA SER A 82 14.47 -26.89 -26.80
C SER A 82 15.95 -26.71 -26.47
N ASP A 83 16.40 -27.20 -25.32
CA ASP A 83 17.78 -27.04 -24.93
C ASP A 83 18.73 -27.93 -25.73
N ASP A 84 18.22 -28.84 -26.54
CA ASP A 84 19.06 -29.75 -27.29
C ASP A 84 19.38 -29.27 -28.71
N VAL A 85 18.73 -28.22 -29.18
CA VAL A 85 18.88 -27.79 -30.57
C VAL A 85 19.26 -26.32 -30.60
N TRP A 86 19.86 -25.91 -31.72
CA TRP A 86 20.22 -24.52 -31.92
C TRP A 86 18.96 -23.66 -31.95
N LEU A 87 19.03 -22.49 -31.32
CA LEU A 87 17.87 -21.64 -31.23
C LEU A 87 18.23 -20.22 -31.67
N PRO A 88 17.30 -19.54 -32.32
CA PRO A 88 17.49 -18.10 -32.55
C PRO A 88 17.37 -17.34 -31.23
N ASP A 89 18.20 -16.31 -31.10
CA ASP A 89 18.25 -15.52 -29.88
C ASP A 89 17.33 -14.30 -29.97
N LEU A 90 16.06 -14.58 -30.20
CA LEU A 90 15.06 -13.52 -30.29
C LEU A 90 14.91 -12.83 -28.94
N VAL A 91 15.11 -11.52 -28.94
CA VAL A 91 15.15 -10.74 -27.70
C VAL A 91 14.31 -9.50 -27.88
N LEU A 92 13.43 -9.23 -26.91
CA LEU A 92 12.66 -8.00 -26.88
C LEU A 92 13.60 -6.81 -26.72
N TYR A 93 13.64 -5.93 -27.72
CA TYR A 93 14.53 -4.78 -27.65
C TYR A 93 14.10 -3.80 -26.57
N ASN A 94 12.83 -3.43 -26.55
CA ASN A 94 12.36 -2.47 -25.55
C ASN A 94 11.84 -3.16 -24.31
N ASN A 95 12.64 -4.06 -23.75
CA ASN A 95 12.28 -4.73 -22.52
C ASN A 95 12.41 -3.78 -21.34
N ALA A 96 11.63 -4.02 -20.31
CA ALA A 96 11.69 -3.22 -19.08
C ALA A 96 11.18 -4.06 -17.93
N ASP A 97 12.02 -4.29 -16.92
CA ASP A 97 11.69 -5.06 -15.73
C ASP A 97 11.26 -6.49 -16.05
N GLY A 98 11.76 -7.06 -17.15
CA GLY A 98 11.35 -8.40 -17.53
C GLY A 98 12.49 -9.23 -18.06
N ASP A 99 12.16 -10.39 -18.64
CA ASP A 99 13.17 -11.22 -19.28
C ASP A 99 13.37 -10.77 -20.72
N PHE A 100 14.62 -10.66 -21.13
CA PHE A 100 14.91 -10.21 -22.49
C PHE A 100 14.60 -11.27 -23.53
N ALA A 101 14.73 -12.55 -23.19
CA ALA A 101 14.48 -13.59 -24.17
C ALA A 101 13.58 -14.69 -23.62
N ILE A 102 13.46 -15.79 -24.35
CA ILE A 102 12.67 -16.92 -23.91
C ILE A 102 13.39 -17.64 -22.79
N VAL A 103 12.69 -17.88 -21.69
CA VAL A 103 13.29 -18.52 -20.53
C VAL A 103 12.61 -19.84 -20.16
N HIS A 104 11.36 -20.07 -20.58
CA HIS A 104 10.67 -21.29 -20.16
C HIS A 104 11.17 -22.52 -20.90
N MET A 105 11.50 -22.37 -22.18
CA MET A 105 12.19 -23.39 -22.97
C MET A 105 11.39 -24.70 -23.04
N THR A 106 10.16 -24.58 -23.55
CA THR A 106 9.33 -25.76 -23.73
C THR A 106 9.75 -26.52 -24.97
N LYS A 107 9.21 -27.73 -25.13
CA LYS A 107 9.58 -28.58 -26.24
C LYS A 107 9.01 -28.03 -27.54
N LEU A 108 9.58 -28.47 -28.65
CA LEU A 108 9.22 -28.00 -29.98
C LEU A 108 8.78 -29.17 -30.84
N LEU A 109 8.44 -28.86 -32.10
CA LEU A 109 8.05 -29.87 -33.06
C LEU A 109 9.12 -29.98 -34.14
N LEU A 110 9.28 -31.18 -34.69
CA LEU A 110 10.35 -31.45 -35.65
C LEU A 110 9.80 -32.34 -36.75
N ASP A 111 9.42 -31.73 -37.87
CA ASP A 111 8.98 -32.48 -39.03
C ASP A 111 10.17 -33.21 -39.66
N TYR A 112 9.87 -34.25 -40.44
CA TYR A 112 10.92 -35.06 -41.02
C TYR A 112 11.72 -34.34 -42.09
N THR A 113 11.20 -33.23 -42.63
CA THR A 113 11.93 -32.44 -43.60
C THR A 113 12.87 -31.44 -42.95
N GLY A 114 13.05 -31.52 -41.63
CA GLY A 114 13.88 -30.59 -40.91
C GLY A 114 13.16 -29.35 -40.43
N LYS A 115 11.89 -29.18 -40.78
CA LYS A 115 11.15 -28.00 -40.35
C LYS A 115 10.90 -28.06 -38.85
N ILE A 116 11.15 -26.94 -38.16
CA ILE A 116 10.98 -26.84 -36.73
C ILE A 116 9.94 -25.77 -36.44
N MET A 117 8.96 -26.11 -35.63
CA MET A 117 7.91 -25.17 -35.24
C MET A 117 7.92 -25.07 -33.71
N TRP A 118 8.64 -24.08 -33.20
CA TRP A 118 8.79 -23.87 -31.76
C TRP A 118 7.88 -22.74 -31.34
N THR A 119 7.04 -22.99 -30.34
CA THR A 119 6.07 -22.00 -29.86
C THR A 119 6.16 -21.87 -28.34
N PRO A 120 7.26 -21.32 -27.84
CA PRO A 120 7.39 -21.17 -26.39
C PRO A 120 6.48 -20.05 -25.89
N PRO A 121 6.04 -20.11 -24.64
CA PRO A 121 5.31 -18.99 -24.05
C PRO A 121 6.30 -17.96 -23.51
N ALA A 122 5.78 -16.77 -23.26
CA ALA A 122 6.59 -15.70 -22.71
C ALA A 122 5.66 -14.68 -22.08
N ILE A 123 6.25 -13.80 -21.27
CA ILE A 123 5.57 -12.63 -20.73
C ILE A 123 6.43 -11.43 -21.09
N PHE A 124 5.97 -10.65 -22.08
CA PHE A 124 6.75 -9.55 -22.62
C PHE A 124 6.35 -8.27 -21.89
N LYS A 125 7.17 -7.87 -20.92
CA LYS A 125 6.99 -6.57 -20.28
C LYS A 125 7.69 -5.54 -21.14
N SER A 126 6.99 -5.09 -22.19
CA SER A 126 7.54 -4.12 -23.12
C SER A 126 7.49 -2.72 -22.53
N TYR A 127 8.14 -1.79 -23.22
CA TYR A 127 8.24 -0.40 -22.80
C TYR A 127 7.74 0.48 -23.94
N CYS A 128 6.54 1.03 -23.79
CA CYS A 128 5.95 1.88 -24.81
C CYS A 128 5.66 3.26 -24.22
N GLU A 129 5.89 4.28 -25.05
CA GLU A 129 5.64 5.66 -24.65
C GLU A 129 4.14 5.86 -24.47
N ILE A 130 3.70 5.92 -23.22
CA ILE A 130 2.28 6.07 -22.90
C ILE A 130 1.90 7.52 -23.16
N ILE A 131 1.23 7.77 -24.27
CA ILE A 131 0.73 9.11 -24.58
C ILE A 131 -0.57 9.31 -23.80
N VAL A 132 -0.59 10.33 -22.95
CA VAL A 132 -1.60 10.46 -21.91
C VAL A 132 -2.50 11.68 -22.14
N THR A 133 -2.48 12.25 -23.35
CA THR A 133 -3.18 13.50 -23.60
C THR A 133 -4.69 13.36 -23.40
N HIS A 134 -5.27 12.26 -23.88
CA HIS A 134 -6.71 12.09 -23.88
C HIS A 134 -7.19 11.08 -22.82
N PHE A 135 -6.45 10.96 -21.73
CA PHE A 135 -6.86 10.07 -20.64
C PHE A 135 -8.16 10.58 -20.02
N PRO A 136 -9.09 9.69 -19.65
CA PRO A 136 -9.07 8.23 -19.74
C PRO A 136 -9.63 7.66 -21.04
N PHE A 137 -10.06 8.49 -21.97
CA PHE A 137 -10.55 8.02 -23.26
C PHE A 137 -9.41 7.80 -24.26
N ASP A 138 -8.20 7.61 -23.76
CA ASP A 138 -6.99 7.61 -24.57
C ASP A 138 -6.95 6.41 -25.50
N GLN A 139 -6.11 6.51 -26.53
CA GLN A 139 -5.86 5.46 -27.50
C GLN A 139 -4.36 5.23 -27.54
N GLN A 140 -3.87 4.37 -26.66
CA GLN A 140 -2.45 4.09 -26.60
C GLN A 140 -2.01 3.25 -27.78
N ASN A 141 -0.81 3.54 -28.28
CA ASN A 141 -0.19 2.78 -29.36
C ASN A 141 1.06 2.12 -28.78
N CYS A 142 0.87 0.96 -28.17
CA CYS A 142 1.95 0.26 -27.50
C CYS A 142 2.47 -0.87 -28.36
N THR A 143 3.80 -1.00 -28.40
CA THR A 143 4.46 -1.87 -29.36
C THR A 143 5.54 -2.69 -28.67
N MET A 144 5.85 -3.84 -29.27
CA MET A 144 6.95 -4.68 -28.85
C MET A 144 7.85 -4.94 -30.04
N LYS A 145 9.16 -4.89 -29.82
CA LYS A 145 10.14 -5.02 -30.88
C LYS A 145 10.93 -6.29 -30.69
N LEU A 146 10.98 -7.12 -31.72
CA LEU A 146 11.67 -8.41 -31.67
C LEU A 146 12.77 -8.41 -32.72
N GLY A 147 13.98 -8.77 -32.30
CA GLY A 147 15.08 -8.86 -33.24
C GLY A 147 16.12 -9.82 -32.73
N ILE A 148 17.06 -10.16 -33.60
CA ILE A 148 18.14 -11.06 -33.25
C ILE A 148 19.32 -10.23 -32.80
N TRP A 149 19.83 -10.53 -31.60
CA TRP A 149 20.79 -9.64 -30.97
C TRP A 149 22.16 -9.75 -31.62
N THR A 150 22.78 -10.93 -31.54
CA THR A 150 24.17 -11.04 -31.96
C THR A 150 24.31 -11.04 -33.47
N TYR A 151 23.32 -11.54 -34.19
CA TYR A 151 23.42 -11.69 -35.64
C TYR A 151 22.76 -10.51 -36.34
N ASP A 152 23.02 -10.41 -37.63
CA ASP A 152 22.47 -9.35 -38.48
C ASP A 152 21.66 -9.98 -39.61
N GLY A 153 21.26 -9.14 -40.56
CA GLY A 153 20.39 -9.62 -41.63
C GLY A 153 21.07 -10.61 -42.54
N THR A 154 22.34 -10.39 -42.87
CA THR A 154 23.04 -11.26 -43.82
C THR A 154 23.39 -12.61 -43.24
N LYS A 155 23.23 -12.81 -41.93
CA LYS A 155 23.55 -14.08 -41.29
C LYS A 155 22.30 -14.86 -40.91
N VAL A 156 21.38 -14.27 -40.16
CA VAL A 156 20.13 -14.91 -39.76
C VAL A 156 19.02 -13.92 -40.00
N SER A 157 18.30 -14.07 -41.11
CA SER A 157 17.21 -13.16 -41.42
C SER A 157 15.90 -13.68 -40.86
N ILE A 158 14.97 -12.76 -40.60
CA ILE A 158 13.64 -13.11 -40.10
C ILE A 158 12.61 -12.49 -41.03
N SER A 159 11.41 -13.08 -41.03
CA SER A 159 10.30 -12.57 -41.81
C SER A 159 9.01 -12.80 -41.04
N PRO A 160 8.08 -11.86 -41.07
CA PRO A 160 6.81 -12.06 -40.37
C PRO A 160 5.97 -13.14 -41.03
N GLU A 161 5.28 -13.91 -40.20
CA GLU A 161 4.42 -14.98 -40.70
C GLU A 161 3.21 -14.42 -41.43
N SER A 162 2.53 -13.45 -40.80
CA SER A 162 1.41 -12.77 -41.40
C SER A 162 1.52 -11.30 -41.09
N ASP A 163 0.92 -10.47 -41.96
CA ASP A 163 1.00 -9.02 -41.78
C ASP A 163 0.33 -8.55 -40.50
N ARG A 164 -0.55 -9.35 -39.92
CA ARG A 164 -1.19 -8.99 -38.66
C ARG A 164 -0.94 -10.09 -37.64
N PRO A 165 -0.73 -9.73 -36.37
CA PRO A 165 -0.52 -10.76 -35.34
C PRO A 165 -1.77 -11.59 -35.12
N ASP A 166 -1.57 -12.83 -34.71
CA ASP A 166 -2.67 -13.75 -34.51
C ASP A 166 -3.44 -13.39 -33.24
N LEU A 167 -4.77 -13.31 -33.35
CA LEU A 167 -5.64 -13.05 -32.22
C LEU A 167 -6.85 -13.97 -32.21
N SER A 168 -6.70 -15.17 -32.79
CA SER A 168 -7.82 -16.11 -32.85
C SER A 168 -8.23 -16.57 -31.46
N THR A 169 -7.24 -16.83 -30.59
CA THR A 169 -7.49 -17.29 -29.23
C THR A 169 -7.32 -16.19 -28.20
N PHE A 170 -7.49 -14.93 -28.59
CA PHE A 170 -7.28 -13.82 -27.68
C PHE A 170 -8.39 -13.77 -26.64
N MET A 171 -8.00 -13.76 -25.38
CA MET A 171 -8.95 -13.62 -24.27
C MET A 171 -9.31 -12.14 -24.13
N GLU A 172 -10.60 -11.85 -24.16
CA GLU A 172 -11.06 -10.46 -24.18
C GLU A 172 -10.74 -9.79 -22.86
N SER A 173 -9.83 -8.82 -22.90
CA SER A 173 -9.50 -8.06 -21.71
C SER A 173 -10.66 -7.17 -21.29
N GLY A 174 -10.72 -6.86 -20.01
CA GLY A 174 -11.83 -6.10 -19.48
C GLY A 174 -11.77 -4.61 -19.65
N GLU A 175 -10.67 -4.05 -20.13
CA GLU A 175 -10.56 -2.60 -20.25
C GLU A 175 -9.84 -2.12 -21.51
N TRP A 176 -9.53 -3.00 -22.45
CA TRP A 176 -8.86 -2.60 -23.68
C TRP A 176 -9.52 -3.30 -24.86
N VAL A 177 -9.79 -2.53 -25.92
CA VAL A 177 -10.36 -3.05 -27.16
C VAL A 177 -9.34 -2.85 -28.26
N MET A 178 -9.01 -3.93 -28.95
CA MET A 178 -8.03 -3.88 -30.04
C MET A 178 -8.68 -3.21 -31.24
N LYS A 179 -8.45 -1.91 -31.40
CA LYS A 179 -8.91 -1.21 -32.60
C LYS A 179 -8.20 -1.74 -33.84
N ASP A 180 -6.90 -1.93 -33.75
CA ASP A 180 -6.11 -2.40 -34.88
C ASP A 180 -4.84 -3.05 -34.36
N TYR A 181 -4.18 -3.80 -35.22
CA TYR A 181 -2.95 -4.49 -34.88
C TYR A 181 -2.29 -4.95 -36.17
N ARG A 182 -0.98 -4.71 -36.28
CA ARG A 182 -0.25 -5.02 -37.50
C ARG A 182 1.23 -5.10 -37.17
N GLY A 183 1.97 -5.85 -37.99
CA GLY A 183 3.40 -5.98 -37.81
C GLY A 183 4.21 -5.65 -39.06
N TRP A 184 5.19 -4.77 -38.93
CA TRP A 184 6.07 -4.39 -40.02
C TRP A 184 7.49 -4.82 -39.71
N LYS A 185 8.24 -5.20 -40.73
CA LYS A 185 9.65 -5.54 -40.60
C LYS A 185 10.49 -4.39 -41.14
N HIS A 186 11.37 -3.86 -40.30
CA HIS A 186 12.17 -2.70 -40.65
C HIS A 186 13.54 -3.12 -41.16
N TRP A 187 14.27 -2.15 -41.71
CA TRP A 187 15.63 -2.34 -42.19
C TRP A 187 16.45 -1.16 -41.68
N VAL A 188 17.09 -1.33 -40.53
CA VAL A 188 17.79 -0.23 -39.86
C VAL A 188 19.26 -0.56 -39.79
N TYR A 189 20.09 0.49 -39.75
CA TYR A 189 21.54 0.37 -39.69
C TYR A 189 22.00 0.98 -38.38
N TYR A 190 22.45 0.13 -37.45
CA TYR A 190 22.87 0.60 -36.14
C TYR A 190 24.25 1.27 -36.23
N THR A 191 24.50 2.17 -35.27
CA THR A 191 25.76 2.92 -35.26
C THR A 191 26.94 2.01 -34.95
N CYS A 192 26.74 0.96 -34.16
CA CYS A 192 27.84 0.08 -33.79
C CYS A 192 28.39 -0.66 -35.01
N CYS A 193 27.50 -1.18 -35.87
CA CYS A 193 27.90 -1.89 -37.07
C CYS A 193 27.08 -1.37 -38.25
N PRO A 194 27.45 -0.20 -38.78
CA PRO A 194 26.67 0.39 -39.88
C PRO A 194 26.90 -0.26 -41.23
N ASP A 195 27.83 -1.22 -41.33
CA ASP A 195 28.15 -1.81 -42.63
C ASP A 195 27.09 -2.77 -43.12
N THR A 196 26.38 -3.44 -42.21
CA THR A 196 25.43 -4.47 -42.59
C THR A 196 24.05 -4.17 -42.01
N PRO A 197 22.99 -4.51 -42.73
CA PRO A 197 21.64 -4.25 -42.22
C PRO A 197 21.31 -5.13 -41.03
N TYR A 198 20.41 -4.62 -40.18
CA TYR A 198 19.91 -5.38 -39.05
C TYR A 198 18.39 -5.41 -39.11
N LEU A 199 17.82 -6.60 -39.02
CA LEU A 199 16.39 -6.81 -39.20
C LEU A 199 15.70 -6.90 -37.85
N ASP A 200 14.44 -6.48 -37.84
CA ASP A 200 13.60 -6.58 -36.66
C ASP A 200 12.15 -6.49 -37.09
N ILE A 201 11.26 -6.97 -36.22
CA ILE A 201 9.82 -6.93 -36.44
C ILE A 201 9.19 -6.17 -35.30
N THR A 202 8.34 -5.21 -35.63
CA THR A 202 7.78 -4.28 -34.64
C THR A 202 6.26 -4.45 -34.64
N TYR A 203 5.76 -5.25 -33.70
CA TYR A 203 4.33 -5.49 -33.56
C TYR A 203 3.69 -4.39 -32.74
N HIS A 204 2.83 -3.60 -33.37
CA HIS A 204 2.14 -2.51 -32.68
C HIS A 204 0.67 -2.86 -32.51
N PHE A 205 0.14 -2.58 -31.32
CA PHE A 205 -1.24 -2.91 -30.97
C PHE A 205 -1.97 -1.62 -30.62
N ILE A 206 -2.87 -1.19 -31.51
CA ILE A 206 -3.66 0.02 -31.30
C ILE A 206 -4.75 -0.32 -30.30
N MET A 207 -4.56 0.05 -29.04
CA MET A 207 -5.51 -0.23 -27.97
C MET A 207 -6.15 1.07 -27.51
N GLN A 208 -7.43 1.00 -27.13
CA GLN A 208 -8.12 2.13 -26.56
C GLN A 208 -8.80 1.71 -25.26
N ARG A 209 -8.84 2.64 -24.31
CA ARG A 209 -9.33 2.32 -22.97
C ARG A 209 -10.85 2.34 -22.95
N ILE A 210 -11.44 1.32 -22.32
CA ILE A 210 -12.87 1.33 -22.05
C ILE A 210 -13.08 2.27 -20.87
N PRO A 211 -13.83 3.35 -21.03
CA PRO A 211 -13.84 4.41 -20.01
C PRO A 211 -14.93 4.31 -18.96
N LEU A 212 -15.74 3.26 -18.96
CA LEU A 212 -16.87 3.19 -18.03
C LEU A 212 -16.40 3.15 -16.58
N TYR A 213 -15.33 2.40 -16.31
CA TYR A 213 -14.83 2.27 -14.95
C TYR A 213 -14.38 3.62 -14.41
N PHE A 214 -13.55 4.34 -15.18
CA PHE A 214 -13.06 5.62 -14.71
C PHE A 214 -14.16 6.68 -14.70
N VAL A 215 -15.11 6.59 -15.63
CA VAL A 215 -16.23 7.53 -15.62
C VAL A 215 -17.07 7.37 -14.35
N VAL A 216 -17.35 6.13 -13.97
CA VAL A 216 -18.15 5.90 -12.76
C VAL A 216 -17.36 6.28 -11.52
N ASN A 217 -16.10 5.84 -11.44
CA ASN A 217 -15.34 6.02 -10.20
C ASN A 217 -14.91 7.46 -9.99
N VAL A 218 -14.48 8.14 -11.06
CA VAL A 218 -13.77 9.41 -10.91
C VAL A 218 -14.54 10.56 -11.53
N ILE A 219 -14.92 10.43 -12.80
CA ILE A 219 -15.46 11.56 -13.53
C ILE A 219 -16.83 11.96 -13.03
N ILE A 220 -17.67 10.98 -12.69
CA ILE A 220 -19.02 11.31 -12.21
C ILE A 220 -19.00 12.05 -10.88
N PRO A 221 -18.24 11.64 -9.86
CA PRO A 221 -18.15 12.49 -8.65
C PRO A 221 -17.58 13.87 -8.93
N CYS A 222 -16.62 13.99 -9.85
CA CYS A 222 -16.10 15.30 -10.19
C CYS A 222 -17.16 16.18 -10.82
N LEU A 223 -17.99 15.60 -11.70
CA LEU A 223 -19.11 16.34 -12.27
C LEU A 223 -20.11 16.73 -11.20
N LEU A 224 -20.32 15.85 -10.22
CA LEU A 224 -21.24 16.15 -9.13
C LEU A 224 -20.74 17.33 -8.30
N PHE A 225 -19.45 17.36 -7.99
CA PHE A 225 -18.89 18.47 -7.25
C PHE A 225 -18.85 19.75 -8.06
N SER A 226 -18.64 19.65 -9.38
CA SER A 226 -18.72 20.83 -10.23
C SER A 226 -20.15 21.36 -10.31
N PHE A 227 -21.14 20.49 -10.24
CA PHE A 227 -22.53 20.93 -10.13
C PHE A 227 -22.78 21.60 -8.79
N LEU A 228 -22.21 21.05 -7.71
CA LEU A 228 -22.47 21.57 -6.38
C LEU A 228 -21.77 22.90 -6.13
N THR A 229 -20.63 23.14 -6.78
CA THR A 229 -19.91 24.39 -6.56
C THR A 229 -20.72 25.59 -7.04
N GLY A 230 -21.48 25.43 -8.11
CA GLY A 230 -22.34 26.50 -8.56
C GLY A 230 -23.54 26.72 -7.68
N LEU A 231 -23.86 25.75 -6.81
CA LEU A 231 -25.04 25.85 -5.96
C LEU A 231 -24.82 26.77 -4.77
N VAL A 232 -23.56 27.09 -4.44
CA VAL A 232 -23.27 27.93 -3.29
C VAL A 232 -23.90 29.30 -3.46
N PHE A 233 -23.98 29.79 -4.68
CA PHE A 233 -24.55 31.11 -4.94
C PHE A 233 -26.06 31.15 -4.78
N TYR A 234 -26.73 30.00 -4.73
CA TYR A 234 -28.15 29.96 -4.45
C TYR A 234 -28.45 29.81 -2.96
N LEU A 235 -27.44 29.57 -2.14
CA LEU A 235 -27.62 29.46 -0.70
C LEU A 235 -27.58 30.86 -0.09
N PRO A 236 -28.60 31.28 0.64
CA PRO A 236 -28.60 32.64 1.19
C PRO A 236 -27.53 32.82 2.24
N THR A 237 -27.01 34.05 2.32
CA THR A 237 -25.93 34.34 3.26
C THR A 237 -26.43 34.42 4.69
N ASP A 238 -27.74 34.60 4.89
CA ASP A 238 -28.28 34.71 6.24
C ASP A 238 -28.07 33.45 7.07
N SER A 239 -27.93 32.29 6.42
CA SER A 239 -27.70 31.06 7.15
C SER A 239 -26.32 31.02 7.77
N GLY A 240 -25.36 31.75 7.20
CA GLY A 240 -23.98 31.65 7.66
C GLY A 240 -23.40 30.27 7.44
N GLU A 241 -23.69 29.66 6.29
CA GLU A 241 -23.30 28.29 6.03
C GLU A 241 -22.63 28.08 4.68
N LYS A 242 -22.74 29.03 3.75
CA LYS A 242 -22.19 28.81 2.41
C LYS A 242 -20.68 28.63 2.44
N MET A 243 -20.01 29.20 3.45
CA MET A 243 -18.59 28.96 3.62
C MET A 243 -18.31 27.48 3.88
N THR A 244 -19.15 26.84 4.71
CA THR A 244 -18.99 25.41 4.98
C THR A 244 -19.12 24.58 3.71
N LEU A 245 -20.13 24.88 2.90
CA LEU A 245 -20.35 24.13 1.66
C LEU A 245 -19.17 24.31 0.71
N SER A 246 -18.71 25.55 0.55
CA SER A 246 -17.62 25.81 -0.38
C SER A 246 -16.33 25.13 0.08
N ILE A 247 -16.00 25.23 1.37
CA ILE A 247 -14.75 24.61 1.82
C ILE A 247 -14.86 23.09 1.79
N SER A 248 -16.05 22.53 2.02
CA SER A 248 -16.19 21.08 1.99
C SER A 248 -16.04 20.55 0.57
N VAL A 249 -16.66 21.21 -0.41
CA VAL A 249 -16.48 20.75 -1.78
C VAL A 249 -15.04 21.00 -2.23
N LEU A 250 -14.38 22.03 -1.68
CA LEU A 250 -12.97 22.23 -1.96
C LEU A 250 -12.12 21.08 -1.44
N LEU A 251 -12.40 20.63 -0.21
CA LEU A 251 -11.66 19.50 0.35
C LEU A 251 -11.91 18.24 -0.44
N SER A 252 -13.15 18.04 -0.89
CA SER A 252 -13.46 16.87 -1.71
C SER A 252 -12.68 16.90 -3.02
N LEU A 253 -12.60 18.07 -3.66
CA LEU A 253 -11.80 18.17 -4.87
C LEU A 253 -10.32 17.97 -4.58
N THR A 254 -9.86 18.36 -3.39
CA THR A 254 -8.47 18.09 -3.01
C THR A 254 -8.20 16.59 -2.89
N VAL A 255 -9.12 15.87 -2.26
CA VAL A 255 -8.97 14.41 -2.13
C VAL A 255 -8.98 13.76 -3.51
N PHE A 256 -9.84 14.25 -4.41
CA PHE A 256 -9.86 13.70 -5.76
C PHE A 256 -8.59 14.07 -6.53
N LEU A 257 -7.99 15.23 -6.22
CA LEU A 257 -6.66 15.53 -6.76
C LEU A 257 -5.65 14.50 -6.30
N LEU A 258 -5.70 14.16 -5.02
CA LEU A 258 -4.80 13.15 -4.46
C LEU A 258 -4.96 11.82 -5.17
N VAL A 259 -6.22 11.43 -5.46
CA VAL A 259 -6.44 10.12 -6.07
C VAL A 259 -6.19 10.14 -7.57
N ILE A 260 -6.24 11.32 -8.21
CA ILE A 260 -6.03 11.37 -9.64
C ILE A 260 -4.55 11.47 -9.97
N VAL A 261 -3.76 12.13 -9.11
CA VAL A 261 -2.33 12.29 -9.37
C VAL A 261 -1.64 10.94 -9.45
N GLU A 262 -2.01 10.00 -8.58
CA GLU A 262 -1.37 8.69 -8.59
C GLU A 262 -1.73 7.87 -9.82
N LEU A 263 -2.86 8.15 -10.48
CA LEU A 263 -3.26 7.35 -11.62
C LEU A 263 -2.42 7.65 -12.85
N ILE A 264 -2.17 8.93 -13.14
CA ILE A 264 -1.47 9.34 -14.35
C ILE A 264 0.03 9.28 -14.14
N PRO A 265 0.82 9.05 -15.18
CA PRO A 265 2.27 9.15 -15.04
C PRO A 265 2.70 10.60 -14.82
N SER A 266 3.88 10.75 -14.22
CA SER A 266 4.40 12.06 -13.89
C SER A 266 5.02 12.78 -15.08
N THR A 267 4.91 12.22 -16.28
CA THR A 267 5.54 12.82 -17.44
C THR A 267 4.89 14.15 -17.78
N SER A 268 5.72 15.13 -18.13
CA SER A 268 5.26 16.46 -18.48
C SER A 268 5.20 16.66 -20.00
N SER A 269 5.30 15.59 -20.78
CA SER A 269 5.18 15.70 -22.23
C SER A 269 3.79 16.16 -22.63
N ALA A 270 2.77 15.87 -21.81
CA ALA A 270 1.42 16.35 -22.07
C ALA A 270 0.66 16.39 -20.75
N VAL A 271 -0.40 17.18 -20.73
CA VAL A 271 -1.31 17.30 -19.60
C VAL A 271 -2.57 16.51 -19.95
N PRO A 272 -2.96 15.52 -19.15
CA PRO A 272 -4.11 14.69 -19.52
C PRO A 272 -5.41 15.47 -19.50
N LEU A 273 -6.40 14.94 -20.22
CA LEU A 273 -7.71 15.58 -20.26
C LEU A 273 -8.36 15.60 -18.88
N ILE A 274 -8.22 14.51 -18.13
CA ILE A 274 -8.74 14.49 -16.76
C ILE A 274 -7.98 15.48 -15.90
N GLY A 275 -6.67 15.63 -16.13
CA GLY A 275 -5.90 16.60 -15.38
C GLY A 275 -6.31 18.03 -15.69
N LYS A 276 -6.55 18.34 -16.97
CA LYS A 276 -7.01 19.67 -17.33
C LYS A 276 -8.39 19.96 -16.76
N TYR A 277 -9.29 18.97 -16.80
CA TYR A 277 -10.61 19.14 -16.22
C TYR A 277 -10.52 19.34 -14.71
N MET A 278 -9.61 18.61 -14.06
CA MET A 278 -9.42 18.74 -12.62
C MET A 278 -8.88 20.11 -12.26
N LEU A 279 -7.91 20.61 -13.03
CA LEU A 279 -7.42 21.96 -12.80
C LEU A 279 -8.51 22.99 -13.06
N PHE A 280 -9.35 22.74 -14.07
CA PHE A 280 -10.46 23.63 -14.36
C PHE A 280 -11.43 23.72 -13.19
N THR A 281 -11.80 22.57 -12.63
CA THR A 281 -12.75 22.61 -11.52
C THR A 281 -12.09 23.13 -10.24
N MET A 282 -10.77 22.96 -10.10
CA MET A 282 -10.06 23.58 -8.99
C MET A 282 -10.11 25.09 -9.09
N ILE A 283 -9.84 25.63 -10.28
CA ILE A 283 -9.94 27.06 -10.52
C ILE A 283 -11.38 27.52 -10.29
N PHE A 284 -12.33 26.71 -10.71
CA PHE A 284 -13.75 27.04 -10.55
C PHE A 284 -14.13 27.17 -9.08
N VAL A 285 -13.72 26.19 -8.25
CA VAL A 285 -14.09 26.24 -6.84
C VAL A 285 -13.30 27.32 -6.10
N ILE A 286 -12.05 27.57 -6.51
CA ILE A 286 -11.28 28.64 -5.87
C ILE A 286 -11.92 29.99 -6.16
N SER A 287 -12.29 30.23 -7.42
CA SER A 287 -12.95 31.48 -7.77
C SER A 287 -14.33 31.57 -7.12
N SER A 288 -15.03 30.45 -6.99
CA SER A 288 -16.33 30.48 -6.32
C SER A 288 -16.17 30.86 -4.85
N ILE A 289 -15.14 30.34 -4.19
CA ILE A 289 -14.86 30.73 -2.80
C ILE A 289 -14.53 32.21 -2.72
N ILE A 290 -13.73 32.71 -3.66
CA ILE A 290 -13.32 34.11 -3.63
C ILE A 290 -14.54 35.02 -3.78
N ILE A 291 -15.39 34.74 -4.76
CA ILE A 291 -16.55 35.59 -4.95
C ILE A 291 -17.60 35.34 -3.87
N THR A 292 -17.58 34.18 -3.22
CA THR A 292 -18.41 33.97 -2.04
C THR A 292 -17.96 34.90 -0.91
N VAL A 293 -16.65 35.04 -0.72
CA VAL A 293 -16.15 36.00 0.27
C VAL A 293 -16.55 37.41 -0.11
N VAL A 294 -16.51 37.72 -1.41
CA VAL A 294 -16.91 39.05 -1.88
C VAL A 294 -18.39 39.31 -1.56
N VAL A 295 -19.25 38.32 -1.83
CA VAL A 295 -20.66 38.54 -1.62
C VAL A 295 -21.01 38.51 -0.13
N ILE A 296 -20.22 37.79 0.68
CA ILE A 296 -20.40 37.88 2.14
C ILE A 296 -20.04 39.26 2.63
N ASN A 297 -18.94 39.83 2.10
CA ASN A 297 -18.56 41.19 2.46
C ASN A 297 -19.65 42.18 2.09
N THR A 298 -20.13 42.14 0.85
CA THR A 298 -21.18 43.05 0.45
C THR A 298 -22.52 42.73 1.12
N HIS A 299 -22.64 41.55 1.71
CA HIS A 299 -23.79 41.23 2.56
C HIS A 299 -23.67 41.89 3.93
N HIS A 300 -22.45 41.99 4.45
CA HIS A 300 -22.21 42.54 5.78
C HIS A 300 -21.67 43.96 5.75
N ARG A 301 -21.77 44.66 4.62
CA ARG A 301 -21.26 46.03 4.55
C ARG A 301 -22.06 46.94 5.48
N SER A 302 -21.41 47.42 6.53
CA SER A 302 -22.08 48.28 7.50
C SER A 302 -22.38 49.64 6.88
N PRO A 303 -23.63 50.10 6.87
CA PRO A 303 -23.93 51.42 6.30
C PRO A 303 -23.33 52.58 7.09
N SER A 304 -22.92 52.35 8.34
CA SER A 304 -22.32 53.43 9.12
C SER A 304 -21.00 53.88 8.50
N THR A 305 -20.17 52.95 8.04
CA THR A 305 -18.88 53.27 7.45
C THR A 305 -18.87 53.12 5.95
N HIS A 306 -20.00 52.79 5.33
CA HIS A 306 -20.06 52.61 3.89
C HIS A 306 -21.32 53.26 3.34
N THR A 307 -21.18 54.00 2.25
CA THR A 307 -22.31 54.55 1.51
C THR A 307 -22.37 53.86 0.15
N MET A 308 -23.57 53.49 -0.26
CA MET A 308 -23.74 52.75 -1.50
C MET A 308 -23.50 53.66 -2.70
N PRO A 309 -22.57 53.31 -3.60
CA PRO A 309 -22.37 54.13 -4.80
C PRO A 309 -23.59 54.11 -5.70
N GLN A 310 -23.75 55.21 -6.44
CA GLN A 310 -24.92 55.35 -7.32
C GLN A 310 -24.90 54.33 -8.45
N TRP A 311 -23.73 54.06 -9.03
CA TRP A 311 -23.66 53.22 -10.22
C TRP A 311 -24.04 51.77 -9.90
N VAL A 312 -23.53 51.23 -8.79
CA VAL A 312 -23.83 49.84 -8.44
C VAL A 312 -25.30 49.72 -8.05
N ARG A 313 -25.85 50.73 -7.39
CA ARG A 313 -27.28 50.73 -7.06
C ARG A 313 -28.12 50.70 -8.33
N LYS A 314 -27.79 51.55 -9.29
CA LYS A 314 -28.51 51.57 -10.57
C LYS A 314 -28.43 50.20 -11.25
N ILE A 315 -27.21 49.67 -11.38
CA ILE A 315 -27.00 48.44 -12.15
C ILE A 315 -27.70 47.26 -11.49
N PHE A 316 -27.59 47.12 -10.17
CA PHE A 316 -28.05 45.92 -9.50
C PHE A 316 -29.41 46.07 -8.83
N ILE A 317 -30.09 47.22 -8.99
CA ILE A 317 -31.44 47.32 -8.45
C ILE A 317 -32.41 47.70 -9.56
N ASP A 318 -31.93 48.39 -10.60
CA ASP A 318 -32.83 49.00 -11.56
C ASP A 318 -32.84 48.34 -12.93
N THR A 319 -31.76 47.66 -13.33
CA THR A 319 -31.69 47.07 -14.65
C THR A 319 -31.64 45.56 -14.63
N ILE A 320 -30.74 44.96 -13.85
CA ILE A 320 -30.66 43.50 -13.79
C ILE A 320 -31.94 42.85 -13.25
N PRO A 321 -32.55 43.33 -12.15
CA PRO A 321 -33.84 42.74 -11.75
C PRO A 321 -34.92 42.88 -12.80
N ASN A 322 -34.93 43.97 -13.57
CA ASN A 322 -35.90 44.11 -14.65
C ASN A 322 -35.63 43.12 -15.77
N VAL A 323 -34.35 42.84 -16.05
CA VAL A 323 -34.00 41.87 -17.08
C VAL A 323 -34.48 40.48 -16.68
N MET A 324 -34.30 40.12 -15.41
CA MET A 324 -34.72 38.80 -14.94
C MET A 324 -36.22 38.63 -15.05
N PHE A 325 -36.64 37.45 -15.51
CA PHE A 325 -38.05 37.12 -15.68
C PHE A 325 -38.44 35.77 -15.11
N PHE A 326 -37.49 34.85 -14.93
CA PHE A 326 -37.78 33.52 -14.43
C PHE A 326 -37.68 33.41 -12.92
N SER A 327 -37.21 34.46 -12.23
CA SER A 327 -37.07 34.45 -10.79
C SER A 327 -38.21 35.22 -10.15
N THR A 328 -38.33 35.08 -8.83
CA THR A 328 -39.40 35.71 -8.08
C THR A 328 -38.91 36.91 -7.28
N MET A 329 -37.81 37.51 -7.70
CA MET A 329 -37.32 38.72 -7.05
C MET A 329 -38.25 39.89 -7.31
N LYS A 330 -38.40 40.75 -6.32
CA LYS A 330 -39.28 41.90 -6.45
C LYS A 330 -38.70 42.89 -7.46
N ARG A 331 -39.58 43.67 -8.09
CA ARG A 331 -39.17 44.63 -9.09
C ARG A 331 -39.92 45.96 -8.92
N LYS A 368 -45.47 70.18 32.99
CA LYS A 368 -45.92 70.72 34.26
C LYS A 368 -45.10 70.17 35.42
N ASN A 369 -44.60 68.95 35.25
CA ASN A 369 -43.83 68.26 36.28
C ASN A 369 -42.55 67.70 35.67
N PRO A 370 -41.47 67.61 36.47
CA PRO A 370 -40.23 67.04 35.94
C PRO A 370 -40.36 65.59 35.48
N ASP A 371 -41.19 64.80 36.17
CA ASP A 371 -41.39 63.41 35.76
C ASP A 371 -42.09 63.34 34.40
N VAL A 372 -43.07 64.20 34.17
CA VAL A 372 -43.81 64.19 32.92
C VAL A 372 -42.89 64.55 31.75
N LYS A 373 -42.09 65.61 31.91
CA LYS A 373 -41.19 66.00 30.83
C LYS A 373 -40.08 64.98 30.65
N SER A 374 -39.64 64.32 31.73
CA SER A 374 -38.66 63.25 31.59
C SER A 374 -39.23 62.09 30.79
N ALA A 375 -40.51 61.73 31.03
CA ALA A 375 -41.15 60.68 30.26
C ALA A 375 -41.30 61.08 28.80
N ILE A 376 -41.65 62.34 28.54
CA ILE A 376 -41.78 62.81 27.16
C ILE A 376 -40.44 62.76 26.44
N GLU A 377 -39.37 63.18 27.12
CA GLU A 377 -38.04 63.13 26.53
C GLU A 377 -37.60 61.69 26.29
N GLY A 378 -37.95 60.78 27.21
CA GLY A 378 -37.65 59.38 26.99
C GLY A 378 -38.38 58.79 25.80
N VAL A 379 -39.65 59.17 25.62
CA VAL A 379 -40.40 58.74 24.45
C VAL A 379 -39.76 59.26 23.17
N LYS A 380 -39.36 60.53 23.17
CA LYS A 380 -38.68 61.10 22.02
C LYS A 380 -37.37 60.38 21.73
N TYR A 381 -36.62 60.07 22.79
CA TYR A 381 -35.33 59.39 22.64
C TYR A 381 -35.50 57.98 22.07
N ILE A 382 -36.47 57.22 22.59
CA ILE A 382 -36.67 55.87 22.08
C ILE A 382 -37.22 55.91 20.66
N ALA A 383 -38.03 56.93 20.31
CA ALA A 383 -38.49 57.08 18.94
C ALA A 383 -37.34 57.39 17.99
N GLU A 384 -36.42 58.26 18.41
CA GLU A 384 -35.25 58.56 17.60
C GLU A 384 -34.38 57.33 17.41
N HIS A 385 -34.20 56.55 18.47
CA HIS A 385 -33.41 55.32 18.36
C HIS A 385 -34.09 54.33 17.42
N MET A 386 -35.41 54.20 17.50
CA MET A 386 -36.13 53.30 16.59
C MET A 386 -36.01 53.77 15.14
N LYS A 387 -36.09 55.09 14.91
CA LYS A 387 -35.95 55.61 13.55
C LYS A 387 -34.55 55.34 13.00
N SER A 388 -33.52 55.56 13.83
CA SER A 388 -32.16 55.27 13.39
C SER A 388 -31.97 53.79 13.10
N ASP A 389 -32.54 52.93 13.94
CA ASP A 389 -32.45 51.49 13.72
C ASP A 389 -33.15 51.09 12.44
N GLU A 390 -34.31 51.69 12.15
CA GLU A 390 -35.03 51.36 10.92
C GLU A 390 -34.28 51.85 9.68
N GLU A 391 -33.65 53.02 9.77
CA GLU A 391 -32.82 53.50 8.66
C GLU A 391 -31.64 52.55 8.41
N SER A 392 -30.96 52.14 9.48
CA SER A 392 -29.85 51.22 9.34
C SER A 392 -30.30 49.87 8.77
N SER A 393 -31.45 49.38 9.23
CA SER A 393 -31.97 48.10 8.74
C SER A 393 -32.37 48.19 7.28
N ASN A 394 -32.94 49.32 6.86
CA ASN A 394 -33.30 49.49 5.46
C ASN A 394 -32.05 49.53 4.58
N ALA A 395 -31.01 50.24 5.01
CA ALA A 395 -29.76 50.24 4.26
C ALA A 395 -29.15 48.84 4.19
N ALA A 396 -29.19 48.11 5.31
CA ALA A 396 -28.69 46.74 5.32
C ALA A 396 -29.49 45.86 4.37
N GLU A 397 -30.81 46.05 4.33
CA GLU A 397 -31.65 45.28 3.42
C GLU A 397 -31.30 45.58 1.97
N GLU A 398 -30.99 46.84 1.67
CA GLU A 398 -30.54 47.18 0.32
C GLU A 398 -29.23 46.47 -0.01
N TRP A 399 -28.32 46.40 0.96
CA TRP A 399 -27.08 45.66 0.76
C TRP A 399 -27.36 44.17 0.52
N LYS A 400 -28.31 43.60 1.26
CA LYS A 400 -28.67 42.20 1.06
C LYS A 400 -29.26 41.99 -0.33
N TYR A 401 -30.07 42.94 -0.79
CA TYR A 401 -30.64 42.85 -2.13
C TYR A 401 -29.56 42.87 -3.20
N VAL A 402 -28.57 43.76 -3.04
CA VAL A 402 -27.45 43.80 -3.98
C VAL A 402 -26.69 42.48 -3.97
N ALA A 403 -26.45 41.95 -2.77
CA ALA A 403 -25.74 40.68 -2.65
C ALA A 403 -26.52 39.55 -3.32
N MET A 404 -27.84 39.54 -3.15
CA MET A 404 -28.64 38.47 -3.73
C MET A 404 -28.70 38.57 -5.25
N VAL A 405 -28.78 39.79 -5.80
CA VAL A 405 -28.76 39.95 -7.25
C VAL A 405 -27.41 39.50 -7.81
N ILE A 406 -26.33 39.88 -7.13
CA ILE A 406 -25.00 39.40 -7.51
C ILE A 406 -24.96 37.87 -7.46
N ASP A 407 -25.58 37.28 -6.44
CA ASP A 407 -25.60 35.83 -6.32
C ASP A 407 -26.36 35.17 -7.46
N HIS A 408 -27.48 35.75 -7.87
CA HIS A 408 -28.24 35.19 -8.98
C HIS A 408 -27.45 35.27 -10.28
N ILE A 409 -26.81 36.41 -10.53
CA ILE A 409 -25.97 36.57 -11.73
C ILE A 409 -24.84 35.56 -11.71
N LEU A 410 -24.20 35.40 -10.55
CA LEU A 410 -23.12 34.42 -10.42
C LEU A 410 -23.64 33.01 -10.62
N LEU A 411 -24.84 32.71 -10.12
CA LEU A 411 -25.40 31.38 -10.28
C LEU A 411 -25.59 31.05 -11.76
N CYS A 412 -26.21 31.97 -12.50
CA CYS A 412 -26.43 31.73 -13.93
C CYS A 412 -25.11 31.60 -14.68
N VAL A 413 -24.19 32.55 -14.44
CA VAL A 413 -22.95 32.54 -15.22
C VAL A 413 -22.07 31.37 -14.82
N PHE A 414 -22.12 30.92 -13.56
CA PHE A 414 -21.30 29.79 -13.15
C PHE A 414 -21.87 28.47 -13.64
N MET A 415 -23.20 28.34 -13.70
CA MET A 415 -23.78 27.16 -14.32
C MET A 415 -23.42 27.08 -15.79
N LEU A 416 -23.53 28.21 -16.50
CA LEU A 416 -23.12 28.23 -17.91
C LEU A 416 -21.64 27.92 -18.06
N ILE A 417 -20.81 28.46 -17.16
CA ILE A 417 -19.38 28.24 -17.23
C ILE A 417 -19.03 26.78 -17.01
N CYS A 418 -19.66 26.15 -16.01
CA CYS A 418 -19.34 24.75 -15.74
C CYS A 418 -19.82 23.85 -16.88
N ILE A 419 -21.00 24.12 -17.44
CA ILE A 419 -21.48 23.33 -18.56
C ILE A 419 -20.56 23.50 -19.78
N ILE A 420 -20.19 24.75 -20.09
CA ILE A 420 -19.34 25.03 -21.23
C ILE A 420 -17.96 24.41 -21.04
N GLY A 421 -17.41 24.48 -19.83
CA GLY A 421 -16.12 23.87 -19.57
C GLY A 421 -16.15 22.36 -19.70
N THR A 422 -17.20 21.73 -19.17
CA THR A 422 -17.33 20.29 -19.31
C THR A 422 -17.42 19.88 -20.78
N VAL A 423 -18.23 20.60 -21.56
CA VAL A 423 -18.37 20.29 -22.98
C VAL A 423 -17.05 20.51 -23.71
N SER A 424 -16.34 21.59 -23.39
CA SER A 424 -15.10 21.89 -24.09
C SER A 424 -14.00 20.87 -23.75
N VAL A 425 -13.97 20.38 -22.52
CA VAL A 425 -12.91 19.45 -22.15
C VAL A 425 -13.25 18.01 -22.51
N PHE A 426 -14.51 17.66 -22.72
CA PHE A 426 -14.81 16.27 -22.97
C PHE A 426 -15.43 15.99 -24.33
N ALA A 427 -16.27 16.89 -24.84
CA ALA A 427 -16.99 16.63 -26.08
C ALA A 427 -16.07 16.54 -27.29
N GLY A 428 -14.87 17.13 -27.23
CA GLY A 428 -13.96 17.02 -28.35
C GLY A 428 -13.51 15.60 -28.60
N ARG A 429 -13.11 14.90 -27.54
CA ARG A 429 -12.70 13.51 -27.69
C ARG A 429 -13.88 12.60 -28.01
N LEU A 430 -15.05 12.92 -27.47
CA LEU A 430 -16.24 12.11 -27.73
C LEU A 430 -16.66 12.17 -29.19
N ILE A 431 -16.64 13.36 -29.79
CA ILE A 431 -16.93 13.44 -31.22
C ILE A 431 -15.74 12.99 -32.05
N GLU A 432 -14.53 13.01 -31.50
CA GLU A 432 -13.39 12.43 -32.20
C GLU A 432 -13.54 10.93 -32.33
N LEU A 433 -14.07 10.27 -31.30
CA LEU A 433 -14.31 8.84 -31.37
C LEU A 433 -15.36 8.49 -32.42
N SER A 434 -16.42 9.29 -32.50
CA SER A 434 -17.49 9.04 -33.46
C SER A 434 -17.08 9.50 -34.85
N SER B 1 23.38 -56.81 -2.28
CA SER B 1 22.70 -55.58 -2.67
C SER B 1 21.18 -55.73 -2.59
N VAL B 2 20.51 -54.66 -2.19
CA VAL B 2 19.05 -54.66 -2.19
C VAL B 2 18.57 -54.75 -3.63
N MET B 3 17.60 -55.63 -3.87
CA MET B 3 17.18 -55.93 -5.24
C MET B 3 16.46 -54.76 -5.90
N GLU B 4 16.03 -53.76 -5.12
CA GLU B 4 15.47 -52.55 -5.70
C GLU B 4 16.51 -51.84 -6.58
N ASP B 5 17.76 -51.82 -6.13
CA ASP B 5 18.82 -51.22 -6.92
C ASP B 5 19.03 -51.95 -8.24
N THR B 6 19.02 -53.29 -8.22
CA THR B 6 19.19 -54.04 -9.45
C THR B 6 18.01 -53.85 -10.39
N LEU B 7 16.80 -53.77 -9.85
CA LEU B 7 15.64 -53.52 -10.68
C LEU B 7 15.70 -52.14 -11.32
N LEU B 8 16.13 -51.12 -10.56
CA LEU B 8 16.29 -49.79 -11.13
C LEU B 8 17.37 -49.77 -12.20
N SER B 9 18.44 -50.53 -11.99
CA SER B 9 19.49 -50.62 -13.02
C SER B 9 18.96 -51.29 -14.28
N VAL B 10 18.13 -52.32 -14.14
CA VAL B 10 17.61 -53.01 -15.30
C VAL B 10 16.63 -52.13 -16.07
N LEU B 11 15.75 -51.42 -15.36
CA LEU B 11 14.72 -50.63 -16.03
C LEU B 11 15.32 -49.49 -16.85
N PHE B 12 16.32 -48.80 -16.32
CA PHE B 12 16.80 -47.54 -16.88
C PHE B 12 18.09 -47.70 -17.67
N GLU B 13 18.47 -48.92 -18.03
CA GLU B 13 19.68 -49.11 -18.81
C GLU B 13 19.53 -48.56 -20.23
N THR B 14 18.32 -48.41 -20.73
CA THR B 14 18.09 -47.86 -22.06
C THR B 14 16.92 -46.90 -22.09
N TYR B 15 16.34 -46.57 -20.94
CA TYR B 15 15.18 -45.69 -20.88
C TYR B 15 15.55 -44.28 -21.31
N ASN B 16 14.60 -43.62 -21.95
CA ASN B 16 14.77 -42.24 -22.38
C ASN B 16 13.49 -41.48 -22.11
N PRO B 17 13.53 -40.43 -21.31
CA PRO B 17 12.29 -39.68 -21.03
C PRO B 17 11.97 -38.64 -22.10
N LYS B 18 12.59 -38.76 -23.28
CA LYS B 18 12.33 -37.86 -24.39
C LYS B 18 11.45 -38.46 -25.47
N VAL B 19 10.90 -39.66 -25.23
CA VAL B 19 10.15 -40.38 -26.25
C VAL B 19 8.81 -40.79 -25.69
N ARG B 20 7.77 -40.70 -26.52
CA ARG B 20 6.43 -41.06 -26.09
C ARG B 20 6.33 -42.57 -25.89
N PRO B 21 5.54 -43.02 -24.92
CA PRO B 21 5.47 -44.46 -24.62
C PRO B 21 4.48 -45.21 -25.51
N ALA B 22 4.09 -44.64 -26.63
CA ALA B 22 3.21 -45.31 -27.56
C ALA B 22 3.84 -46.62 -28.03
N GLN B 23 3.17 -47.73 -27.74
CA GLN B 23 3.75 -49.05 -28.01
C GLN B 23 3.96 -49.27 -29.50
N THR B 24 2.98 -48.90 -30.32
CA THR B 24 3.08 -48.99 -31.76
C THR B 24 3.12 -47.58 -32.34
N VAL B 25 3.70 -47.46 -33.53
CA VAL B 25 3.89 -46.15 -34.15
C VAL B 25 2.53 -45.54 -34.48
N GLY B 26 2.32 -44.31 -34.04
CA GLY B 26 1.06 -43.62 -34.23
C GLY B 26 0.02 -43.89 -33.17
N ASP B 27 0.34 -44.72 -32.17
CA ASP B 27 -0.63 -45.01 -31.12
C ASP B 27 -0.73 -43.82 -30.17
N LYS B 28 -1.80 -43.81 -29.38
CA LYS B 28 -2.07 -42.74 -28.44
C LYS B 28 -1.95 -43.26 -27.02
N VAL B 29 -1.56 -42.36 -26.12
CA VAL B 29 -1.39 -42.70 -24.71
C VAL B 29 -2.57 -42.13 -23.94
N THR B 30 -3.36 -43.01 -23.33
CA THR B 30 -4.53 -42.58 -22.56
C THR B 30 -4.06 -42.03 -21.24
N VAL B 31 -4.07 -40.71 -21.11
CA VAL B 31 -3.63 -40.03 -19.89
C VAL B 31 -4.86 -39.62 -19.10
N ARG B 32 -4.92 -40.04 -17.85
CA ARG B 32 -6.01 -39.67 -16.95
C ARG B 32 -5.54 -38.55 -16.04
N VAL B 33 -6.32 -37.47 -15.99
CA VAL B 33 -5.99 -36.31 -15.18
C VAL B 33 -7.11 -36.08 -14.19
N GLY B 34 -6.79 -35.39 -13.10
CA GLY B 34 -7.75 -35.09 -12.06
C GLY B 34 -7.15 -34.10 -11.12
N LEU B 35 -7.98 -33.57 -10.22
CA LEU B 35 -7.54 -32.56 -9.29
C LEU B 35 -7.95 -32.93 -7.87
N THR B 36 -7.12 -32.53 -6.91
CA THR B 36 -7.38 -32.71 -5.49
C THR B 36 -7.07 -31.39 -4.81
N LEU B 37 -8.07 -30.54 -4.68
CA LEU B 37 -7.88 -29.20 -4.12
C LEU B 37 -7.69 -29.32 -2.61
N THR B 38 -6.50 -28.95 -2.13
CA THR B 38 -6.24 -28.99 -0.70
C THR B 38 -6.49 -27.66 -0.02
N ASN B 39 -6.41 -26.55 -0.77
CA ASN B 39 -6.65 -25.23 -0.19
C ASN B 39 -6.86 -24.24 -1.31
N LEU B 40 -7.97 -23.52 -1.26
CA LEU B 40 -8.20 -22.37 -2.13
C LEU B 40 -7.63 -21.16 -1.41
N LEU B 41 -6.43 -20.72 -1.83
CA LEU B 41 -5.70 -19.72 -1.06
C LEU B 41 -6.36 -18.35 -1.15
N ILE B 42 -6.44 -17.79 -2.35
CA ILE B 42 -6.98 -16.44 -2.51
C ILE B 42 -7.48 -16.31 -3.94
N LEU B 43 -8.44 -15.41 -4.13
CA LEU B 43 -8.93 -15.04 -5.46
C LEU B 43 -8.78 -13.53 -5.58
N ASN B 44 -7.63 -13.11 -6.12
CA ASN B 44 -7.30 -11.70 -6.25
C ASN B 44 -8.10 -11.13 -7.41
N GLU B 45 -9.23 -10.50 -7.10
CA GLU B 45 -10.08 -9.94 -8.16
C GLU B 45 -9.46 -8.72 -8.82
N LYS B 46 -8.45 -8.11 -8.19
CA LYS B 46 -7.81 -6.95 -8.79
C LYS B 46 -7.08 -7.32 -10.07
N ILE B 47 -6.43 -8.49 -10.09
CA ILE B 47 -5.68 -8.95 -11.24
C ILE B 47 -6.33 -10.16 -11.89
N GLU B 48 -7.56 -10.51 -11.49
CA GLU B 48 -8.32 -11.62 -12.06
C GLU B 48 -7.55 -12.93 -12.00
N GLU B 49 -6.93 -13.20 -10.86
CA GLU B 49 -6.07 -14.37 -10.69
C GLU B 49 -6.49 -15.16 -9.47
N MET B 50 -6.64 -16.46 -9.64
CA MET B 50 -6.98 -17.38 -8.55
C MET B 50 -5.77 -18.22 -8.21
N THR B 51 -5.42 -18.27 -6.92
CA THR B 51 -4.28 -19.04 -6.43
C THR B 51 -4.80 -20.22 -5.64
N THR B 52 -4.45 -21.43 -6.07
CA THR B 52 -4.92 -22.65 -5.43
C THR B 52 -3.75 -23.59 -5.18
N ASN B 53 -3.86 -24.34 -4.09
CA ASN B 53 -2.90 -25.38 -3.74
C ASN B 53 -3.55 -26.72 -4.06
N VAL B 54 -3.01 -27.42 -5.06
CA VAL B 54 -3.69 -28.57 -5.64
C VAL B 54 -2.75 -29.77 -5.69
N PHE B 55 -3.36 -30.94 -5.83
CA PHE B 55 -2.65 -32.21 -6.06
C PHE B 55 -3.13 -32.73 -7.41
N LEU B 56 -2.36 -32.48 -8.45
CA LEU B 56 -2.73 -32.86 -9.81
C LEU B 56 -2.58 -34.37 -9.96
N ASN B 57 -3.70 -35.09 -9.89
CA ASN B 57 -3.66 -36.54 -10.05
C ASN B 57 -3.45 -36.90 -11.51
N LEU B 58 -2.44 -37.73 -11.78
CA LEU B 58 -2.15 -38.18 -13.13
C LEU B 58 -2.02 -39.70 -13.13
N ALA B 59 -2.30 -40.30 -14.29
CA ALA B 59 -2.15 -41.74 -14.45
C ALA B 59 -2.01 -42.06 -15.92
N TRP B 60 -0.84 -42.50 -16.34
CA TRP B 60 -0.61 -42.95 -17.70
C TRP B 60 0.13 -44.28 -17.67
N THR B 61 -0.08 -45.07 -18.72
CA THR B 61 0.48 -46.42 -18.79
C THR B 61 1.71 -46.39 -19.69
N ASP B 62 2.84 -46.86 -19.15
CA ASP B 62 4.10 -46.92 -19.87
C ASP B 62 4.46 -48.38 -20.08
N TYR B 63 4.68 -48.77 -21.34
CA TYR B 63 4.95 -50.17 -21.64
C TYR B 63 6.36 -50.60 -21.25
N ARG B 64 7.30 -49.66 -21.17
CA ARG B 64 8.67 -50.01 -20.83
C ARG B 64 8.85 -50.35 -19.36
N LEU B 65 8.05 -49.73 -18.48
CA LEU B 65 8.19 -49.92 -17.05
C LEU B 65 7.38 -51.13 -16.59
N GLN B 66 7.86 -52.30 -16.99
CA GLN B 66 7.22 -53.56 -16.64
C GLN B 66 8.26 -54.53 -16.09
N TRP B 67 7.84 -55.32 -15.10
CA TRP B 67 8.69 -56.36 -14.54
C TRP B 67 7.80 -57.41 -13.89
N ASP B 68 8.40 -58.58 -13.65
CA ASP B 68 7.69 -59.66 -12.97
C ASP B 68 8.09 -59.68 -11.51
N PRO B 69 7.16 -59.40 -10.59
CA PRO B 69 7.53 -59.41 -9.16
C PRO B 69 8.06 -60.74 -8.65
N ALA B 70 7.58 -61.86 -9.19
CA ALA B 70 8.09 -63.15 -8.76
C ALA B 70 9.54 -63.36 -9.19
N ALA B 71 9.93 -62.79 -10.33
CA ALA B 71 11.32 -62.90 -10.77
C ALA B 71 12.25 -62.19 -9.80
N TYR B 72 11.85 -61.03 -9.32
CA TYR B 72 12.61 -60.29 -8.33
C TYR B 72 12.14 -60.68 -6.93
N GLU B 73 12.55 -59.91 -5.93
CA GLU B 73 12.27 -60.25 -4.53
C GLU B 73 10.91 -59.69 -4.10
N GLY B 74 9.88 -60.07 -4.84
CA GLY B 74 8.52 -59.73 -4.48
C GLY B 74 8.19 -58.25 -4.53
N ILE B 75 8.94 -57.47 -5.31
CA ILE B 75 8.68 -56.04 -5.42
C ILE B 75 7.49 -55.84 -6.35
N LYS B 76 6.44 -55.20 -5.82
CA LYS B 76 5.21 -55.00 -6.57
C LYS B 76 5.00 -53.57 -7.02
N ASP B 77 5.71 -52.61 -6.43
CA ASP B 77 5.61 -51.21 -6.82
C ASP B 77 6.92 -50.53 -6.45
N LEU B 78 7.13 -49.35 -7.02
CA LEU B 78 8.40 -48.66 -6.88
C LEU B 78 8.16 -47.15 -6.84
N ARG B 79 9.07 -46.44 -6.19
CA ARG B 79 9.08 -44.98 -6.18
C ARG B 79 10.30 -44.52 -6.96
N ILE B 80 10.06 -43.74 -8.01
CA ILE B 80 11.13 -43.28 -8.90
C ILE B 80 11.06 -41.77 -8.97
N PRO B 81 12.18 -41.05 -8.90
CA PRO B 81 12.13 -39.59 -9.03
C PRO B 81 11.56 -39.16 -10.37
N SER B 82 10.79 -38.08 -10.35
CA SER B 82 9.99 -37.66 -11.51
C SER B 82 10.85 -37.23 -12.69
N SER B 83 12.14 -36.98 -12.49
CA SER B 83 13.02 -36.56 -13.57
C SER B 83 13.65 -37.72 -14.31
N ASP B 84 13.30 -38.96 -13.96
CA ASP B 84 13.90 -40.13 -14.60
C ASP B 84 12.95 -40.86 -15.55
N VAL B 85 11.64 -40.69 -15.39
CA VAL B 85 10.67 -41.37 -16.24
C VAL B 85 10.06 -40.36 -17.19
N TRP B 86 9.50 -40.86 -18.29
CA TRP B 86 8.79 -40.02 -19.22
C TRP B 86 7.56 -39.41 -18.56
N GLN B 87 7.22 -38.20 -18.97
CA GLN B 87 6.17 -37.47 -18.29
C GLN B 87 5.38 -36.61 -19.26
N PRO B 88 4.06 -36.80 -19.34
CA PRO B 88 3.23 -35.87 -20.12
C PRO B 88 3.05 -34.58 -19.33
N ASP B 89 3.45 -33.47 -19.93
CA ASP B 89 3.56 -32.19 -19.23
C ASP B 89 2.18 -31.53 -19.15
N ILE B 90 1.38 -32.00 -18.19
CA ILE B 90 0.07 -31.40 -17.95
C ILE B 90 0.29 -30.07 -17.23
N VAL B 91 0.17 -28.97 -17.96
CA VAL B 91 0.46 -27.64 -17.44
C VAL B 91 -0.83 -26.84 -17.42
N LEU B 92 -0.84 -25.80 -16.60
CA LEU B 92 -2.01 -24.94 -16.46
C LEU B 92 -2.04 -23.96 -17.62
N MET B 93 -2.84 -24.27 -18.63
CA MET B 93 -2.83 -23.51 -19.88
C MET B 93 -3.35 -22.10 -19.74
N ASN B 94 -4.03 -21.76 -18.65
CA ASN B 94 -4.58 -20.43 -18.47
C ASN B 94 -4.01 -19.76 -17.22
N ASN B 95 -2.72 -19.95 -16.99
CA ASN B 95 -2.07 -19.32 -15.86
C ASN B 95 -1.98 -17.81 -16.05
N ASN B 96 -2.19 -17.07 -14.96
CA ASN B 96 -2.07 -15.62 -15.03
C ASN B 96 -0.62 -15.20 -15.21
N ASP B 97 0.27 -15.74 -14.39
CA ASP B 97 1.70 -15.46 -14.50
C ASP B 97 2.36 -16.54 -15.36
N GLY B 98 3.68 -16.61 -15.34
CA GLY B 98 4.40 -17.54 -16.17
C GLY B 98 4.54 -18.94 -15.63
N SER B 99 3.97 -19.26 -14.46
CA SER B 99 4.15 -20.57 -13.87
C SER B 99 3.30 -21.59 -14.61
N PHE B 100 3.93 -22.37 -15.48
CA PHE B 100 3.25 -23.42 -16.25
C PHE B 100 3.33 -24.78 -15.59
N GLU B 101 4.54 -25.25 -15.27
CA GLU B 101 4.76 -26.62 -14.87
C GLU B 101 4.35 -26.82 -13.41
N ILE B 102 4.63 -28.01 -12.89
CA ILE B 102 4.31 -28.35 -11.51
C ILE B 102 5.50 -27.99 -10.63
N THR B 103 5.22 -27.73 -9.35
CA THR B 103 6.21 -27.18 -8.43
C THR B 103 7.02 -28.24 -7.70
N LEU B 104 6.36 -29.18 -7.04
CA LEU B 104 7.03 -30.03 -6.06
C LEU B 104 7.89 -31.12 -6.66
N HIS B 105 7.43 -31.77 -7.74
CA HIS B 105 8.12 -32.90 -8.37
C HIS B 105 8.33 -34.04 -7.38
N VAL B 106 7.22 -34.60 -6.91
CA VAL B 106 7.27 -35.77 -6.03
C VAL B 106 7.61 -37.00 -6.86
N ASN B 107 7.91 -38.10 -6.20
CA ASN B 107 8.24 -39.33 -6.90
C ASN B 107 6.99 -39.96 -7.52
N VAL B 108 7.16 -40.52 -8.70
CA VAL B 108 6.10 -41.28 -9.34
C VAL B 108 6.00 -42.67 -8.71
N LEU B 109 4.89 -43.35 -8.97
CA LEU B 109 4.62 -44.67 -8.40
C LEU B 109 4.41 -45.65 -9.54
N VAL B 110 5.44 -46.44 -9.83
CA VAL B 110 5.44 -47.35 -10.96
C VAL B 110 5.14 -48.75 -10.46
N GLN B 111 4.06 -49.35 -10.96
CA GLN B 111 3.68 -50.71 -10.60
C GLN B 111 4.16 -51.67 -11.68
N HIS B 112 4.12 -52.96 -11.34
CA HIS B 112 4.69 -53.98 -12.23
C HIS B 112 3.90 -54.13 -13.52
N THR B 113 2.61 -53.78 -13.51
CA THR B 113 1.80 -53.86 -14.71
C THR B 113 2.12 -52.76 -15.70
N GLY B 114 2.89 -51.74 -15.30
CA GLY B 114 3.20 -50.61 -16.13
C GLY B 114 2.45 -49.34 -15.78
N ALA B 115 1.42 -49.44 -14.95
CA ALA B 115 0.63 -48.27 -14.61
C ALA B 115 1.45 -47.32 -13.73
N VAL B 116 1.50 -46.06 -14.12
CA VAL B 116 2.24 -45.03 -13.40
C VAL B 116 1.24 -44.04 -12.85
N SER B 117 1.25 -43.84 -11.53
CA SER B 117 0.35 -42.92 -10.86
C SER B 117 1.19 -41.82 -10.23
N TRP B 118 1.19 -40.66 -10.85
CA TRP B 118 1.98 -39.52 -10.39
C TRP B 118 1.05 -38.49 -9.79
N GLN B 119 1.36 -38.04 -8.57
CA GLN B 119 0.52 -37.07 -7.86
C GLN B 119 1.37 -35.92 -7.34
N PRO B 120 1.83 -35.04 -8.24
CA PRO B 120 2.62 -33.89 -7.79
C PRO B 120 1.73 -32.78 -7.27
N SER B 121 2.34 -31.88 -6.51
CA SER B 121 1.65 -30.75 -5.91
C SER B 121 2.25 -29.45 -6.43
N ALA B 122 1.43 -28.41 -6.48
CA ALA B 122 1.88 -27.12 -6.94
C ALA B 122 1.00 -26.02 -6.39
N ILE B 123 1.53 -24.80 -6.38
CA ILE B 123 0.77 -23.61 -6.07
C ILE B 123 0.48 -22.94 -7.41
N TYR B 124 -0.67 -23.23 -7.99
CA TYR B 124 -1.02 -22.73 -9.30
C TYR B 124 -1.69 -21.37 -9.18
N ARG B 125 -1.46 -20.54 -10.20
CA ARG B 125 -2.04 -19.20 -10.28
C ARG B 125 -2.74 -19.10 -11.63
N SER B 126 -3.99 -19.53 -11.68
CA SER B 126 -4.77 -19.44 -12.91
C SER B 126 -5.36 -18.05 -13.06
N SER B 127 -5.95 -17.79 -14.22
CA SER B 127 -6.61 -16.53 -14.52
C SER B 127 -8.03 -16.82 -14.98
N CYS B 128 -8.99 -16.11 -14.39
CA CYS B 128 -10.38 -16.26 -14.78
C CYS B 128 -11.04 -14.89 -14.88
N THR B 129 -11.93 -14.75 -15.85
CA THR B 129 -12.72 -13.52 -15.96
C THR B 129 -13.63 -13.40 -14.76
N ILE B 130 -13.59 -12.24 -14.11
CA ILE B 130 -14.40 -11.99 -12.92
C ILE B 130 -15.70 -11.36 -13.36
N LYS B 131 -16.82 -11.99 -12.99
CA LYS B 131 -18.13 -11.40 -13.25
C LYS B 131 -18.32 -10.24 -12.29
N VAL B 132 -17.93 -9.04 -12.71
CA VAL B 132 -17.89 -7.89 -11.81
C VAL B 132 -19.30 -7.50 -11.38
N MET B 133 -20.31 -7.81 -12.19
CA MET B 133 -21.68 -7.51 -11.83
C MET B 133 -22.09 -8.33 -10.61
N TYR B 134 -23.00 -7.76 -9.81
CA TYR B 134 -23.54 -8.32 -8.58
C TYR B 134 -22.51 -8.45 -7.46
N PHE B 135 -21.29 -7.95 -7.65
CA PHE B 135 -20.29 -7.96 -6.59
C PHE B 135 -20.75 -7.07 -5.43
N PRO B 136 -20.59 -7.51 -4.17
CA PRO B 136 -19.96 -8.73 -3.69
C PRO B 136 -20.91 -9.91 -3.49
N PHE B 137 -22.21 -9.72 -3.71
CA PHE B 137 -23.19 -10.81 -3.57
C PHE B 137 -23.23 -11.65 -4.83
N ASP B 138 -22.09 -12.25 -5.16
CA ASP B 138 -21.85 -12.82 -6.48
C ASP B 138 -21.25 -14.21 -6.37
N TRP B 139 -21.48 -14.99 -7.43
CA TRP B 139 -20.86 -16.29 -7.61
C TRP B 139 -19.96 -16.23 -8.82
N GLN B 140 -18.79 -16.87 -8.72
CA GLN B 140 -17.80 -16.84 -9.79
C GLN B 140 -17.71 -18.20 -10.47
N ASN B 141 -17.27 -18.17 -11.73
CA ASN B 141 -17.15 -19.35 -12.58
C ASN B 141 -15.68 -19.57 -12.94
N CYS B 142 -14.79 -19.45 -11.96
CA CYS B 142 -13.37 -19.56 -12.23
C CYS B 142 -12.98 -20.98 -12.59
N THR B 143 -12.17 -21.12 -13.62
CA THR B 143 -11.81 -22.40 -14.20
C THR B 143 -10.30 -22.59 -14.20
N MET B 144 -9.90 -23.85 -14.28
CA MET B 144 -8.50 -24.22 -14.46
C MET B 144 -8.42 -25.18 -15.64
N VAL B 145 -7.54 -24.90 -16.58
CA VAL B 145 -7.42 -25.67 -17.81
C VAL B 145 -6.12 -26.46 -17.77
N PHE B 146 -6.23 -27.77 -17.92
CA PHE B 146 -5.08 -28.66 -17.86
C PHE B 146 -5.02 -29.49 -19.14
N LYS B 147 -3.95 -29.29 -19.91
CA LYS B 147 -3.71 -30.13 -21.08
C LYS B 147 -2.22 -30.13 -21.36
N SER B 148 -1.79 -31.13 -22.12
CA SER B 148 -0.39 -31.24 -22.49
C SER B 148 0.00 -30.08 -23.39
N TYR B 149 1.02 -29.31 -22.98
CA TYR B 149 1.41 -28.13 -23.76
C TYR B 149 1.94 -28.52 -25.13
N THR B 150 2.71 -29.60 -25.20
CA THR B 150 3.37 -29.96 -26.45
C THR B 150 2.54 -30.96 -27.26
N TYR B 151 2.12 -32.06 -26.64
CA TYR B 151 1.40 -33.10 -27.37
C TYR B 151 -0.04 -32.67 -27.64
N ASP B 152 -0.61 -33.23 -28.69
CA ASP B 152 -1.99 -32.95 -29.08
C ASP B 152 -2.74 -34.27 -29.19
N THR B 153 -3.94 -34.19 -29.76
CA THR B 153 -4.84 -35.36 -29.78
C THR B 153 -4.26 -36.51 -30.56
N SER B 154 -3.42 -36.24 -31.55
CA SER B 154 -2.79 -37.30 -32.32
C SER B 154 -1.77 -38.09 -31.51
N GLU B 155 -1.37 -37.60 -30.35
CA GLU B 155 -0.32 -38.23 -29.55
C GLU B 155 -0.74 -38.65 -28.16
N VAL B 156 -1.72 -37.97 -27.56
CA VAL B 156 -2.27 -38.36 -26.26
C VAL B 156 -3.79 -38.39 -26.37
N THR B 157 -4.43 -38.81 -25.27
CA THR B 157 -5.89 -38.81 -25.20
C THR B 157 -6.27 -38.60 -23.74
N LEU B 158 -6.71 -37.39 -23.41
CA LEU B 158 -7.04 -37.06 -22.04
C LEU B 158 -8.37 -37.69 -21.63
N GLN B 159 -8.48 -38.05 -20.37
CA GLN B 159 -9.67 -38.70 -19.83
C GLN B 159 -9.94 -38.15 -18.44
N HIS B 160 -10.79 -38.83 -17.69
CA HIS B 160 -11.10 -38.47 -16.31
C HIS B 160 -10.48 -39.48 -15.36
N ALA B 161 -9.97 -38.99 -14.23
CA ALA B 161 -9.35 -39.87 -13.24
C ALA B 161 -10.39 -40.75 -12.58
N LEU B 162 -9.96 -41.95 -12.18
CA LEU B 162 -10.85 -42.91 -11.56
C LEU B 162 -10.95 -42.63 -10.06
N ASP B 163 -11.56 -43.55 -9.33
CA ASP B 163 -11.76 -43.43 -7.89
C ASP B 163 -10.90 -44.49 -7.18
N ALA B 164 -11.10 -44.60 -5.86
CA ALA B 164 -10.43 -45.66 -5.11
C ALA B 164 -10.85 -47.03 -5.62
N LYS B 165 -12.13 -47.22 -5.90
CA LYS B 165 -12.60 -48.36 -6.66
C LYS B 165 -12.37 -48.08 -8.14
N GLY B 166 -11.63 -48.95 -8.81
CA GLY B 166 -11.29 -48.74 -10.21
C GLY B 166 -12.45 -48.86 -11.17
N GLU B 167 -13.58 -49.40 -10.72
CA GLU B 167 -14.74 -49.57 -11.59
C GLU B 167 -15.58 -48.31 -11.73
N ARG B 168 -15.25 -47.25 -11.00
CA ARG B 168 -16.02 -46.01 -11.02
C ARG B 168 -15.14 -44.88 -11.53
N GLU B 169 -15.74 -43.95 -12.25
CA GLU B 169 -15.04 -42.79 -12.79
C GLU B 169 -15.60 -41.52 -12.15
N VAL B 170 -14.70 -40.60 -11.80
CA VAL B 170 -15.05 -39.37 -11.09
C VAL B 170 -15.07 -38.23 -12.09
N LYS B 171 -16.18 -37.51 -12.13
CA LYS B 171 -16.34 -36.35 -13.00
C LYS B 171 -16.34 -35.04 -12.21
N GLU B 172 -15.60 -35.00 -11.10
CA GLU B 172 -15.60 -33.82 -10.25
C GLU B 172 -14.27 -33.73 -9.52
N ILE B 173 -14.02 -32.56 -8.94
CA ILE B 173 -12.79 -32.32 -8.20
C ILE B 173 -12.83 -33.07 -6.87
N VAL B 174 -11.80 -33.87 -6.61
CA VAL B 174 -11.73 -34.64 -5.38
C VAL B 174 -11.33 -33.71 -4.24
N ILE B 175 -12.02 -33.82 -3.11
CA ILE B 175 -11.69 -33.07 -1.91
C ILE B 175 -11.43 -34.07 -0.79
N ASN B 176 -10.26 -33.97 -0.17
CA ASN B 176 -9.89 -34.81 0.95
C ASN B 176 -10.25 -34.08 2.23
N LYS B 177 -11.15 -34.68 3.03
CA LYS B 177 -11.68 -33.98 4.20
C LYS B 177 -10.60 -33.74 5.25
N ASP B 178 -9.61 -34.62 5.34
CA ASP B 178 -8.58 -34.47 6.36
C ASP B 178 -7.69 -33.27 6.11
N ALA B 179 -7.32 -33.03 4.85
CA ALA B 179 -6.33 -32.01 4.53
C ALA B 179 -6.94 -30.70 4.04
N PHE B 180 -8.16 -30.71 3.52
CA PHE B 180 -8.73 -29.51 2.94
C PHE B 180 -9.21 -28.56 4.03
N THR B 181 -8.61 -27.38 4.07
CA THR B 181 -9.05 -26.31 4.96
C THR B 181 -9.91 -25.35 4.15
N GLU B 182 -11.14 -25.14 4.60
CA GLU B 182 -12.08 -24.31 3.85
C GLU B 182 -11.60 -22.87 3.84
N ASN B 183 -11.65 -22.24 2.66
CA ASN B 183 -11.33 -20.83 2.56
C ASN B 183 -12.38 -20.01 3.30
N GLY B 184 -11.93 -18.99 4.02
CA GLY B 184 -12.83 -18.24 4.86
C GLY B 184 -13.80 -17.33 4.12
N GLN B 185 -13.59 -17.12 2.83
CA GLN B 185 -14.40 -16.21 2.05
C GLN B 185 -15.28 -16.88 1.00
N TRP B 186 -14.83 -17.98 0.43
CA TRP B 186 -15.52 -18.63 -0.68
C TRP B 186 -16.04 -20.00 -0.28
N SER B 187 -17.21 -20.35 -0.78
CA SER B 187 -17.83 -21.64 -0.53
C SER B 187 -17.91 -22.42 -1.84
N ILE B 188 -17.39 -23.64 -1.83
CA ILE B 188 -17.40 -24.48 -3.03
C ILE B 188 -18.82 -24.97 -3.25
N GLU B 189 -19.49 -24.45 -4.27
CA GLU B 189 -20.84 -24.90 -4.59
C GLU B 189 -20.83 -26.10 -5.50
N HIS B 190 -20.24 -25.96 -6.68
CA HIS B 190 -20.11 -27.04 -7.65
C HIS B 190 -18.66 -27.14 -8.10
N LYS B 191 -18.27 -28.34 -8.50
CA LYS B 191 -16.90 -28.52 -8.96
C LYS B 191 -16.82 -29.60 -10.01
N PRO B 192 -17.41 -29.41 -11.20
CA PRO B 192 -17.40 -30.46 -12.21
C PRO B 192 -16.15 -30.40 -13.09
N SER B 193 -15.86 -31.54 -13.71
CA SER B 193 -14.75 -31.69 -14.65
C SER B 193 -15.30 -32.27 -15.94
N ARG B 194 -15.09 -31.56 -17.04
CA ARG B 194 -15.65 -31.99 -18.33
C ARG B 194 -14.69 -31.61 -19.44
N LYS B 195 -14.43 -32.57 -20.33
CA LYS B 195 -13.56 -32.34 -21.49
C LYS B 195 -14.33 -31.56 -22.54
N ASN B 196 -13.91 -30.32 -22.80
CA ASN B 196 -14.51 -29.51 -23.85
C ASN B 196 -13.58 -29.48 -25.05
N TRP B 197 -14.15 -29.68 -26.22
CA TRP B 197 -13.41 -29.77 -27.47
C TRP B 197 -13.42 -28.42 -28.18
N ARG B 198 -12.86 -28.41 -29.39
CA ARG B 198 -12.93 -27.25 -30.28
C ARG B 198 -13.50 -27.71 -31.61
N SER B 199 -14.61 -27.09 -32.03
CA SER B 199 -15.23 -27.49 -33.29
C SER B 199 -14.37 -27.09 -34.50
N ASP B 200 -13.64 -25.99 -34.39
CA ASP B 200 -12.84 -25.48 -35.48
C ASP B 200 -11.44 -26.08 -35.55
N ASP B 201 -11.06 -26.92 -34.59
CA ASP B 201 -9.74 -27.52 -34.60
C ASP B 201 -9.81 -28.95 -34.05
N PRO B 202 -9.72 -29.95 -34.92
CA PRO B 202 -9.73 -31.34 -34.44
C PRO B 202 -8.55 -31.69 -33.55
N SER B 203 -7.39 -31.07 -33.76
CA SER B 203 -6.19 -31.39 -32.99
C SER B 203 -6.13 -30.52 -31.73
N TYR B 204 -7.05 -30.81 -30.81
CA TYR B 204 -7.15 -30.08 -29.55
C TYR B 204 -7.96 -30.91 -28.58
N GLU B 205 -7.40 -31.17 -27.41
CA GLU B 205 -8.14 -31.85 -26.35
C GLU B 205 -7.86 -31.14 -25.03
N ASP B 206 -8.90 -30.99 -24.22
CA ASP B 206 -8.85 -30.17 -23.02
C ASP B 206 -9.53 -30.91 -21.88
N VAL B 207 -9.04 -30.71 -20.67
CA VAL B 207 -9.76 -31.06 -19.45
C VAL B 207 -9.79 -29.82 -18.57
N THR B 208 -11.00 -29.37 -18.24
CA THR B 208 -11.21 -28.13 -17.51
C THR B 208 -11.93 -28.43 -16.20
N PHE B 209 -11.37 -27.96 -15.10
CA PHE B 209 -11.97 -28.16 -13.78
C PHE B 209 -12.71 -26.89 -13.40
N TYR B 210 -13.97 -26.82 -13.82
CA TYR B 210 -14.83 -25.69 -13.46
C TYR B 210 -15.05 -25.68 -11.95
N LEU B 211 -15.01 -24.48 -11.37
CA LEU B 211 -15.07 -24.33 -9.92
C LEU B 211 -16.05 -23.22 -9.58
N ILE B 212 -17.33 -23.58 -9.45
CA ILE B 212 -18.35 -22.60 -9.09
C ILE B 212 -18.21 -22.30 -7.61
N ILE B 213 -17.81 -21.06 -7.28
CA ILE B 213 -17.55 -20.66 -5.92
C ILE B 213 -18.42 -19.46 -5.58
N GLN B 214 -19.02 -19.48 -4.40
CA GLN B 214 -19.94 -18.45 -3.95
C GLN B 214 -19.25 -17.58 -2.92
N ARG B 215 -19.29 -16.26 -3.13
CA ARG B 215 -18.69 -15.34 -2.18
C ARG B 215 -19.56 -15.22 -0.94
N LYS B 216 -18.92 -15.20 0.23
CA LYS B 216 -19.62 -14.90 1.46
C LYS B 216 -19.49 -13.41 1.73
N PRO B 217 -20.58 -12.66 1.60
CA PRO B 217 -20.47 -11.20 1.56
C PRO B 217 -20.52 -10.52 2.92
N LEU B 218 -20.29 -11.27 4.00
CA LEU B 218 -20.50 -10.72 5.34
C LEU B 218 -19.52 -9.58 5.64
N PHE B 219 -18.27 -9.70 5.19
CA PHE B 219 -17.30 -8.63 5.45
C PHE B 219 -17.73 -7.33 4.79
N TYR B 220 -18.14 -7.39 3.53
CA TYR B 220 -18.54 -6.17 2.83
C TYR B 220 -19.86 -5.64 3.37
N ILE B 221 -20.80 -6.53 3.69
CA ILE B 221 -22.08 -6.10 4.25
C ILE B 221 -21.94 -5.60 5.69
N VAL B 222 -20.79 -5.83 6.32
CA VAL B 222 -20.52 -5.33 7.66
C VAL B 222 -19.72 -4.04 7.65
N TYR B 223 -18.74 -3.90 6.77
CA TYR B 223 -17.89 -2.71 6.75
C TYR B 223 -18.35 -1.64 5.79
N THR B 224 -19.17 -1.95 4.79
CA THR B 224 -19.59 -0.94 3.83
C THR B 224 -21.10 -0.75 3.77
N ILE B 225 -21.88 -1.84 3.71
CA ILE B 225 -23.31 -1.72 3.50
C ILE B 225 -23.98 -1.11 4.73
N ILE B 226 -23.63 -1.57 5.92
CA ILE B 226 -24.21 -1.01 7.15
C ILE B 226 -23.85 0.46 7.33
N PRO B 227 -22.58 0.89 7.17
CA PRO B 227 -22.32 2.34 7.23
C PRO B 227 -23.06 3.14 6.18
N CYS B 228 -23.22 2.59 4.97
CA CYS B 228 -23.97 3.32 3.95
C CYS B 228 -25.44 3.44 4.32
N ILE B 229 -26.00 2.40 4.94
CA ILE B 229 -27.37 2.48 5.43
C ILE B 229 -27.50 3.54 6.52
N LEU B 230 -26.51 3.61 7.42
CA LEU B 230 -26.53 4.64 8.46
C LEU B 230 -26.44 6.03 7.84
N ILE B 231 -25.59 6.20 6.82
CA ILE B 231 -25.47 7.50 6.16
C ILE B 231 -26.76 7.85 5.44
N SER B 232 -27.44 6.85 4.86
CA SER B 232 -28.75 7.10 4.27
C SER B 232 -29.75 7.56 5.31
N ILE B 233 -29.71 6.94 6.50
CA ILE B 233 -30.59 7.36 7.59
C ILE B 233 -30.31 8.80 7.99
N LEU B 234 -29.03 9.18 8.04
CA LEU B 234 -28.68 10.57 8.28
C LEU B 234 -29.23 11.48 7.19
N ALA B 235 -29.10 11.06 5.92
CA ALA B 235 -29.55 11.88 4.81
C ALA B 235 -31.06 12.08 4.82
N ILE B 236 -31.81 11.08 5.28
CA ILE B 236 -33.25 11.26 5.44
C ILE B 236 -33.52 12.28 6.55
N LEU B 237 -32.70 12.28 7.60
CA LEU B 237 -32.91 13.20 8.71
C LEU B 237 -32.64 14.65 8.32
N VAL B 238 -31.92 14.89 7.23
CA VAL B 238 -31.68 16.26 6.79
C VAL B 238 -32.98 16.98 6.48
N PHE B 239 -34.00 16.23 6.05
CA PHE B 239 -35.32 16.79 5.80
C PHE B 239 -36.18 16.79 7.06
N TYR B 240 -35.56 16.79 8.24
CA TYR B 240 -36.28 16.91 9.50
C TYR B 240 -35.67 17.93 10.45
N LEU B 241 -34.41 18.32 10.26
CA LEU B 241 -33.86 19.42 11.02
C LEU B 241 -34.54 20.72 10.62
N PRO B 242 -34.87 21.58 11.57
CA PRO B 242 -35.49 22.86 11.21
C PRO B 242 -34.48 23.74 10.51
N PRO B 243 -34.94 24.63 9.62
CA PRO B 243 -34.01 25.56 8.96
C PRO B 243 -33.32 26.49 9.93
N ASP B 244 -33.95 26.82 11.05
CA ASP B 244 -33.36 27.75 12.01
C ASP B 244 -32.14 27.17 12.71
N ALA B 245 -31.96 25.85 12.69
CA ALA B 245 -30.84 25.23 13.39
C ALA B 245 -29.50 25.51 12.72
N GLY B 246 -29.50 25.80 11.42
CA GLY B 246 -28.25 26.04 10.72
C GLY B 246 -27.34 24.83 10.65
N GLU B 247 -27.92 23.64 10.60
CA GLU B 247 -27.14 22.42 10.56
C GLU B 247 -27.56 21.47 9.46
N LYS B 248 -28.58 21.81 8.67
CA LYS B 248 -29.04 20.93 7.61
C LYS B 248 -27.96 20.69 6.58
N MET B 249 -27.39 21.77 6.06
CA MET B 249 -26.36 21.64 5.03
C MET B 249 -25.08 21.03 5.60
N SER B 250 -24.76 21.34 6.86
CA SER B 250 -23.58 20.74 7.48
C SER B 250 -23.72 19.23 7.56
N LEU B 251 -24.86 18.75 8.06
CA LEU B 251 -25.10 17.32 8.16
C LEU B 251 -25.13 16.66 6.78
N SER B 252 -25.78 17.29 5.80
CA SER B 252 -25.88 16.69 4.48
C SER B 252 -24.52 16.62 3.79
N ILE B 253 -23.72 17.68 3.90
CA ILE B 253 -22.41 17.66 3.25
C ILE B 253 -21.46 16.73 3.98
N SER B 254 -21.63 16.55 5.30
CA SER B 254 -20.84 15.55 6.00
C SER B 254 -21.21 14.14 5.55
N ALA B 255 -22.51 13.90 5.33
CA ALA B 255 -22.93 12.61 4.80
C ALA B 255 -22.36 12.38 3.41
N LEU B 256 -22.36 13.41 2.57
CA LEU B 256 -21.79 13.29 1.23
C LEU B 256 -20.29 13.00 1.29
N LEU B 257 -19.58 13.67 2.19
CA LEU B 257 -18.16 13.41 2.36
C LEU B 257 -17.91 11.98 2.82
N ALA B 258 -18.75 11.49 3.73
CA ALA B 258 -18.61 10.11 4.18
C ALA B 258 -18.86 9.13 3.04
N VAL B 259 -19.86 9.41 2.20
CA VAL B 259 -20.15 8.54 1.06
C VAL B 259 -18.97 8.51 0.09
N THR B 260 -18.39 9.68 -0.21
CA THR B 260 -17.24 9.69 -1.11
C THR B 260 -16.03 9.01 -0.50
N VAL B 261 -15.85 9.13 0.81
CA VAL B 261 -14.75 8.44 1.49
C VAL B 261 -14.91 6.93 1.34
N PHE B 262 -16.13 6.43 1.56
CA PHE B 262 -16.38 5.00 1.40
C PHE B 262 -16.24 4.57 -0.06
N LEU B 263 -16.60 5.44 -1.00
CA LEU B 263 -16.41 5.12 -2.41
C LEU B 263 -14.94 4.99 -2.75
N LEU B 264 -14.11 5.90 -2.23
CA LEU B 264 -12.69 5.84 -2.54
C LEU B 264 -11.99 4.68 -1.84
N LEU B 265 -12.47 4.28 -0.66
CA LEU B 265 -11.91 3.11 0.01
C LEU B 265 -12.12 1.84 -0.82
N LEU B 266 -13.31 1.69 -1.39
CA LEU B 266 -13.61 0.49 -2.17
C LEU B 266 -12.87 0.45 -3.49
N ALA B 267 -12.22 1.55 -3.88
CA ALA B 267 -11.44 1.53 -5.12
C ALA B 267 -10.28 0.56 -5.04
N ASP B 268 -9.79 0.27 -3.84
CA ASP B 268 -8.73 -0.72 -3.67
C ASP B 268 -9.23 -2.16 -3.68
N LYS B 269 -10.54 -2.36 -3.65
CA LYS B 269 -11.10 -3.71 -3.55
C LYS B 269 -11.90 -4.12 -4.77
N VAL B 270 -12.65 -3.21 -5.37
CA VAL B 270 -13.46 -3.54 -6.54
C VAL B 270 -12.55 -3.80 -7.73
N PRO B 271 -12.93 -4.67 -8.65
CA PRO B 271 -12.09 -4.92 -9.83
C PRO B 271 -12.04 -3.71 -10.75
N GLU B 272 -10.96 -3.63 -11.53
CA GLU B 272 -10.76 -2.55 -12.48
C GLU B 272 -11.45 -2.79 -13.81
N THR B 273 -12.14 -3.92 -13.96
CA THR B 273 -12.78 -4.26 -15.23
C THR B 273 -13.89 -3.26 -15.55
N SER B 274 -13.93 -2.83 -16.80
CA SER B 274 -14.88 -1.82 -17.27
C SER B 274 -16.04 -2.42 -18.05
N LEU B 275 -16.21 -3.75 -18.02
CA LEU B 275 -17.30 -4.37 -18.76
C LEU B 275 -18.66 -3.99 -18.19
N SER B 276 -18.78 -3.95 -16.87
CA SER B 276 -20.04 -3.64 -16.21
C SER B 276 -19.73 -2.88 -14.92
N VAL B 277 -20.75 -2.68 -14.10
CA VAL B 277 -20.63 -1.97 -12.83
C VAL B 277 -21.13 -2.89 -11.73
N PRO B 278 -20.33 -3.17 -10.69
CA PRO B 278 -20.80 -4.04 -9.61
C PRO B 278 -21.96 -3.41 -8.86
N ILE B 279 -22.79 -4.27 -8.26
CA ILE B 279 -24.00 -3.80 -7.61
C ILE B 279 -23.67 -2.94 -6.39
N ILE B 280 -22.52 -3.16 -5.76
CA ILE B 280 -22.16 -2.34 -4.61
C ILE B 280 -21.74 -0.95 -5.06
N ILE B 281 -21.03 -0.86 -6.18
CA ILE B 281 -20.67 0.45 -6.72
C ILE B 281 -21.92 1.16 -7.25
N ARG B 282 -22.84 0.41 -7.85
CA ARG B 282 -24.10 0.99 -8.29
C ARG B 282 -24.90 1.52 -7.10
N TYR B 283 -24.92 0.78 -6.00
CA TYR B 283 -25.60 1.25 -4.79
C TYR B 283 -24.91 2.47 -4.20
N LEU B 284 -23.58 2.49 -4.22
CA LEU B 284 -22.84 3.65 -3.75
C LEU B 284 -23.16 4.87 -4.58
N MET B 285 -23.22 4.72 -5.90
CA MET B 285 -23.54 5.84 -6.76
C MET B 285 -24.98 6.29 -6.54
N PHE B 286 -25.90 5.34 -6.32
CA PHE B 286 -27.27 5.70 -6.02
C PHE B 286 -27.37 6.51 -4.73
N ILE B 287 -26.67 6.08 -3.69
CA ILE B 287 -26.70 6.80 -2.43
C ILE B 287 -26.04 8.17 -2.57
N MET B 288 -24.93 8.24 -3.32
CA MET B 288 -24.25 9.51 -3.50
C MET B 288 -25.13 10.51 -4.26
N ILE B 289 -25.80 10.05 -5.31
CA ILE B 289 -26.69 10.94 -6.05
C ILE B 289 -27.88 11.34 -5.20
N LEU B 290 -28.37 10.41 -4.35
CA LEU B 290 -29.47 10.76 -3.45
C LEU B 290 -29.05 11.81 -2.45
N VAL B 291 -27.85 11.68 -1.89
CA VAL B 291 -27.36 12.67 -0.92
C VAL B 291 -27.10 14.00 -1.61
N ALA B 292 -26.61 13.96 -2.85
CA ALA B 292 -26.41 15.19 -3.61
C ALA B 292 -27.74 15.90 -3.86
N PHE B 293 -28.76 15.14 -4.23
CA PHE B 293 -30.09 15.74 -4.39
C PHE B 293 -30.65 16.22 -3.06
N SER B 294 -30.30 15.55 -1.96
CA SER B 294 -30.69 16.04 -0.64
C SER B 294 -30.02 17.37 -0.35
N VAL B 295 -28.74 17.52 -0.71
CA VAL B 295 -28.04 18.78 -0.55
C VAL B 295 -28.70 19.86 -1.37
N ILE B 296 -29.04 19.55 -2.63
CA ILE B 296 -29.67 20.55 -3.49
C ILE B 296 -31.03 20.97 -2.94
N LEU B 297 -31.84 20.00 -2.51
CA LEU B 297 -33.16 20.32 -2.01
C LEU B 297 -33.12 21.01 -0.65
N SER B 298 -32.12 20.70 0.18
CA SER B 298 -31.97 21.45 1.41
C SER B 298 -31.50 22.87 1.15
N VAL B 299 -30.70 23.07 0.11
CA VAL B 299 -30.37 24.43 -0.33
C VAL B 299 -31.64 25.15 -0.75
N VAL B 300 -32.52 24.47 -1.49
CA VAL B 300 -33.78 25.06 -1.91
C VAL B 300 -34.64 25.41 -0.70
N VAL B 301 -34.69 24.52 0.29
CA VAL B 301 -35.51 24.77 1.48
C VAL B 301 -34.94 25.93 2.28
N LEU B 302 -33.62 26.02 2.39
CA LEU B 302 -33.01 27.17 3.07
C LEU B 302 -33.33 28.46 2.34
N ASN B 303 -33.27 28.43 1.01
CA ASN B 303 -33.62 29.61 0.24
C ASN B 303 -35.09 30.00 0.46
N LEU B 304 -35.98 29.02 0.47
CA LEU B 304 -37.40 29.29 0.70
C LEU B 304 -37.65 29.79 2.13
N HIS B 305 -36.83 29.37 3.07
CA HIS B 305 -36.98 29.82 4.46
C HIS B 305 -36.48 31.25 4.65
N HIS B 306 -35.38 31.61 4.00
CA HIS B 306 -34.78 32.91 4.21
C HIS B 306 -35.36 33.99 3.31
N ARG B 307 -36.29 33.65 2.42
CA ARG B 307 -36.91 34.66 1.58
C ARG B 307 -37.77 35.60 2.40
N SER B 308 -37.89 36.83 1.93
CA SER B 308 -38.59 37.90 2.64
C SER B 308 -39.39 38.70 1.62
N PRO B 309 -40.42 39.43 2.07
CA PRO B 309 -41.16 40.30 1.14
C PRO B 309 -40.31 41.36 0.46
N ASN B 310 -39.25 41.83 1.11
CA ASN B 310 -38.41 42.88 0.51
C ASN B 310 -37.40 42.32 -0.48
N THR B 311 -37.37 41.02 -0.70
CA THR B 311 -36.49 40.41 -1.68
C THR B 311 -37.19 39.48 -2.66
N HIS B 312 -38.28 38.83 -2.26
CA HIS B 312 -39.06 37.98 -3.16
C HIS B 312 -40.53 38.29 -2.96
N THR B 313 -41.31 38.16 -4.04
CA THR B 313 -42.75 38.22 -3.99
C THR B 313 -43.30 36.85 -4.35
N MET B 314 -44.18 36.32 -3.50
CA MET B 314 -44.57 34.92 -3.64
C MET B 314 -45.50 34.74 -4.83
N PRO B 315 -45.17 33.88 -5.79
CA PRO B 315 -46.07 33.64 -6.93
C PRO B 315 -47.29 32.87 -6.49
N ASN B 316 -48.37 33.02 -7.28
CA ASN B 316 -49.64 32.43 -6.90
C ASN B 316 -49.62 30.91 -7.04
N TRP B 317 -48.89 30.39 -8.02
CA TRP B 317 -48.89 28.95 -8.25
C TRP B 317 -48.24 28.20 -7.10
N ILE B 318 -47.14 28.74 -6.56
CA ILE B 318 -46.48 28.06 -5.43
C ILE B 318 -47.37 28.11 -4.20
N ARG B 319 -48.16 29.18 -4.05
CA ARG B 319 -49.14 29.24 -2.98
C ARG B 319 -50.20 28.16 -3.14
N GLN B 320 -50.78 28.06 -4.33
CA GLN B 320 -51.84 27.08 -4.55
C GLN B 320 -51.32 25.65 -4.45
N ILE B 321 -50.03 25.43 -4.69
CA ILE B 321 -49.51 24.07 -4.66
C ILE B 321 -48.89 23.69 -3.33
N PHE B 322 -48.56 24.65 -2.46
CA PHE B 322 -47.93 24.32 -1.19
C PHE B 322 -48.67 24.83 0.05
N ILE B 323 -49.82 25.49 -0.10
CA ILE B 323 -50.57 25.92 1.06
C ILE B 323 -51.96 25.31 1.02
N GLU B 324 -52.45 25.02 -0.17
CA GLU B 324 -53.83 24.60 -0.33
C GLU B 324 -53.98 23.09 -0.42
N THR B 325 -53.16 22.43 -1.24
CA THR B 325 -53.39 21.02 -1.57
C THR B 325 -52.49 20.06 -0.80
N LEU B 326 -51.21 20.37 -0.65
CA LEU B 326 -50.27 19.45 -0.05
C LEU B 326 -50.30 19.35 1.48
N PRO B 327 -50.51 20.44 2.23
CA PRO B 327 -50.67 20.28 3.70
C PRO B 327 -51.83 19.39 4.09
N PRO B 328 -52.96 19.37 3.35
CA PRO B 328 -53.95 18.31 3.64
C PRO B 328 -53.42 16.90 3.44
N PHE B 329 -52.53 16.68 2.47
CA PHE B 329 -52.10 15.34 2.11
C PHE B 329 -50.83 14.90 2.84
N LEU B 330 -50.29 15.72 3.73
CA LEU B 330 -49.10 15.35 4.49
C LEU B 330 -49.32 15.44 5.99
N TRP B 331 -50.57 15.51 6.44
CA TRP B 331 -50.93 15.61 7.86
C TRP B 331 -50.25 16.79 8.54
N ILE B 332 -50.23 17.94 7.86
CA ILE B 332 -49.64 19.16 8.40
C ILE B 332 -50.68 20.27 8.33
N GLN B 333 -50.89 20.96 9.45
CA GLN B 333 -51.79 22.11 9.50
C GLN B 333 -51.09 23.20 10.30
N ARG B 334 -51.84 24.22 10.68
CA ARG B 334 -51.32 25.32 11.49
C ARG B 334 -51.03 24.85 12.91
N ASP B 400 -45.02 69.59 21.50
CA ASP B 400 -44.39 69.18 22.74
C ASP B 400 -44.95 67.85 23.23
N LEU B 401 -46.07 67.91 23.96
CA LEU B 401 -46.70 66.68 24.44
C LEU B 401 -47.31 65.88 23.30
N LYS B 402 -47.83 66.56 22.27
CA LYS B 402 -48.40 65.86 21.13
C LYS B 402 -47.33 65.17 20.30
N GLU B 403 -46.07 65.59 20.42
CA GLU B 403 -44.99 64.91 19.72
C GLU B 403 -44.80 63.50 20.22
N ALA B 404 -45.02 63.26 21.53
CA ALA B 404 -44.96 61.90 22.04
C ALA B 404 -46.07 61.04 21.45
N VAL B 405 -47.26 61.61 21.27
CA VAL B 405 -48.35 60.87 20.64
C VAL B 405 -48.01 60.55 19.19
N GLU B 406 -47.43 61.51 18.47
CA GLU B 406 -46.99 61.25 17.11
C GLU B 406 -45.93 60.16 17.06
N ALA B 407 -44.99 60.18 18.01
CA ALA B 407 -43.93 59.17 18.06
C ALA B 407 -44.49 57.79 18.37
N ILE B 408 -45.45 57.69 19.29
CA ILE B 408 -46.02 56.39 19.62
C ILE B 408 -46.87 55.88 18.47
N LYS B 409 -47.53 56.78 17.73
CA LYS B 409 -48.24 56.36 16.52
C LYS B 409 -47.26 55.84 15.47
N TYR B 410 -46.12 56.51 15.32
CA TYR B 410 -45.10 56.06 14.37
C TYR B 410 -44.57 54.69 14.74
N ILE B 411 -44.26 54.47 16.03
CA ILE B 411 -43.71 53.18 16.41
C ILE B 411 -44.77 52.08 16.33
N ALA B 412 -46.04 52.42 16.58
CA ALA B 412 -47.10 51.43 16.39
C ALA B 412 -47.27 51.06 14.93
N GLU B 413 -47.20 52.05 14.03
CA GLU B 413 -47.28 51.77 12.60
C GLU B 413 -46.10 50.92 12.15
N GLN B 414 -44.91 51.21 12.68
CA GLN B 414 -43.74 50.39 12.39
C GLN B 414 -43.92 48.96 12.89
N LEU B 415 -44.52 48.80 14.07
CA LEU B 415 -44.78 47.47 14.61
C LEU B 415 -45.80 46.72 13.75
N GLU B 416 -46.82 47.41 13.26
CA GLU B 416 -47.80 46.78 12.39
C GLU B 416 -47.17 46.34 11.07
N SER B 417 -46.32 47.20 10.49
CA SER B 417 -45.63 46.83 9.27
C SER B 417 -44.69 45.64 9.51
N ALA B 418 -44.00 45.64 10.65
CA ALA B 418 -43.12 44.54 10.99
C ALA B 418 -43.90 43.25 11.19
N SER B 419 -45.09 43.33 11.79
CA SER B 419 -45.89 42.12 11.99
C SER B 419 -46.41 41.58 10.67
N GLU B 420 -46.81 42.45 9.75
CA GLU B 420 -47.22 41.99 8.42
C GLU B 420 -46.06 41.34 7.68
N PHE B 421 -44.88 41.96 7.76
CA PHE B 421 -43.67 41.39 7.17
C PHE B 421 -43.35 40.03 7.77
N ASP B 422 -43.50 39.92 9.10
CA ASP B 422 -43.27 38.66 9.79
C ASP B 422 -44.28 37.60 9.36
N ASP B 423 -45.54 37.99 9.16
CA ASP B 423 -46.54 37.04 8.70
C ASP B 423 -46.22 36.51 7.32
N LEU B 424 -45.78 37.40 6.41
CA LEU B 424 -45.44 36.94 5.06
C LEU B 424 -44.21 36.05 5.07
N LYS B 425 -43.18 36.40 5.85
CA LYS B 425 -42.01 35.55 5.88
C LYS B 425 -42.29 34.23 6.61
N LYS B 426 -43.24 34.24 7.55
CA LYS B 426 -43.65 32.98 8.16
C LYS B 426 -44.44 32.13 7.18
N ASP B 427 -45.18 32.75 6.26
CA ASP B 427 -45.79 31.99 5.17
C ASP B 427 -44.73 31.37 4.29
N TRP B 428 -43.65 32.11 4.03
CA TRP B 428 -42.51 31.53 3.32
C TRP B 428 -41.93 30.35 4.08
N GLN B 429 -41.79 30.48 5.39
CA GLN B 429 -41.27 29.38 6.21
C GLN B 429 -42.21 28.17 6.17
N TYR B 430 -43.52 28.43 6.15
CA TYR B 430 -44.49 27.35 6.05
C TYR B 430 -44.35 26.62 4.73
N VAL B 431 -44.15 27.36 3.64
CA VAL B 431 -43.91 26.73 2.33
C VAL B 431 -42.64 25.89 2.39
N ALA B 432 -41.59 26.43 3.01
CA ALA B 432 -40.34 25.69 3.12
C ALA B 432 -40.52 24.41 3.92
N MET B 433 -41.29 24.48 5.02
CA MET B 433 -41.49 23.31 5.87
C MET B 433 -42.32 22.25 5.17
N VAL B 434 -43.37 22.67 4.44
CA VAL B 434 -44.20 21.72 3.71
C VAL B 434 -43.38 21.04 2.62
N ALA B 435 -42.60 21.83 1.88
CA ALA B 435 -41.73 21.25 0.86
C ALA B 435 -40.70 20.32 1.48
N ASP B 436 -40.20 20.67 2.68
CA ASP B 436 -39.24 19.83 3.37
C ASP B 436 -39.86 18.50 3.76
N ARG B 437 -41.10 18.51 4.24
CA ARG B 437 -41.77 17.26 4.60
C ARG B 437 -42.06 16.42 3.36
N LEU B 438 -42.47 17.07 2.26
CA LEU B 438 -42.70 16.34 1.03
C LEU B 438 -41.41 15.69 0.52
N PHE B 439 -40.30 16.43 0.61
CA PHE B 439 -39.00 15.86 0.25
C PHE B 439 -38.63 14.72 1.19
N LEU B 440 -38.98 14.84 2.47
CA LEU B 440 -38.74 13.77 3.42
C LEU B 440 -39.43 12.49 3.00
N TYR B 441 -40.73 12.58 2.71
CA TYR B 441 -41.49 11.39 2.31
C TYR B 441 -41.00 10.82 0.98
N VAL B 442 -40.75 11.71 0.00
CA VAL B 442 -40.32 11.25 -1.31
C VAL B 442 -38.95 10.57 -1.22
N PHE B 443 -38.02 11.16 -0.47
CA PHE B 443 -36.71 10.55 -0.34
C PHE B 443 -36.78 9.25 0.45
N PHE B 444 -37.65 9.18 1.47
CA PHE B 444 -37.79 7.93 2.20
C PHE B 444 -38.31 6.82 1.30
N VAL B 445 -39.35 7.11 0.50
CA VAL B 445 -39.89 6.10 -0.40
C VAL B 445 -38.86 5.70 -1.45
N ILE B 446 -38.15 6.68 -2.03
CA ILE B 446 -37.20 6.40 -3.08
C ILE B 446 -36.04 5.57 -2.56
N CYS B 447 -35.50 5.94 -1.40
CA CYS B 447 -34.36 5.19 -0.86
C CYS B 447 -34.78 3.79 -0.44
N SER B 448 -35.98 3.64 0.15
CA SER B 448 -36.45 2.32 0.54
C SER B 448 -36.66 1.43 -0.69
N ILE B 449 -37.29 1.96 -1.73
CA ILE B 449 -37.52 1.20 -2.95
C ILE B 449 -36.19 0.83 -3.60
N GLY B 450 -35.24 1.77 -3.64
CA GLY B 450 -33.96 1.49 -4.25
C GLY B 450 -33.19 0.42 -3.50
N THR B 451 -33.13 0.53 -2.18
CA THR B 451 -32.42 -0.48 -1.39
C THR B 451 -33.10 -1.84 -1.51
N PHE B 452 -34.42 -1.87 -1.49
CA PHE B 452 -35.14 -3.14 -1.61
C PHE B 452 -34.90 -3.77 -2.98
N SER B 453 -34.95 -2.97 -4.04
CA SER B 453 -34.72 -3.52 -5.38
C SER B 453 -33.30 -4.02 -5.54
N ILE B 454 -32.33 -3.25 -5.04
CA ILE B 454 -30.93 -3.67 -5.16
C ILE B 454 -30.69 -4.95 -4.38
N PHE B 455 -31.23 -5.04 -3.16
CA PHE B 455 -31.00 -6.22 -2.35
C PHE B 455 -31.76 -7.43 -2.88
N LEU B 456 -32.92 -7.21 -3.51
CA LEU B 456 -33.64 -8.32 -4.13
C LEU B 456 -32.89 -8.84 -5.34
N ASP B 457 -32.30 -7.94 -6.14
CA ASP B 457 -31.47 -8.38 -7.26
C ASP B 457 -30.25 -9.13 -6.76
N ALA B 458 -29.64 -8.66 -5.66
CA ALA B 458 -28.47 -9.34 -5.12
C ALA B 458 -28.83 -10.71 -4.56
N SER B 459 -29.98 -10.83 -3.90
CA SER B 459 -30.32 -12.07 -3.23
C SER B 459 -30.71 -13.17 -4.21
N HIS B 460 -31.14 -12.80 -5.42
CA HIS B 460 -31.52 -13.77 -6.43
C HIS B 460 -30.36 -14.20 -7.31
N ASN B 461 -29.15 -13.78 -6.99
CA ASN B 461 -27.96 -14.16 -7.75
C ASN B 461 -27.39 -15.49 -7.25
N VAL B 462 -28.25 -16.48 -7.14
CA VAL B 462 -27.83 -17.83 -6.74
C VAL B 462 -27.27 -18.54 -7.97
N PRO B 463 -26.12 -19.22 -7.85
CA PRO B 463 -25.60 -19.97 -8.98
C PRO B 463 -26.56 -21.08 -9.36
N PRO B 464 -26.67 -21.39 -10.65
CA PRO B 464 -27.65 -22.40 -11.09
C PRO B 464 -27.30 -23.78 -10.56
N ASP B 465 -28.35 -24.56 -10.31
CA ASP B 465 -28.16 -25.91 -9.79
C ASP B 465 -27.48 -26.82 -10.79
N ASN B 466 -27.64 -26.55 -12.08
CA ASN B 466 -26.97 -27.33 -13.11
C ASN B 466 -25.72 -26.59 -13.53
N PRO B 467 -24.52 -27.09 -13.22
CA PRO B 467 -23.29 -26.36 -13.56
C PRO B 467 -22.91 -26.45 -15.03
N PHE B 468 -23.62 -27.25 -15.83
CA PHE B 468 -23.34 -27.52 -17.23
C PHE B 468 -22.00 -28.19 -17.46
N ALA B 469 -21.30 -28.56 -16.39
CA ALA B 469 -20.03 -29.29 -16.44
C ALA B 469 -19.00 -28.64 -17.35
N VAL C 1 48.12 -38.09 6.01
CA VAL C 1 47.12 -37.23 5.41
C VAL C 1 45.79 -37.38 6.14
N ASN C 2 44.75 -36.77 5.58
CA ASN C 2 43.43 -36.86 6.17
C ASN C 2 42.89 -38.28 6.03
N GLU C 3 42.29 -38.79 7.10
CA GLU C 3 41.69 -40.11 7.09
C GLU C 3 40.23 -40.11 6.65
N GLU C 4 39.62 -38.93 6.53
CA GLU C 4 38.21 -38.88 6.15
C GLU C 4 38.01 -39.15 4.67
N GLU C 5 39.01 -38.87 3.84
CA GLU C 5 38.84 -39.04 2.40
C GLU C 5 38.70 -40.50 2.03
N ARG C 6 39.55 -41.36 2.59
CA ARG C 6 39.46 -42.79 2.28
C ARG C 6 38.16 -43.38 2.82
N LEU C 7 37.73 -42.94 3.99
CA LEU C 7 36.49 -43.46 4.57
C LEU C 7 35.28 -43.04 3.74
N ILE C 8 35.24 -41.77 3.31
CA ILE C 8 34.10 -41.30 2.51
C ILE C 8 34.09 -41.98 1.14
N ASN C 9 35.27 -42.14 0.53
CA ASN C 9 35.35 -42.86 -0.72
C ASN C 9 34.86 -44.29 -0.58
N ASP C 10 35.28 -44.97 0.50
CA ASP C 10 34.83 -46.34 0.74
C ASP C 10 33.32 -46.41 0.95
N LEU C 11 32.77 -45.44 1.69
CA LEU C 11 31.34 -45.47 1.95
C LEU C 11 30.53 -45.24 0.69
N LEU C 12 30.96 -44.32 -0.18
CA LEU C 12 30.10 -43.90 -1.28
C LEU C 12 30.48 -44.52 -2.62
N ILE C 13 31.73 -44.38 -3.06
CA ILE C 13 32.08 -44.80 -4.41
C ILE C 13 32.30 -46.31 -4.46
N VAL C 14 33.02 -46.87 -3.49
CA VAL C 14 33.32 -48.30 -3.49
C VAL C 14 32.06 -49.12 -3.29
N ASN C 15 31.18 -48.70 -2.38
CA ASN C 15 29.97 -49.44 -2.08
C ASN C 15 28.85 -49.19 -3.08
N LYS C 16 29.04 -48.29 -4.04
CA LYS C 16 28.01 -47.93 -5.03
C LYS C 16 26.74 -47.45 -4.33
N TYR C 17 26.90 -46.44 -3.48
CA TYR C 17 25.80 -45.92 -2.67
C TYR C 17 24.81 -45.20 -3.57
N ASN C 18 23.66 -45.82 -3.81
CA ASN C 18 22.63 -45.22 -4.64
C ASN C 18 21.80 -44.26 -3.80
N LYS C 19 21.73 -43.00 -4.23
CA LYS C 19 21.03 -41.99 -3.45
C LYS C 19 19.52 -42.18 -3.48
N HIS C 20 18.98 -42.74 -4.56
CA HIS C 20 17.54 -42.82 -4.75
C HIS C 20 16.93 -44.13 -4.27
N VAL C 21 17.54 -44.78 -3.28
CA VAL C 21 17.08 -46.06 -2.77
C VAL C 21 16.88 -45.93 -1.26
N ARG C 22 15.76 -46.44 -0.78
CA ARG C 22 15.49 -46.44 0.66
C ARG C 22 16.53 -47.31 1.38
N PRO C 23 16.95 -46.91 2.58
CA PRO C 23 17.97 -47.67 3.33
C PRO C 23 17.38 -48.84 4.11
N VAL C 24 17.00 -49.90 3.39
CA VAL C 24 16.43 -51.09 4.01
C VAL C 24 16.98 -52.33 3.32
N LYS C 25 17.17 -53.38 4.12
CA LYS C 25 17.65 -54.64 3.56
C LYS C 25 16.57 -55.37 2.76
N HIS C 26 15.32 -55.16 3.10
CA HIS C 26 14.19 -55.77 2.39
C HIS C 26 13.18 -54.70 2.05
N ASN C 27 12.49 -54.89 0.91
CA ASN C 27 11.52 -53.91 0.46
C ASN C 27 10.33 -53.81 1.40
N ASN C 28 9.95 -54.93 2.04
CA ASN C 28 8.80 -54.93 2.93
C ASN C 28 9.06 -54.24 4.25
N GLU C 29 10.31 -53.90 4.55
CA GLU C 29 10.64 -53.24 5.81
C GLU C 29 10.23 -51.77 5.75
N VAL C 30 10.50 -51.05 6.84
CA VAL C 30 10.12 -49.65 6.97
C VAL C 30 11.31 -48.88 7.53
N VAL C 31 11.31 -47.57 7.30
CA VAL C 31 12.34 -46.67 7.80
C VAL C 31 11.70 -45.71 8.78
N ASN C 32 12.22 -45.69 10.00
CA ASN C 32 11.68 -44.82 11.05
C ASN C 32 12.42 -43.49 11.00
N ILE C 33 11.71 -42.44 10.61
CA ILE C 33 12.28 -41.09 10.51
C ILE C 33 11.89 -40.34 11.77
N ALA C 34 12.79 -40.33 12.76
CA ALA C 34 12.59 -39.48 13.92
C ALA C 34 12.66 -38.01 13.49
N LEU C 35 11.76 -37.20 14.02
CA LEU C 35 11.63 -35.82 13.60
C LEU C 35 11.53 -34.91 14.82
N SER C 36 11.98 -33.67 14.65
CA SER C 36 11.93 -32.68 15.72
C SER C 36 11.96 -31.31 15.10
N LEU C 37 11.54 -30.31 15.87
CA LEU C 37 11.50 -28.93 15.42
C LEU C 37 12.14 -28.04 16.46
N THR C 38 12.78 -26.97 15.99
CA THR C 38 13.42 -26.00 16.88
C THR C 38 13.12 -24.61 16.33
N LEU C 39 12.24 -23.87 17.00
CA LEU C 39 11.84 -22.55 16.54
C LEU C 39 12.90 -21.54 16.97
N SER C 40 13.61 -20.99 15.99
CA SER C 40 14.59 -19.96 16.28
C SER C 40 13.91 -18.66 16.70
N ASN C 41 12.92 -18.23 15.93
CA ASN C 41 12.13 -17.05 16.23
C ASN C 41 10.91 -17.02 15.33
N LEU C 42 9.81 -16.47 15.86
CA LEU C 42 8.60 -16.27 15.10
C LEU C 42 8.70 -14.89 14.44
N ILE C 43 8.86 -14.87 13.12
CA ILE C 43 9.09 -13.62 12.43
C ILE C 43 7.85 -12.74 12.46
N SER C 44 6.77 -13.21 11.84
CA SER C 44 5.54 -12.44 11.78
C SER C 44 4.40 -13.35 11.37
N LEU C 45 3.21 -13.09 11.92
CA LEU C 45 1.98 -13.73 11.50
C LEU C 45 1.18 -12.66 10.79
N LYS C 46 1.37 -12.56 9.47
CA LYS C 46 0.70 -11.53 8.68
C LYS C 46 -0.78 -11.85 8.58
N GLU C 47 -1.61 -11.03 9.23
CA GLU C 47 -3.04 -11.31 9.27
C GLU C 47 -3.67 -11.20 7.88
N THR C 48 -3.31 -10.17 7.13
CA THR C 48 -3.96 -9.93 5.84
C THR C 48 -3.73 -11.09 4.87
N ASP C 49 -2.51 -11.63 4.85
CA ASP C 49 -2.19 -12.74 3.97
C ASP C 49 -2.48 -14.10 4.60
N GLU C 50 -2.87 -14.13 5.88
CA GLU C 50 -3.11 -15.38 6.61
C GLU C 50 -1.89 -16.31 6.54
N THR C 51 -0.71 -15.73 6.71
CA THR C 51 0.55 -16.44 6.50
C THR C 51 1.40 -16.34 7.75
N LEU C 52 1.90 -17.47 8.22
CA LEU C 52 2.83 -17.52 9.35
C LEU C 52 4.24 -17.75 8.83
N THR C 53 5.10 -16.76 9.02
CA THR C 53 6.49 -16.84 8.59
C THR C 53 7.34 -17.19 9.80
N SER C 54 7.98 -18.35 9.78
CA SER C 54 8.76 -18.84 10.90
C SER C 54 10.12 -19.28 10.42
N ASN C 55 11.11 -19.15 11.30
CA ASN C 55 12.48 -19.54 11.04
C ASN C 55 12.79 -20.71 11.97
N VAL C 56 12.80 -21.92 11.42
CA VAL C 56 12.88 -23.14 12.21
C VAL C 56 14.15 -23.91 11.84
N TRP C 57 14.50 -24.85 12.70
CA TRP C 57 15.62 -25.77 12.49
C TRP C 57 15.04 -27.17 12.52
N MET C 58 14.65 -27.68 11.36
CA MET C 58 14.17 -29.05 11.26
C MET C 58 15.27 -30.01 11.67
N ASP C 59 14.90 -31.00 12.47
CA ASP C 59 15.86 -32.01 12.95
C ASP C 59 15.36 -33.37 12.52
N HIS C 60 16.10 -34.02 11.63
CA HIS C 60 15.80 -35.36 11.17
C HIS C 60 16.78 -36.35 11.78
N ALA C 61 16.38 -37.61 11.82
CA ALA C 61 17.23 -38.66 12.34
C ALA C 61 16.74 -40.01 11.85
N TRP C 62 17.60 -40.75 11.19
CA TRP C 62 17.24 -42.07 10.69
C TRP C 62 18.46 -42.97 10.70
N TYR C 63 18.26 -44.22 10.33
CA TYR C 63 19.33 -45.21 10.26
C TYR C 63 19.59 -45.58 8.81
N ASP C 64 20.87 -45.77 8.49
CA ASP C 64 21.27 -46.17 7.15
C ASP C 64 22.29 -47.28 7.29
N HIS C 65 21.90 -48.50 6.90
CA HIS C 65 22.78 -49.65 7.04
C HIS C 65 23.99 -49.59 6.13
N ARG C 66 23.98 -48.74 5.11
CA ARG C 66 25.13 -48.58 4.23
C ARG C 66 26.16 -47.61 4.78
N LEU C 67 25.75 -46.67 5.64
CA LEU C 67 26.64 -45.66 6.20
C LEU C 67 27.16 -46.09 7.56
N THR C 68 27.87 -47.21 7.58
CA THR C 68 28.46 -47.72 8.80
C THR C 68 29.90 -48.11 8.56
N TRP C 69 30.73 -47.98 9.59
CA TRP C 69 32.14 -48.34 9.49
C TRP C 69 32.67 -48.70 10.87
N ASN C 70 33.78 -49.43 10.87
CA ASN C 70 34.47 -49.77 12.12
C ASN C 70 35.37 -48.62 12.50
N ALA C 71 35.15 -48.06 13.70
CA ALA C 71 35.91 -46.90 14.13
C ALA C 71 37.39 -47.22 14.30
N SER C 72 37.70 -48.38 14.89
CA SER C 72 39.08 -48.75 15.14
C SER C 72 39.84 -49.07 13.86
N GLU C 73 39.14 -49.34 12.76
CA GLU C 73 39.79 -49.69 11.51
C GLU C 73 40.16 -48.47 10.67
N TYR C 74 39.75 -47.27 11.07
CA TYR C 74 40.05 -46.06 10.33
C TYR C 74 40.64 -44.99 11.24
N SER C 75 41.57 -45.40 12.10
CA SER C 75 42.32 -44.48 12.98
C SER C 75 41.39 -43.67 13.87
N ASP C 76 40.34 -44.31 14.39
CA ASP C 76 39.45 -43.76 15.40
C ASP C 76 38.78 -42.46 14.93
N ILE C 77 38.01 -42.59 13.86
CA ILE C 77 37.16 -41.49 13.38
C ILE C 77 35.80 -41.66 14.03
N SER C 78 35.43 -40.72 14.89
CA SER C 78 34.21 -40.86 15.68
C SER C 78 32.98 -40.31 14.97
N ILE C 79 33.15 -39.43 13.99
CA ILE C 79 32.02 -38.78 13.33
C ILE C 79 32.44 -38.37 11.93
N LEU C 80 31.45 -38.12 11.08
CA LEU C 80 31.67 -37.80 9.68
C LEU C 80 30.68 -36.72 9.26
N ARG C 81 31.01 -36.01 8.18
CA ARG C 81 30.13 -35.00 7.62
C ARG C 81 30.03 -35.19 6.11
N LEU C 82 28.80 -35.09 5.59
CA LEU C 82 28.53 -35.32 4.19
C LEU C 82 27.41 -34.39 3.74
N PRO C 83 27.53 -33.76 2.57
CA PRO C 83 26.46 -32.88 2.08
C PRO C 83 25.24 -33.69 1.69
N PRO C 84 24.04 -33.08 1.71
CA PRO C 84 22.83 -33.84 1.39
C PRO C 84 22.80 -34.38 -0.02
N GLU C 85 23.50 -33.76 -0.96
CA GLU C 85 23.46 -34.22 -2.35
C GLU C 85 24.14 -35.57 -2.54
N LEU C 86 24.83 -36.07 -1.54
CA LEU C 86 25.57 -37.32 -1.67
C LEU C 86 24.98 -38.47 -0.88
N VAL C 87 23.98 -38.22 -0.03
CA VAL C 87 23.37 -39.26 0.78
C VAL C 87 21.86 -39.22 0.62
N TRP C 88 21.22 -40.37 0.84
CA TRP C 88 19.77 -40.44 0.80
C TRP C 88 19.17 -39.67 1.97
N ILE C 89 18.23 -38.79 1.67
CA ILE C 89 17.55 -38.04 2.72
C ILE C 89 16.05 -38.17 2.53
N PRO C 90 15.26 -38.24 3.60
CA PRO C 90 13.80 -38.25 3.46
C PRO C 90 13.30 -36.82 3.25
N ASP C 91 12.57 -36.62 2.16
CA ASP C 91 12.07 -35.29 1.81
C ASP C 91 10.79 -35.02 2.59
N ILE C 92 10.97 -34.62 3.84
CA ILE C 92 9.84 -34.20 4.68
C ILE C 92 9.41 -32.81 4.21
N VAL C 93 8.24 -32.74 3.59
CA VAL C 93 7.80 -31.56 2.86
C VAL C 93 6.65 -30.91 3.61
N LEU C 94 6.77 -29.62 3.87
CA LEU C 94 5.69 -28.85 4.48
C LEU C 94 4.55 -28.75 3.48
N GLN C 95 3.45 -29.47 3.73
CA GLN C 95 2.37 -29.56 2.76
C GLN C 95 1.64 -28.22 2.63
N ASN C 96 1.29 -27.61 3.75
CA ASN C 96 0.55 -26.35 3.73
C ASN C 96 1.53 -25.19 3.74
N ASN C 97 1.54 -24.42 2.65
CA ASN C 97 2.43 -23.27 2.53
C ASN C 97 1.89 -22.36 1.43
N ASN C 98 1.91 -21.05 1.70
CA ASN C 98 1.33 -20.09 0.77
C ASN C 98 2.18 -19.85 -0.46
N ASP C 99 3.49 -20.07 -0.37
CA ASP C 99 4.39 -19.89 -1.50
C ASP C 99 4.83 -21.26 -2.03
N GLY C 100 5.70 -21.24 -3.02
CA GLY C 100 6.19 -22.48 -3.58
C GLY C 100 7.32 -23.14 -2.83
N GLN C 101 7.78 -22.53 -1.74
CA GLN C 101 8.92 -23.05 -1.00
C GLN C 101 8.46 -24.21 -0.12
N TYR C 102 8.60 -25.43 -0.62
CA TYR C 102 8.22 -26.62 0.11
C TYR C 102 9.35 -27.19 0.95
N HIS C 103 10.59 -27.12 0.45
CA HIS C 103 11.71 -27.79 1.09
C HIS C 103 12.38 -26.87 2.11
N VAL C 104 13.43 -27.39 2.75
CA VAL C 104 14.25 -26.58 3.65
C VAL C 104 15.10 -25.62 2.82
N ALA C 105 15.63 -24.60 3.50
CA ALA C 105 16.26 -23.48 2.83
C ALA C 105 17.78 -23.58 2.73
N TYR C 106 18.41 -24.55 3.38
CA TYR C 106 19.86 -24.49 3.31
C TYR C 106 20.53 -25.78 2.87
N PHE C 107 20.01 -26.94 3.27
CA PHE C 107 20.63 -28.23 3.00
C PHE C 107 22.06 -28.30 3.55
N CYS C 108 22.15 -28.21 4.87
CA CYS C 108 23.44 -28.31 5.54
C CYS C 108 23.93 -29.75 5.54
N ASN C 109 25.19 -29.94 5.94
CA ASN C 109 25.77 -31.26 6.00
C ASN C 109 25.09 -32.11 7.05
N VAL C 110 25.02 -33.41 6.79
CA VAL C 110 24.51 -34.38 7.74
C VAL C 110 25.70 -34.96 8.50
N LEU C 111 25.41 -35.58 9.64
CA LEU C 111 26.43 -36.16 10.49
C LEU C 111 26.17 -37.65 10.62
N VAL C 112 27.19 -38.46 10.33
CA VAL C 112 27.08 -39.91 10.33
C VAL C 112 28.00 -40.46 11.39
N ARG C 113 27.47 -41.32 12.24
CA ARG C 113 28.22 -41.98 13.30
C ARG C 113 28.53 -43.42 12.91
N PRO C 114 29.54 -44.05 13.52
CA PRO C 114 29.93 -45.40 13.07
C PRO C 114 28.85 -46.45 13.22
N ASN C 115 27.86 -46.24 14.09
CA ASN C 115 26.77 -47.20 14.22
C ASN C 115 25.74 -47.07 13.11
N GLY C 116 25.85 -46.05 12.26
CA GLY C 116 24.91 -45.82 11.18
C GLY C 116 23.91 -44.72 11.45
N TYR C 117 23.84 -44.21 12.68
CA TYR C 117 22.89 -43.17 13.01
C TYR C 117 23.23 -41.88 12.29
N VAL C 118 22.25 -41.30 11.61
CA VAL C 118 22.44 -40.11 10.79
C VAL C 118 21.50 -39.03 11.30
N THR C 119 22.05 -37.85 11.58
CA THR C 119 21.26 -36.70 12.01
C THR C 119 21.46 -35.56 11.02
N TRP C 120 20.40 -34.79 10.80
CA TRP C 120 20.41 -33.69 9.85
C TRP C 120 19.66 -32.53 10.46
N LEU C 121 20.25 -31.34 10.40
CA LEU C 121 19.65 -30.14 11.00
C LEU C 121 19.65 -28.99 10.01
N PRO C 122 18.82 -29.04 8.97
CA PRO C 122 18.77 -27.94 8.01
C PRO C 122 17.87 -26.82 8.51
N PRO C 123 18.38 -25.59 8.55
CA PRO C 123 17.52 -24.46 8.85
C PRO C 123 16.60 -24.17 7.67
N ALA C 124 15.45 -23.56 7.97
CA ALA C 124 14.46 -23.30 6.94
C ALA C 124 13.61 -22.12 7.34
N ILE C 125 13.05 -21.45 6.33
CA ILE C 125 12.08 -20.39 6.52
C ILE C 125 10.79 -20.84 5.84
N PHE C 126 9.75 -21.04 6.64
CA PHE C 126 8.50 -21.60 6.16
C PHE C 126 7.38 -20.57 6.29
N ARG C 127 6.70 -20.31 5.18
CA ARG C 127 5.53 -19.43 5.17
C ARG C 127 4.29 -20.30 5.04
N SER C 128 3.84 -20.85 6.17
CA SER C 128 2.69 -21.73 6.17
C SER C 128 1.40 -20.93 6.13
N SER C 129 0.32 -21.62 5.75
CA SER C 129 -1.00 -21.01 5.70
C SER C 129 -1.69 -21.25 7.04
N CYS C 130 -2.07 -20.18 7.70
CA CYS C 130 -2.73 -20.26 9.02
C CYS C 130 -4.11 -19.65 8.92
N PRO C 131 -5.18 -20.45 8.95
CA PRO C 131 -6.53 -19.88 9.00
C PRO C 131 -6.73 -19.14 10.31
N ILE C 132 -6.92 -17.83 10.21
CA ILE C 132 -6.93 -16.95 11.37
C ILE C 132 -8.35 -16.81 11.88
N ASN C 133 -8.57 -17.17 13.14
CA ASN C 133 -9.84 -16.98 13.81
C ASN C 133 -9.87 -15.57 14.38
N VAL C 134 -10.65 -14.69 13.76
CA VAL C 134 -10.65 -13.28 14.11
C VAL C 134 -11.76 -12.94 15.09
N LEU C 135 -12.33 -13.95 15.77
CA LEU C 135 -13.52 -13.73 16.58
C LEU C 135 -13.26 -12.76 17.73
N TYR C 136 -12.12 -12.88 18.41
CA TYR C 136 -11.81 -12.05 19.55
C TYR C 136 -10.67 -11.06 19.27
N PHE C 137 -10.49 -10.68 18.02
CA PHE C 137 -9.44 -9.73 17.67
C PHE C 137 -9.69 -8.38 18.36
N PRO C 138 -8.66 -7.72 18.89
CA PRO C 138 -7.25 -8.09 18.92
C PRO C 138 -6.82 -8.89 20.15
N PHE C 139 -7.72 -9.10 21.12
CA PHE C 139 -7.39 -9.88 22.32
C PHE C 139 -7.59 -11.37 22.04
N ASP C 140 -6.86 -11.86 21.04
CA ASP C 140 -7.13 -13.15 20.45
C ASP C 140 -5.88 -14.02 20.45
N TRP C 141 -6.11 -15.33 20.42
CA TRP C 141 -5.06 -16.32 20.30
C TRP C 141 -5.32 -17.17 19.07
N GLN C 142 -4.26 -17.52 18.36
CA GLN C 142 -4.36 -18.29 17.14
C GLN C 142 -3.92 -19.72 17.38
N ASN C 143 -4.16 -20.56 16.37
CA ASN C 143 -3.84 -21.98 16.41
C ASN C 143 -3.15 -22.39 15.12
N CYS C 144 -2.13 -21.63 14.74
CA CYS C 144 -1.39 -21.93 13.53
C CYS C 144 -0.66 -23.27 13.67
N SER C 145 -0.55 -23.98 12.55
CA SER C 145 0.05 -25.31 12.56
C SER C 145 0.92 -25.49 11.32
N LEU C 146 1.84 -26.44 11.40
CA LEU C 146 2.69 -26.82 10.29
C LEU C 146 2.52 -28.30 10.03
N LYS C 147 2.15 -28.65 8.81
CA LYS C 147 1.83 -30.03 8.45
C LYS C 147 2.97 -30.60 7.63
N PHE C 148 3.73 -31.51 8.22
CA PHE C 148 4.88 -32.12 7.57
C PHE C 148 4.49 -33.51 7.10
N THR C 149 4.44 -33.70 5.79
CA THR C 149 4.11 -34.99 5.20
C THR C 149 5.22 -35.43 4.26
N ALA C 150 5.55 -36.72 4.32
CA ALA C 150 6.57 -37.30 3.45
C ALA C 150 5.87 -37.75 2.17
N LEU C 151 5.87 -36.87 1.17
CA LEU C 151 5.16 -37.15 -0.06
C LEU C 151 5.90 -38.07 -1.01
N ASN C 152 7.20 -38.28 -0.79
CA ASN C 152 7.95 -39.13 -1.70
C ASN C 152 7.73 -40.62 -1.47
N TYR C 153 7.26 -41.01 -0.29
CA TYR C 153 7.06 -42.41 0.02
C TYR C 153 5.77 -42.58 0.80
N ASP C 154 5.22 -43.78 0.74
CA ASP C 154 4.00 -44.10 1.46
C ASP C 154 4.31 -44.57 2.88
N ALA C 155 3.27 -44.66 3.70
CA ALA C 155 3.44 -45.04 5.09
C ALA C 155 3.84 -46.49 5.29
N ASN C 156 3.72 -47.32 4.26
CA ASN C 156 4.25 -48.67 4.32
C ASN C 156 5.72 -48.75 3.94
N GLU C 157 6.32 -47.62 3.56
CA GLU C 157 7.74 -47.56 3.23
C GLU C 157 8.54 -46.79 4.26
N ILE C 158 8.08 -45.63 4.70
CA ILE C 158 8.68 -44.91 5.81
C ILE C 158 7.59 -44.50 6.78
N THR C 159 7.94 -44.48 8.07
CA THR C 159 7.03 -44.03 9.12
C THR C 159 7.68 -42.88 9.86
N MET C 160 6.99 -41.75 9.93
CA MET C 160 7.49 -40.57 10.61
C MET C 160 7.10 -40.63 12.07
N ASP C 161 8.07 -40.51 12.96
CA ASP C 161 7.86 -40.54 14.39
C ASP C 161 8.35 -39.23 15.00
N LEU C 162 8.30 -39.17 16.33
CA LEU C 162 8.85 -38.03 17.06
C LEU C 162 10.14 -38.44 17.75
N MET C 163 11.13 -37.56 17.68
CA MET C 163 12.46 -37.89 18.21
C MET C 163 12.42 -38.00 19.72
N THR C 164 13.15 -38.97 20.26
CA THR C 164 13.12 -39.29 21.67
C THR C 164 14.48 -39.03 22.30
N ASP C 165 14.47 -38.43 23.49
CA ASP C 165 15.66 -38.23 24.28
C ASP C 165 15.65 -39.20 25.46
N THR C 166 16.80 -39.31 26.12
CA THR C 166 16.95 -40.17 27.28
C THR C 166 17.15 -39.31 28.52
N ILE C 167 16.24 -39.45 29.48
CA ILE C 167 16.33 -38.78 30.78
C ILE C 167 16.31 -39.84 31.85
N ASP C 168 17.39 -39.91 32.64
CA ASP C 168 17.54 -40.88 33.74
C ASP C 168 17.38 -42.32 33.25
N GLY C 169 17.90 -42.60 32.05
CA GLY C 169 17.87 -43.94 31.51
C GLY C 169 16.56 -44.37 30.88
N LYS C 170 15.57 -43.49 30.80
CA LYS C 170 14.28 -43.80 30.22
C LYS C 170 13.98 -42.82 29.08
N ASP C 171 13.36 -43.34 28.03
CA ASP C 171 13.12 -42.55 26.81
C ASP C 171 11.82 -41.78 26.94
N TYR C 172 11.91 -40.46 26.80
CA TYR C 172 10.73 -39.59 26.81
C TYR C 172 10.58 -38.96 25.45
N PRO C 173 9.51 -39.25 24.70
CA PRO C 173 9.37 -38.68 23.36
C PRO C 173 9.10 -37.18 23.42
N ILE C 174 9.76 -36.45 22.53
CA ILE C 174 9.62 -35.00 22.47
C ILE C 174 8.29 -34.69 21.79
N GLU C 175 7.26 -34.43 22.58
CA GLU C 175 5.95 -34.08 22.07
C GLU C 175 5.71 -32.57 22.10
N TRP C 176 6.75 -31.79 21.86
CA TRP C 176 6.65 -30.33 21.89
C TRP C 176 7.72 -29.74 20.99
N ILE C 177 7.61 -28.44 20.76
CA ILE C 177 8.60 -27.72 19.97
C ILE C 177 9.77 -27.32 20.86
N ILE C 178 10.98 -27.68 20.44
CA ILE C 178 12.17 -27.36 21.21
C ILE C 178 12.48 -25.88 21.05
N ILE C 179 12.62 -25.18 22.17
CA ILE C 179 13.01 -23.77 22.18
C ILE C 179 14.18 -23.61 23.14
N ASP C 180 15.31 -23.16 22.63
CA ASP C 180 16.47 -22.87 23.46
C ASP C 180 16.30 -21.47 24.04
N PRO C 181 16.16 -21.34 25.36
CA PRO C 181 15.86 -20.01 25.94
C PRO C 181 16.91 -18.96 25.68
N GLU C 182 18.19 -19.35 25.56
CA GLU C 182 19.24 -18.36 25.32
C GLU C 182 19.24 -17.88 23.88
N ALA C 183 18.94 -18.77 22.93
CA ALA C 183 19.03 -18.47 21.51
C ALA C 183 17.70 -18.02 20.91
N PHE C 184 16.68 -17.82 21.74
CA PHE C 184 15.36 -17.41 21.27
C PHE C 184 14.97 -16.10 21.94
N THR C 185 14.44 -15.18 21.14
CA THR C 185 13.89 -13.92 21.64
C THR C 185 12.41 -13.85 21.32
N GLU C 186 11.64 -13.32 22.27
CA GLU C 186 10.20 -13.21 22.08
C GLU C 186 9.89 -12.24 20.95
N ASN C 187 8.86 -12.58 20.17
CA ASN C 187 8.42 -11.69 19.11
C ASN C 187 7.85 -10.42 19.70
N GLY C 188 7.91 -9.35 18.90
CA GLY C 188 7.43 -8.06 19.36
C GLY C 188 5.93 -7.97 19.53
N GLU C 189 5.17 -8.92 18.99
CA GLU C 189 3.72 -8.89 19.10
C GLU C 189 3.09 -10.22 19.50
N TRP C 190 3.79 -11.34 19.41
CA TRP C 190 3.21 -12.64 19.69
C TRP C 190 4.02 -13.37 20.76
N GLU C 191 3.31 -14.11 21.61
CA GLU C 191 3.92 -14.88 22.69
C GLU C 191 3.44 -16.31 22.61
N ILE C 192 4.38 -17.25 22.62
CA ILE C 192 4.03 -18.67 22.53
C ILE C 192 3.51 -19.12 23.88
N ILE C 193 2.34 -19.75 23.87
CA ILE C 193 1.75 -20.27 25.11
C ILE C 193 1.86 -21.78 25.12
N HIS C 194 1.33 -22.42 24.08
CA HIS C 194 1.38 -23.86 23.93
C HIS C 194 2.05 -24.20 22.60
N LYS C 195 2.91 -25.22 22.65
CA LYS C 195 3.62 -25.67 21.46
C LYS C 195 3.58 -27.20 21.38
N PRO C 196 2.39 -27.77 21.18
CA PRO C 196 2.29 -29.23 21.15
C PRO C 196 2.75 -29.80 19.83
N ALA C 197 3.29 -31.02 19.90
CA ALA C 197 3.71 -31.77 18.72
C ALA C 197 3.00 -33.11 18.74
N LYS C 198 2.42 -33.48 17.61
CA LYS C 198 1.58 -34.67 17.54
C LYS C 198 1.86 -35.40 16.23
N LYS C 199 1.63 -36.70 16.23
CA LYS C 199 1.66 -37.51 15.02
C LYS C 199 0.25 -38.00 14.74
N ASN C 200 -0.25 -37.71 13.55
CA ASN C 200 -1.62 -38.04 13.16
C ASN C 200 -1.61 -39.19 12.18
N ILE C 201 -2.47 -40.17 12.42
CA ILE C 201 -2.71 -41.28 11.50
C ILE C 201 -4.17 -41.27 11.11
N TYR C 202 -4.43 -41.29 9.80
CA TYR C 202 -5.80 -41.25 9.32
C TYR C 202 -6.25 -42.65 8.97
N PRO C 203 -7.18 -43.25 9.72
CA PRO C 203 -7.53 -44.65 9.48
C PRO C 203 -8.39 -44.85 8.24
N ASP C 204 -9.12 -43.81 7.84
CA ASP C 204 -10.00 -43.93 6.68
C ASP C 204 -9.23 -43.96 5.37
N LYS C 205 -7.95 -43.63 5.37
CA LYS C 205 -7.11 -43.75 4.20
C LYS C 205 -6.26 -45.01 4.30
N PHE C 206 -5.93 -45.57 3.15
CA PHE C 206 -5.18 -46.80 3.13
C PHE C 206 -3.70 -46.56 3.47
N PRO C 207 -3.04 -47.54 4.10
CA PRO C 207 -1.62 -47.37 4.42
C PRO C 207 -0.73 -47.20 3.19
N ASN C 208 -1.06 -47.81 2.06
CA ASN C 208 -0.21 -47.67 0.88
C ASN C 208 -0.34 -46.30 0.23
N GLY C 209 -1.29 -45.47 0.66
CA GLY C 209 -1.37 -44.13 0.16
C GLY C 209 -0.32 -43.21 0.77
N THR C 210 -0.24 -42.00 0.23
CA THR C 210 0.72 -41.01 0.70
C THR C 210 0.13 -40.09 1.77
N ASN C 211 -1.12 -40.31 2.17
CA ASN C 211 -1.78 -39.47 3.17
C ASN C 211 -2.10 -40.23 4.44
N TYR C 212 -1.53 -41.41 4.64
CA TYR C 212 -1.82 -42.20 5.83
C TYR C 212 -1.12 -41.65 7.07
N GLN C 213 0.01 -40.98 6.90
CA GLN C 213 0.82 -40.50 8.01
C GLN C 213 0.98 -38.99 7.95
N ASP C 214 1.24 -38.40 9.11
CA ASP C 214 1.32 -36.95 9.22
C ASP C 214 1.99 -36.60 10.54
N VAL C 215 2.85 -35.58 10.50
CA VAL C 215 3.45 -35.01 11.71
C VAL C 215 3.13 -33.52 11.72
N THR C 216 2.50 -33.06 12.78
CA THR C 216 2.02 -31.68 12.85
C THR C 216 2.54 -31.02 14.11
N PHE C 217 3.09 -29.82 13.96
CA PHE C 217 3.54 -29.00 15.07
C PHE C 217 2.62 -27.80 15.18
N TYR C 218 2.04 -27.59 16.35
CA TYR C 218 1.09 -26.51 16.58
C TYR C 218 1.75 -25.40 17.38
N LEU C 219 1.35 -24.15 17.10
CA LEU C 219 1.88 -22.98 17.77
C LEU C 219 0.69 -22.14 18.25
N ILE C 220 0.20 -22.43 19.45
CA ILE C 220 -0.90 -21.67 20.04
C ILE C 220 -0.29 -20.38 20.58
N ILE C 221 -0.37 -19.31 19.80
CA ILE C 221 0.29 -18.06 20.11
C ILE C 221 -0.76 -17.03 20.49
N ARG C 222 -0.46 -16.25 21.53
CA ARG C 222 -1.35 -15.21 22.02
C ARG C 222 -0.79 -13.84 21.63
N ARG C 223 -1.63 -13.02 21.02
CA ARG C 223 -1.21 -11.67 20.65
C ARG C 223 -1.11 -10.78 21.88
N LYS C 224 -0.04 -10.01 21.97
CA LYS C 224 0.06 -8.99 22.99
C LYS C 224 -0.68 -7.75 22.50
N PRO C 225 -1.76 -7.37 23.17
CA PRO C 225 -2.63 -6.33 22.61
C PRO C 225 -2.25 -4.91 22.99
N LEU C 226 -1.03 -4.71 23.50
CA LEU C 226 -0.67 -3.41 24.05
C LEU C 226 -0.68 -2.32 22.99
N PHE C 227 -0.11 -2.59 21.81
CA PHE C 227 -0.09 -1.58 20.76
C PHE C 227 -1.49 -1.22 20.29
N TYR C 228 -2.35 -2.23 20.12
CA TYR C 228 -3.72 -1.96 19.70
C TYR C 228 -4.50 -1.24 20.78
N VAL C 229 -4.22 -1.54 22.05
CA VAL C 229 -4.87 -0.82 23.15
C VAL C 229 -4.46 0.66 23.12
N ILE C 230 -3.18 0.93 22.88
CA ILE C 230 -2.70 2.30 22.91
C ILE C 230 -3.24 3.09 21.71
N ASN C 231 -3.20 2.51 20.52
CA ASN C 231 -3.44 3.28 19.31
C ASN C 231 -4.87 3.18 18.77
N PHE C 232 -5.60 2.11 19.06
CA PHE C 232 -6.94 1.93 18.50
C PHE C 232 -8.03 1.93 19.56
N ILE C 233 -7.89 1.11 20.61
CA ILE C 233 -8.96 0.94 21.58
C ILE C 233 -9.18 2.21 22.39
N THR C 234 -8.10 2.76 22.95
CA THR C 234 -8.21 3.95 23.80
C THR C 234 -8.72 5.17 23.04
N PRO C 235 -8.17 5.54 21.87
CA PRO C 235 -8.76 6.68 21.15
C PRO C 235 -10.21 6.47 20.78
N CYS C 236 -10.58 5.24 20.42
CA CYS C 236 -11.96 4.96 20.02
C CYS C 236 -12.92 5.14 21.20
N VAL C 237 -12.56 4.60 22.37
CA VAL C 237 -13.46 4.72 23.51
C VAL C 237 -13.51 6.17 24.00
N LEU C 238 -12.39 6.89 23.92
CA LEU C 238 -12.41 8.30 24.34
C LEU C 238 -13.24 9.15 23.39
N ILE C 239 -13.19 8.87 22.09
CA ILE C 239 -14.01 9.59 21.13
C ILE C 239 -15.48 9.25 21.35
N SER C 240 -15.78 7.99 21.68
CA SER C 240 -17.15 7.62 21.99
C SER C 240 -17.66 8.33 23.23
N PHE C 241 -16.77 8.61 24.20
CA PHE C 241 -17.18 9.42 25.34
C PHE C 241 -17.55 10.83 24.92
N LEU C 242 -16.99 11.34 23.82
CA LEU C 242 -17.44 12.63 23.32
C LEU C 242 -18.84 12.55 22.74
N ALA C 243 -19.21 11.43 22.11
CA ALA C 243 -20.60 11.22 21.72
C ALA C 243 -21.49 11.17 22.95
N SER C 244 -21.01 10.57 24.03
CA SER C 244 -21.76 10.56 25.28
C SER C 244 -21.99 11.97 25.79
N LEU C 245 -20.96 12.81 25.75
CA LEU C 245 -21.06 14.19 26.25
C LEU C 245 -21.69 15.15 25.26
N ALA C 246 -21.96 14.71 24.03
CA ALA C 246 -22.63 15.57 23.06
C ALA C 246 -24.00 16.02 23.55
N PHE C 247 -24.66 15.20 24.37
CA PHE C 247 -25.93 15.60 24.95
C PHE C 247 -25.78 16.73 25.96
N TYR C 248 -24.58 16.95 26.49
CA TYR C 248 -24.36 18.03 27.44
C TYR C 248 -24.32 19.40 26.78
N LEU C 249 -24.17 19.47 25.47
CA LEU C 249 -24.22 20.75 24.77
C LEU C 249 -25.65 21.28 24.75
N PRO C 250 -25.83 22.60 24.78
CA PRO C 250 -27.18 23.16 24.75
C PRO C 250 -27.66 23.35 23.33
N ALA C 251 -28.98 23.49 23.20
CA ALA C 251 -29.60 23.69 21.90
C ALA C 251 -29.36 25.08 21.35
N GLU C 252 -28.98 26.04 22.21
CA GLU C 252 -28.80 27.41 21.76
C GLU C 252 -27.64 27.53 20.79
N SER C 253 -26.49 26.94 21.13
CA SER C 253 -25.33 27.00 20.25
C SER C 253 -25.54 26.09 19.05
N GLY C 254 -24.96 26.49 17.93
CA GLY C 254 -25.04 25.69 16.72
C GLY C 254 -23.98 24.61 16.68
N GLU C 255 -23.82 23.88 17.77
CA GLU C 255 -22.80 22.86 17.88
C GLU C 255 -23.32 21.52 18.33
N LYS C 256 -24.61 21.39 18.61
CA LYS C 256 -25.16 20.12 19.08
C LYS C 256 -25.00 19.02 18.04
N MET C 257 -25.31 19.33 16.78
CA MET C 257 -25.18 18.34 15.72
C MET C 257 -23.74 18.13 15.29
N SER C 258 -22.92 19.19 15.34
CA SER C 258 -21.58 19.13 14.77
C SER C 258 -20.68 18.18 15.54
N THR C 259 -20.77 18.17 16.88
CA THR C 259 -19.92 17.27 17.65
C THR C 259 -20.30 15.82 17.43
N ALA C 260 -21.60 15.51 17.36
CA ALA C 260 -22.02 14.14 17.09
C ALA C 260 -21.59 13.72 15.68
N ILE C 261 -21.70 14.63 14.72
CA ILE C 261 -21.27 14.35 13.36
C ILE C 261 -19.78 14.05 13.32
N SER C 262 -18.98 14.87 14.00
CA SER C 262 -17.53 14.66 13.99
C SER C 262 -17.15 13.38 14.70
N VAL C 263 -17.86 13.02 15.77
CA VAL C 263 -17.58 11.77 16.45
C VAL C 263 -17.92 10.58 15.55
N LEU C 264 -19.06 10.65 14.85
CA LEU C 264 -19.40 9.58 13.91
C LEU C 264 -18.36 9.48 12.80
N LEU C 265 -17.87 10.62 12.31
CA LEU C 265 -16.82 10.60 11.30
C LEU C 265 -15.55 9.95 11.82
N ALA C 266 -15.18 10.24 13.07
CA ALA C 266 -14.01 9.61 13.66
C ALA C 266 -14.20 8.10 13.80
N GLN C 267 -15.40 7.67 14.20
CA GLN C 267 -15.69 6.24 14.28
C GLN C 267 -15.58 5.59 12.91
N ALA C 268 -16.09 6.26 11.87
CA ALA C 268 -15.98 5.73 10.51
C ALA C 268 -14.54 5.66 10.06
N VAL C 269 -13.73 6.63 10.46
CA VAL C 269 -12.31 6.61 10.12
C VAL C 269 -11.61 5.42 10.79
N PHE C 270 -11.93 5.17 12.06
CA PHE C 270 -11.39 4.00 12.72
C PHE C 270 -11.87 2.70 12.08
N LEU C 271 -13.11 2.70 11.57
CA LEU C 271 -13.60 1.55 10.83
C LEU C 271 -12.81 1.35 9.54
N LEU C 272 -12.49 2.45 8.87
CA LEU C 272 -11.65 2.39 7.67
C LEU C 272 -10.27 1.85 7.98
N LEU C 273 -9.71 2.24 9.12
CA LEU C 273 -8.39 1.74 9.52
C LEU C 273 -8.43 0.25 9.82
N THR C 274 -9.41 -0.18 10.63
CA THR C 274 -9.43 -1.57 11.07
C THR C 274 -9.82 -2.53 9.96
N SER C 275 -10.40 -2.03 8.87
CA SER C 275 -10.73 -2.91 7.74
C SER C 275 -9.49 -3.40 7.02
N GLN C 276 -8.37 -2.69 7.17
CA GLN C 276 -7.14 -3.03 6.47
C GLN C 276 -6.20 -3.90 7.28
N ARG C 277 -6.59 -4.30 8.49
CA ARG C 277 -5.72 -5.04 9.38
C ARG C 277 -6.14 -6.48 9.59
N LEU C 278 -7.35 -6.85 9.20
CA LEU C 278 -7.87 -8.19 9.43
C LEU C 278 -8.36 -8.79 8.12
N PRO C 279 -8.34 -10.11 7.99
CA PRO C 279 -8.77 -10.74 6.74
C PRO C 279 -10.25 -10.51 6.46
N GLU C 280 -10.59 -10.60 5.18
CA GLU C 280 -11.97 -10.43 4.73
C GLU C 280 -12.80 -11.70 4.87
N THR C 281 -12.36 -12.65 5.68
CA THR C 281 -13.12 -13.88 5.88
C THR C 281 -14.43 -13.59 6.58
N ALA C 282 -15.44 -14.39 6.27
CA ALA C 282 -16.80 -14.18 6.77
C ALA C 282 -17.22 -15.23 7.78
N LEU C 283 -16.25 -15.87 8.44
CA LEU C 283 -16.57 -16.81 9.50
C LEU C 283 -17.24 -16.09 10.67
N ALA C 284 -16.66 -14.98 11.11
CA ALA C 284 -17.23 -14.18 12.18
C ALA C 284 -16.67 -12.77 12.10
N VAL C 285 -17.43 -11.82 12.62
CA VAL C 285 -16.97 -10.44 12.72
C VAL C 285 -15.95 -10.35 13.85
N PRO C 286 -14.94 -9.49 13.76
CA PRO C 286 -14.00 -9.33 14.86
C PRO C 286 -14.67 -8.70 16.07
N LEU C 287 -14.05 -8.88 17.23
CA LEU C 287 -14.56 -8.26 18.44
C LEU C 287 -14.50 -6.74 18.33
N ILE C 288 -13.37 -6.21 17.90
CA ILE C 288 -13.25 -4.76 17.72
C ILE C 288 -14.19 -4.29 16.62
N GLY C 289 -14.36 -5.09 15.57
CA GLY C 289 -15.27 -4.71 14.50
C GLY C 289 -16.72 -4.66 14.93
N LYS C 290 -17.16 -5.66 15.70
CA LYS C 290 -18.55 -5.66 16.15
C LYS C 290 -18.78 -4.61 17.23
N TYR C 291 -17.78 -4.33 18.06
CA TYR C 291 -17.88 -3.21 18.97
C TYR C 291 -17.97 -1.89 18.20
N LEU C 292 -17.20 -1.76 17.13
CA LEU C 292 -17.24 -0.57 16.29
C LEU C 292 -18.61 -0.40 15.66
N MET C 293 -19.19 -1.50 15.18
CA MET C 293 -20.54 -1.44 14.62
C MET C 293 -21.57 -1.07 15.69
N PHE C 294 -21.42 -1.62 16.90
CA PHE C 294 -22.34 -1.28 17.98
C PHE C 294 -22.27 0.20 18.31
N ILE C 295 -21.05 0.73 18.49
CA ILE C 295 -20.91 2.12 18.88
C ILE C 295 -21.27 3.04 17.72
N MET C 296 -21.09 2.60 16.48
CA MET C 296 -21.45 3.42 15.33
C MET C 296 -22.96 3.50 15.15
N SER C 297 -23.66 2.37 15.32
CA SER C 297 -25.11 2.40 15.30
C SER C 297 -25.65 3.21 16.47
N LEU C 298 -25.00 3.11 17.63
CA LEU C 298 -25.43 3.89 18.77
C LEU C 298 -25.24 5.39 18.53
N VAL C 299 -24.11 5.80 17.94
CA VAL C 299 -23.91 7.23 17.70
C VAL C 299 -24.79 7.70 16.55
N THR C 300 -25.17 6.81 15.63
CA THR C 300 -26.18 7.16 14.64
C THR C 300 -27.51 7.43 15.31
N GLY C 301 -27.89 6.59 16.28
CA GLY C 301 -29.06 6.88 17.09
C GLY C 301 -28.91 8.16 17.88
N VAL C 302 -27.69 8.47 18.31
CA VAL C 302 -27.42 9.73 19.00
C VAL C 302 -27.69 10.91 18.08
N ILE C 303 -27.24 10.82 16.83
CA ILE C 303 -27.46 11.89 15.87
C ILE C 303 -28.95 12.04 15.55
N VAL C 304 -29.65 10.91 15.44
CA VAL C 304 -31.10 10.96 15.24
C VAL C 304 -31.77 11.66 16.42
N ASN C 305 -31.35 11.33 17.63
CA ASN C 305 -31.92 11.97 18.82
C ASN C 305 -31.57 13.45 18.87
N CYS C 306 -30.37 13.82 18.44
CA CYS C 306 -29.99 15.22 18.37
C CYS C 306 -30.86 15.98 17.40
N GLY C 307 -31.14 15.38 16.24
CA GLY C 307 -32.06 15.98 15.29
C GLY C 307 -33.45 16.14 15.87
N ILE C 308 -33.91 15.13 16.63
CA ILE C 308 -35.22 15.21 17.27
C ILE C 308 -35.26 16.35 18.28
N VAL C 309 -34.22 16.48 19.11
CA VAL C 309 -34.18 17.55 20.10
C VAL C 309 -34.11 18.91 19.42
N LEU C 310 -33.33 19.03 18.35
CA LEU C 310 -33.25 20.29 17.63
C LEU C 310 -34.60 20.65 17.01
N ASN C 311 -35.32 19.66 16.49
CA ASN C 311 -36.66 19.92 15.98
C ASN C 311 -37.58 20.40 17.08
N PHE C 312 -37.56 19.72 18.23
CA PHE C 312 -38.43 20.11 19.33
C PHE C 312 -38.05 21.45 19.93
N HIS C 313 -36.80 21.88 19.75
CA HIS C 313 -36.36 23.16 20.30
C HIS C 313 -36.86 24.34 19.47
N PHE C 314 -37.00 24.16 18.15
CA PHE C 314 -37.40 25.24 17.25
C PHE C 314 -38.86 25.15 16.83
N ARG C 315 -39.65 24.31 17.48
CA ARG C 315 -41.07 24.19 17.12
C ARG C 315 -41.79 25.46 17.53
N THR C 316 -42.07 26.32 16.57
CA THR C 316 -42.79 27.55 16.84
C THR C 316 -44.27 27.27 17.03
N PRO C 317 -44.99 28.15 17.74
CA PRO C 317 -46.45 28.01 17.80
C PRO C 317 -47.13 28.10 16.45
N SER C 318 -46.53 28.82 15.49
CA SER C 318 -47.16 28.95 14.17
C SER C 318 -47.10 27.65 13.38
N THR C 319 -46.15 26.78 13.69
CA THR C 319 -45.99 25.53 12.95
C THR C 319 -46.44 24.30 13.72
N HIS C 320 -46.40 24.32 15.04
CA HIS C 320 -46.84 23.19 15.86
C HIS C 320 -47.60 23.70 17.07
N VAL C 321 -48.47 22.84 17.59
CA VAL C 321 -49.25 23.13 18.79
C VAL C 321 -48.81 22.16 19.89
N LEU C 322 -48.53 22.69 21.07
CA LEU C 322 -48.01 21.89 22.17
C LEU C 322 -49.10 20.97 22.70
N SER C 323 -48.92 19.67 22.51
CA SER C 323 -49.89 18.70 22.99
C SER C 323 -49.89 18.63 24.51
N THR C 324 -51.04 18.29 25.09
CA THR C 324 -51.16 18.24 26.54
C THR C 324 -50.37 17.09 27.13
N ARG C 325 -50.41 15.92 26.51
CA ARG C 325 -49.73 14.75 27.07
C ARG C 325 -48.22 14.95 27.08
N VAL C 326 -47.67 15.54 26.03
CA VAL C 326 -46.25 15.87 26.01
C VAL C 326 -45.94 16.92 27.08
N LYS C 327 -46.82 17.94 27.18
CA LYS C 327 -46.66 18.97 28.20
C LYS C 327 -46.70 18.41 29.62
N GLN C 328 -47.29 17.22 29.79
CA GLN C 328 -47.19 16.54 31.07
C GLN C 328 -45.88 15.77 31.19
N ILE C 329 -45.64 14.84 30.25
CA ILE C 329 -44.59 13.85 30.45
C ILE C 329 -43.19 14.48 30.34
N PHE C 330 -42.98 15.37 29.37
CA PHE C 330 -41.65 15.92 29.13
C PHE C 330 -41.39 17.21 29.88
N LEU C 331 -42.30 17.60 30.77
CA LEU C 331 -42.16 18.85 31.51
C LEU C 331 -42.39 18.71 33.01
N GLU C 332 -43.11 17.69 33.46
CA GLU C 332 -43.49 17.58 34.87
C GLU C 332 -42.94 16.32 35.53
N LYS C 333 -43.15 15.15 34.92
CA LYS C 333 -42.81 13.89 35.57
C LYS C 333 -41.35 13.51 35.35
N LEU C 334 -40.88 13.60 34.11
CA LEU C 334 -39.49 13.26 33.84
C LEU C 334 -38.47 14.17 34.54
N PRO C 335 -38.61 15.50 34.58
CA PRO C 335 -37.62 16.29 35.32
C PRO C 335 -37.54 15.97 36.80
N ARG C 336 -38.67 15.68 37.45
CA ARG C 336 -38.61 15.28 38.84
C ARG C 336 -38.14 13.84 39.02
N ILE C 337 -38.28 13.00 37.99
CA ILE C 337 -37.75 11.65 38.08
C ILE C 337 -36.22 11.67 38.03
N LEU C 338 -35.65 12.45 37.12
CA LEU C 338 -34.21 12.48 36.89
C LEU C 338 -33.51 13.55 37.71
N HIS C 339 -34.21 14.20 38.64
CA HIS C 339 -33.65 15.22 39.54
C HIS C 339 -33.05 16.39 38.76
N MET C 340 -33.62 16.70 37.60
CA MET C 340 -33.15 17.84 36.82
C MET C 340 -33.60 19.14 37.49
N SER C 341 -32.67 20.06 37.67
CA SER C 341 -32.97 21.34 38.31
C SER C 341 -33.65 22.30 37.34
N GLU C 418 -57.40 64.46 20.60
CA GLU C 418 -56.84 63.58 19.59
C GLU C 418 -55.98 62.48 20.22
N ILE C 419 -56.22 62.22 21.51
CA ILE C 419 -55.48 61.18 22.22
C ILE C 419 -56.05 59.80 21.97
N LYS C 420 -57.16 59.68 21.23
CA LYS C 420 -57.73 58.38 20.92
C LYS C 420 -56.77 57.54 20.09
N SER C 421 -56.14 58.16 19.09
CA SER C 421 -55.16 57.44 18.28
C SER C 421 -53.97 57.01 19.13
N GLY C 422 -53.54 57.87 20.05
CA GLY C 422 -52.42 57.51 20.92
C GLY C 422 -52.74 56.35 21.84
N ILE C 423 -53.92 56.37 22.47
CA ILE C 423 -54.26 55.27 23.38
C ILE C 423 -54.51 53.98 22.59
N ASP C 424 -55.09 54.07 21.39
CA ASP C 424 -55.26 52.89 20.56
C ASP C 424 -53.92 52.31 20.14
N SER C 425 -52.97 53.17 19.77
CA SER C 425 -51.65 52.70 19.39
C SER C 425 -50.92 52.08 20.58
N THR C 426 -51.07 52.67 21.77
CA THR C 426 -50.47 52.08 22.97
C THR C 426 -51.06 50.71 23.26
N ASN C 427 -52.39 50.58 23.14
CA ASN C 427 -53.03 49.28 23.34
C ASN C 427 -52.57 48.26 22.33
N TYR C 428 -52.39 48.68 21.07
CA TYR C 428 -51.89 47.76 20.04
C TYR C 428 -50.47 47.32 20.34
N ILE C 429 -49.62 48.24 20.80
CA ILE C 429 -48.25 47.90 21.17
C ILE C 429 -48.24 46.90 22.33
N VAL C 430 -49.08 47.15 23.33
CA VAL C 430 -49.15 46.23 24.48
C VAL C 430 -49.67 44.87 24.05
N LYS C 431 -50.64 44.82 23.14
CA LYS C 431 -51.12 43.55 22.63
C LYS C 431 -50.02 42.79 21.89
N GLN C 432 -49.23 43.51 21.08
CA GLN C 432 -48.13 42.87 20.37
C GLN C 432 -47.07 42.36 21.35
N ILE C 433 -46.79 43.12 22.40
CA ILE C 433 -45.83 42.67 23.41
C ILE C 433 -46.33 41.43 24.13
N LYS C 434 -47.63 41.40 24.45
CA LYS C 434 -48.21 40.22 25.08
C LYS C 434 -48.14 39.01 24.16
N GLU C 435 -48.41 39.19 22.87
CA GLU C 435 -48.31 38.09 21.92
C GLU C 435 -46.87 37.60 21.80
N LYS C 436 -45.91 38.52 21.76
CA LYS C 436 -44.51 38.12 21.70
C LYS C 436 -44.08 37.38 22.96
N ASN C 437 -44.57 37.82 24.12
CA ASN C 437 -44.25 37.14 25.37
C ASN C 437 -44.85 35.75 25.42
N ALA C 438 -46.08 35.60 24.93
CA ALA C 438 -46.69 34.27 24.85
C ALA C 438 -45.92 33.36 23.91
N TYR C 439 -45.48 33.91 22.77
CA TYR C 439 -44.64 33.16 21.85
C TYR C 439 -43.33 32.74 22.51
N ASP C 440 -42.72 33.65 23.28
CA ASP C 440 -41.48 33.34 23.98
C ASP C 440 -41.69 32.27 25.04
N GLU C 441 -42.80 32.34 25.78
CA GLU C 441 -43.08 31.31 26.78
C GLU C 441 -43.34 29.96 26.13
N GLU C 442 -44.03 29.95 24.99
CA GLU C 442 -44.27 28.68 24.30
C GLU C 442 -42.96 28.08 23.80
N VAL C 443 -42.10 28.88 23.18
CA VAL C 443 -40.84 28.33 22.71
C VAL C 443 -39.92 27.99 23.87
N GLY C 444 -40.08 28.64 25.02
CA GLY C 444 -39.35 28.24 26.21
C GLY C 444 -39.79 26.90 26.74
N ASN C 445 -41.10 26.64 26.71
CA ASN C 445 -41.60 25.32 27.06
C ASN C 445 -41.07 24.27 26.10
N TRP C 446 -41.01 24.62 24.80
CA TRP C 446 -40.43 23.69 23.82
C TRP C 446 -38.96 23.43 24.12
N ASN C 447 -38.22 24.47 24.50
CA ASN C 447 -36.81 24.31 24.84
C ASN C 447 -36.65 23.44 26.09
N LEU C 448 -37.52 23.61 27.07
CA LEU C 448 -37.48 22.77 28.26
C LEU C 448 -37.79 21.31 27.91
N VAL C 449 -38.73 21.10 26.99
CA VAL C 449 -39.02 19.75 26.52
C VAL C 449 -37.79 19.15 25.85
N GLY C 450 -37.11 19.95 25.02
CA GLY C 450 -35.88 19.48 24.39
C GLY C 450 -34.81 19.13 25.40
N GLN C 451 -34.64 19.96 26.42
CA GLN C 451 -33.63 19.68 27.45
C GLN C 451 -33.99 18.43 28.23
N THR C 452 -35.27 18.22 28.53
CA THR C 452 -35.69 17.05 29.29
C THR C 452 -35.48 15.77 28.50
N ILE C 453 -35.89 15.75 27.23
CA ILE C 453 -35.66 14.56 26.42
C ILE C 453 -34.17 14.37 26.18
N ASP C 454 -33.40 15.47 26.15
CA ASP C 454 -31.95 15.35 26.03
C ASP C 454 -31.35 14.68 27.25
N ARG C 455 -31.79 15.07 28.45
CA ARG C 455 -31.30 14.47 29.68
C ARG C 455 -31.68 12.99 29.77
N LEU C 456 -32.92 12.67 29.41
CA LEU C 456 -33.35 11.27 29.38
C LEU C 456 -32.54 10.46 28.38
N SER C 457 -32.27 11.04 27.21
CA SER C 457 -31.46 10.37 26.22
C SER C 457 -30.04 10.14 26.73
N MET C 458 -29.50 11.11 27.46
CA MET C 458 -28.17 10.93 28.03
C MET C 458 -28.15 9.80 29.03
N PHE C 459 -29.09 9.82 30.00
CA PHE C 459 -29.14 8.78 31.01
C PHE C 459 -29.56 7.42 30.47
N ILE C 460 -30.08 7.35 29.25
CA ILE C 460 -30.34 6.06 28.62
C ILE C 460 -29.13 5.59 27.82
N ILE C 461 -28.49 6.49 27.09
CA ILE C 461 -27.50 6.10 26.09
C ILE C 461 -26.10 5.97 26.68
N THR C 462 -25.66 6.93 27.51
CA THR C 462 -24.32 6.82 28.08
C THR C 462 -24.13 5.59 28.97
N PRO C 463 -25.05 5.21 29.88
CA PRO C 463 -24.77 4.01 30.67
C PRO C 463 -24.81 2.74 29.85
N VAL C 464 -25.70 2.65 28.86
CA VAL C 464 -25.78 1.43 28.08
C VAL C 464 -24.52 1.26 27.24
N MET C 465 -23.96 2.36 26.72
CA MET C 465 -22.73 2.21 25.94
C MET C 465 -21.53 1.97 26.84
N VAL C 466 -21.48 2.56 28.03
CA VAL C 466 -20.39 2.27 28.96
C VAL C 466 -20.42 0.80 29.37
N LEU C 467 -21.61 0.29 29.70
CA LEU C 467 -21.74 -1.12 30.06
C LEU C 467 -21.41 -2.01 28.87
N GLY C 468 -21.82 -1.61 27.67
CA GLY C 468 -21.50 -2.41 26.49
C GLY C 468 -20.00 -2.51 26.25
N THR C 469 -19.30 -1.37 26.32
CA THR C 469 -17.86 -1.37 26.11
C THR C 469 -17.14 -2.17 27.18
N ILE C 470 -17.54 -2.00 28.44
CA ILE C 470 -16.91 -2.75 29.53
C ILE C 470 -17.15 -4.25 29.33
N PHE C 471 -18.37 -4.63 28.96
CA PHE C 471 -18.70 -6.04 28.77
C PHE C 471 -17.90 -6.65 27.63
N ILE C 472 -17.83 -5.96 26.50
CA ILE C 472 -17.15 -6.54 25.35
C ILE C 472 -15.65 -6.62 25.60
N PHE C 473 -15.07 -5.62 26.27
CA PHE C 473 -13.64 -5.69 26.51
C PHE C 473 -13.28 -6.65 27.63
N VAL C 474 -14.16 -6.86 28.60
CA VAL C 474 -13.92 -7.91 29.59
C VAL C 474 -14.01 -9.29 28.94
N MET C 475 -14.98 -9.47 28.04
CA MET C 475 -15.06 -10.74 27.31
C MET C 475 -13.83 -10.95 26.44
N GLY C 476 -13.30 -9.87 25.86
CA GLY C 476 -12.07 -9.99 25.10
C GLY C 476 -10.87 -10.34 25.95
N ASN C 477 -10.75 -9.70 27.12
CA ASN C 477 -9.60 -9.94 27.98
C ASN C 477 -9.65 -11.33 28.60
N PHE C 478 -10.84 -11.82 28.93
CA PHE C 478 -10.97 -13.15 29.50
C PHE C 478 -10.80 -14.26 28.46
N ASN C 479 -10.75 -13.93 27.17
CA ASN C 479 -10.49 -14.92 26.15
C ASN C 479 -9.04 -15.39 26.27
N HIS C 480 -8.86 -16.59 26.82
CA HIS C 480 -7.54 -17.16 26.99
C HIS C 480 -7.54 -18.60 26.50
N PRO C 481 -6.44 -19.05 25.89
CA PRO C 481 -6.38 -20.45 25.48
C PRO C 481 -6.40 -21.36 26.69
N PRO C 482 -6.97 -22.55 26.55
CA PRO C 482 -7.13 -23.44 27.70
C PRO C 482 -5.79 -24.00 28.17
N ALA C 483 -5.81 -24.52 29.40
CA ALA C 483 -4.59 -25.09 29.98
C ALA C 483 -4.09 -26.29 29.19
N LYS C 484 -5.01 -27.15 28.78
CA LYS C 484 -4.61 -28.27 27.93
C LYS C 484 -4.73 -27.87 26.46
N PRO C 485 -3.70 -28.12 25.64
CA PRO C 485 -3.82 -27.76 24.21
C PRO C 485 -4.95 -28.48 23.49
N PHE C 486 -5.23 -29.72 23.87
CA PHE C 486 -6.32 -30.50 23.30
C PHE C 486 -7.32 -30.82 24.39
N GLU C 487 -8.60 -30.56 24.11
CA GLU C 487 -9.63 -30.67 25.13
C GLU C 487 -9.88 -32.11 25.55
N GLY C 488 -9.59 -33.08 24.68
CA GLY C 488 -9.83 -34.47 25.02
C GLY C 488 -8.57 -35.20 25.43
N ASP C 489 -7.67 -34.51 26.12
CA ASP C 489 -6.40 -35.12 26.50
C ASP C 489 -5.93 -34.56 27.83
N PRO C 490 -5.81 -35.39 28.86
CA PRO C 490 -5.28 -34.90 30.15
C PRO C 490 -3.84 -34.47 30.10
N PHE C 491 -3.07 -34.89 29.09
CA PHE C 491 -1.69 -34.47 28.98
C PHE C 491 -1.61 -32.98 28.63
N ASP C 492 -0.54 -32.34 29.06
CA ASP C 492 -0.38 -30.90 28.91
C ASP C 492 0.66 -30.50 27.87
N TYR C 493 1.49 -31.44 27.40
CA TYR C 493 2.51 -31.19 26.37
C TYR C 493 3.44 -30.06 26.78
N SER C 494 4.12 -30.26 27.90
CA SER C 494 5.07 -29.29 28.44
C SER C 494 6.46 -29.90 28.47
N SER C 495 7.46 -29.07 28.16
CA SER C 495 8.84 -29.54 28.14
C SER C 495 9.34 -29.92 29.52
N ASP C 496 8.77 -29.35 30.58
CA ASP C 496 9.19 -29.63 31.94
C ASP C 496 8.49 -30.83 32.55
N HIS C 497 7.51 -31.42 31.86
CA HIS C 497 6.81 -32.60 32.33
C HIS C 497 6.71 -33.64 31.22
N PRO C 498 7.81 -34.32 30.91
CA PRO C 498 7.75 -35.40 29.92
C PRO C 498 7.08 -36.63 30.51
N ARG C 499 6.63 -37.51 29.62
CA ARG C 499 5.95 -38.73 30.02
C ARG C 499 6.51 -39.91 29.25
N CYS C 500 6.26 -41.11 29.77
CA CYS C 500 6.72 -42.38 29.20
C CYS C 500 8.23 -42.43 29.05
N SER D 1 47.18 -17.66 -19.31
CA SER D 1 48.52 -18.20 -19.47
C SER D 1 48.52 -19.71 -19.41
N GLU D 2 49.39 -20.34 -20.19
CA GLU D 2 49.50 -21.79 -20.15
C GLU D 2 50.03 -22.27 -18.82
N HIS D 3 50.91 -21.50 -18.17
CA HIS D 3 51.36 -21.85 -16.83
C HIS D 3 50.21 -21.87 -15.85
N GLU D 4 49.33 -20.88 -15.92
CA GLU D 4 48.19 -20.83 -15.01
C GLU D 4 47.22 -21.98 -15.28
N THR D 5 46.98 -22.31 -16.55
CA THR D 5 46.08 -23.41 -16.85
C THR D 5 46.64 -24.74 -16.36
N ARG D 6 47.93 -25.00 -16.59
CA ARG D 6 48.49 -26.26 -16.13
C ARG D 6 48.55 -26.32 -14.61
N LEU D 7 48.79 -25.18 -13.95
CA LEU D 7 48.79 -25.16 -12.49
C LEU D 7 47.40 -25.46 -11.94
N VAL D 8 46.37 -24.83 -12.48
CA VAL D 8 45.02 -25.06 -12.00
C VAL D 8 44.59 -26.49 -12.28
N ALA D 9 44.96 -27.03 -13.43
CA ALA D 9 44.64 -28.42 -13.73
C ALA D 9 45.37 -29.37 -12.77
N ASN D 10 46.61 -29.05 -12.41
CA ASN D 10 47.34 -29.92 -11.49
C ASN D 10 46.80 -29.85 -10.08
N LEU D 11 46.33 -28.68 -9.66
CA LEU D 11 45.86 -28.53 -8.28
C LEU D 11 44.58 -29.29 -8.03
N LEU D 12 43.78 -29.55 -9.07
CA LEU D 12 42.46 -30.16 -8.91
C LEU D 12 42.35 -31.50 -9.63
N GLU D 13 43.48 -32.20 -9.80
CA GLU D 13 43.45 -33.53 -10.40
C GLU D 13 42.69 -34.51 -9.51
N ASN D 14 42.92 -34.44 -8.21
CA ASN D 14 42.26 -35.35 -7.27
C ASN D 14 41.75 -34.62 -6.04
N TYR D 15 41.52 -33.31 -6.14
CA TYR D 15 41.01 -32.54 -5.02
C TYR D 15 39.58 -32.94 -4.71
N ASN D 16 39.28 -33.12 -3.42
CA ASN D 16 37.96 -33.49 -2.96
C ASN D 16 37.40 -32.36 -2.12
N LYS D 17 36.24 -31.86 -2.52
CA LYS D 17 35.66 -30.67 -1.90
C LYS D 17 34.85 -30.98 -0.64
N VAL D 18 34.72 -32.24 -0.27
CA VAL D 18 33.94 -32.62 0.90
C VAL D 18 34.84 -33.07 2.05
N ILE D 19 36.13 -32.77 1.97
CA ILE D 19 37.09 -33.17 2.99
C ILE D 19 37.66 -31.91 3.63
N ARG D 20 37.71 -31.90 4.96
CA ARG D 20 38.21 -30.75 5.69
C ARG D 20 39.68 -30.52 5.32
N PRO D 21 40.11 -29.25 5.20
CA PRO D 21 41.46 -28.96 4.70
C PRO D 21 42.52 -29.02 5.79
N VAL D 22 42.58 -30.13 6.50
CA VAL D 22 43.44 -30.28 7.66
C VAL D 22 44.37 -31.46 7.44
N GLU D 23 45.58 -31.36 7.98
CA GLU D 23 46.58 -32.41 7.79
C GLU D 23 46.15 -33.71 8.44
N HIS D 24 45.61 -33.66 9.65
CA HIS D 24 45.15 -34.84 10.35
C HIS D 24 43.77 -34.55 10.91
N HIS D 25 42.94 -35.60 10.98
CA HIS D 25 41.55 -35.42 11.41
C HIS D 25 41.44 -34.97 12.86
N THR D 26 42.46 -35.24 13.68
CA THR D 26 42.42 -34.77 15.06
C THR D 26 42.64 -33.27 15.16
N HIS D 27 43.38 -32.68 14.22
CA HIS D 27 43.70 -31.26 14.26
C HIS D 27 42.49 -30.45 13.80
N PHE D 28 42.69 -29.14 13.67
CA PHE D 28 41.63 -28.24 13.27
C PHE D 28 42.20 -27.18 12.34
N VAL D 29 41.35 -26.63 11.49
CA VAL D 29 41.74 -25.55 10.59
C VAL D 29 41.43 -24.22 11.26
N ASP D 30 42.41 -23.32 11.27
CA ASP D 30 42.22 -22.00 11.85
C ASP D 30 41.71 -21.05 10.78
N ILE D 31 40.49 -20.58 10.94
CA ILE D 31 39.82 -19.74 9.96
C ILE D 31 39.67 -18.35 10.54
N THR D 32 40.30 -17.37 9.91
CA THR D 32 40.20 -15.98 10.31
C THR D 32 39.02 -15.35 9.59
N VAL D 33 38.08 -14.81 10.36
CA VAL D 33 36.84 -14.25 9.83
C VAL D 33 36.77 -12.79 10.24
N GLY D 34 36.71 -11.90 9.25
CA GLY D 34 36.41 -10.51 9.46
C GLY D 34 35.14 -10.13 8.72
N LEU D 35 34.80 -8.85 8.80
CA LEU D 35 33.62 -8.34 8.13
C LEU D 35 33.85 -6.88 7.78
N GLN D 36 33.31 -6.48 6.63
CA GLN D 36 33.28 -5.07 6.25
C GLN D 36 31.88 -4.74 5.75
N LEU D 37 31.30 -3.69 6.32
CA LEU D 37 29.94 -3.28 5.96
C LEU D 37 30.02 -2.27 4.82
N ILE D 38 29.44 -2.62 3.67
CA ILE D 38 29.47 -1.72 2.53
C ILE D 38 28.42 -0.63 2.67
N GLN D 39 27.17 -1.03 2.90
CA GLN D 39 26.07 -0.06 3.02
C GLN D 39 24.92 -0.71 3.76
N LEU D 40 24.45 -0.05 4.81
CA LEU D 40 23.25 -0.49 5.51
C LEU D 40 22.04 -0.17 4.64
N ILE D 41 21.35 -1.20 4.16
CA ILE D 41 20.25 -0.99 3.23
C ILE D 41 19.08 -0.31 3.93
N SER D 42 18.51 -0.97 4.92
CA SER D 42 17.40 -0.40 5.68
C SER D 42 17.26 -1.13 7.00
N VAL D 43 16.54 -0.50 7.92
CA VAL D 43 16.22 -1.08 9.21
C VAL D 43 14.70 -1.24 9.27
N ASP D 44 14.22 -2.47 9.14
CA ASP D 44 12.80 -2.78 9.20
C ASP D 44 12.44 -3.12 10.63
N GLU D 45 12.17 -2.06 11.41
CA GLU D 45 11.89 -2.24 12.84
C GLU D 45 10.53 -2.88 13.09
N VAL D 46 9.64 -2.90 12.09
CA VAL D 46 8.35 -3.55 12.26
C VAL D 46 8.54 -5.05 12.42
N ASN D 47 9.33 -5.66 11.55
CA ASN D 47 9.62 -7.09 11.63
C ASN D 47 10.91 -7.39 12.39
N GLN D 48 11.57 -6.35 12.92
CA GLN D 48 12.82 -6.48 13.67
C GLN D 48 13.91 -7.17 12.83
N ILE D 49 14.08 -6.66 11.61
CA ILE D 49 15.05 -7.22 10.66
C ILE D 49 15.84 -6.07 10.04
N VAL D 50 17.16 -6.15 10.09
CA VAL D 50 18.04 -5.18 9.43
C VAL D 50 18.72 -5.88 8.26
N GLU D 51 18.72 -5.24 7.11
CA GLU D 51 19.38 -5.76 5.91
C GLU D 51 20.60 -4.90 5.64
N THR D 52 21.78 -5.54 5.62
CA THR D 52 23.03 -4.84 5.42
C THR D 52 23.81 -5.49 4.30
N ASN D 53 24.22 -4.70 3.31
CA ASN D 53 25.07 -5.18 2.23
C ASN D 53 26.49 -5.24 2.76
N VAL D 54 26.99 -6.45 3.02
CA VAL D 54 28.31 -6.63 3.59
C VAL D 54 29.13 -7.53 2.68
N ARG D 55 30.44 -7.49 2.89
CA ARG D 55 31.38 -8.38 2.22
C ARG D 55 32.10 -9.17 3.31
N LEU D 56 31.59 -10.35 3.60
CA LEU D 56 32.20 -11.22 4.59
C LEU D 56 33.60 -11.62 4.15
N ARG D 57 34.56 -11.50 5.05
CA ARG D 57 35.96 -11.80 4.75
C ARG D 57 36.35 -13.06 5.51
N GLN D 58 36.70 -14.11 4.78
CA GLN D 58 37.18 -15.35 5.37
C GLN D 58 38.52 -15.70 4.76
N GLN D 59 39.47 -16.12 5.60
CA GLN D 59 40.76 -16.55 5.12
C GLN D 59 41.26 -17.71 5.96
N TRP D 60 41.78 -18.74 5.30
CA TRP D 60 42.26 -19.93 5.97
C TRP D 60 43.38 -20.54 5.14
N ILE D 61 44.12 -21.44 5.76
CA ILE D 61 45.26 -22.08 5.13
C ILE D 61 44.87 -23.48 4.71
N ASP D 62 45.06 -23.79 3.43
CA ASP D 62 44.80 -25.12 2.88
C ASP D 62 46.12 -25.75 2.50
N VAL D 63 46.39 -26.95 3.03
CA VAL D 63 47.67 -27.62 2.76
C VAL D 63 47.70 -28.33 1.43
N ARG D 64 46.55 -28.52 0.78
CA ARG D 64 46.47 -29.17 -0.51
C ARG D 64 46.49 -28.19 -1.67
N LEU D 65 46.52 -26.88 -1.39
CA LEU D 65 46.50 -25.88 -2.44
C LEU D 65 47.74 -25.00 -2.37
N ARG D 66 48.90 -25.60 -2.20
CA ARG D 66 50.18 -24.89 -2.22
C ARG D 66 51.02 -25.40 -3.37
N TRP D 67 51.87 -24.52 -3.89
CA TRP D 67 52.73 -24.89 -5.02
C TRP D 67 53.97 -24.02 -5.01
N ASN D 68 55.06 -24.56 -5.52
CA ASN D 68 56.27 -23.79 -5.68
C ASN D 68 56.12 -22.88 -6.90
N PRO D 69 56.20 -21.56 -6.74
CA PRO D 69 56.04 -20.67 -7.91
C PRO D 69 57.07 -20.87 -8.99
N ALA D 70 58.29 -21.26 -8.64
CA ALA D 70 59.34 -21.43 -9.64
C ALA D 70 59.04 -22.55 -10.63
N ASP D 71 58.16 -23.48 -10.27
CA ASP D 71 57.82 -24.58 -11.18
C ASP D 71 56.79 -24.17 -12.22
N TYR D 72 56.13 -23.02 -12.05
CA TYR D 72 55.05 -22.60 -12.92
C TYR D 72 55.25 -21.17 -13.40
N GLY D 73 56.46 -20.85 -13.81
CA GLY D 73 56.73 -19.57 -14.44
C GLY D 73 56.74 -18.38 -13.52
N GLY D 74 56.76 -18.59 -12.20
CA GLY D 74 56.82 -17.49 -11.26
C GLY D 74 55.50 -16.98 -10.76
N ILE D 75 54.41 -17.73 -10.96
CA ILE D 75 53.09 -17.29 -10.52
C ILE D 75 52.99 -17.43 -9.01
N LYS D 76 52.61 -16.35 -8.33
CA LYS D 76 52.43 -16.37 -6.89
C LYS D 76 50.98 -16.32 -6.44
N LYS D 77 50.09 -15.75 -7.25
CA LYS D 77 48.68 -15.67 -6.92
C LYS D 77 47.84 -16.06 -8.12
N ILE D 78 46.82 -16.88 -7.88
CA ILE D 78 45.81 -17.21 -8.88
C ILE D 78 44.44 -16.97 -8.27
N ARG D 79 43.41 -17.13 -9.10
CA ARG D 79 42.03 -16.99 -8.65
C ARG D 79 41.24 -18.17 -9.18
N LEU D 80 40.44 -18.78 -8.29
CA LEU D 80 39.62 -19.92 -8.60
C LEU D 80 38.18 -19.64 -8.23
N PRO D 81 37.21 -20.21 -8.94
CA PRO D 81 35.82 -20.12 -8.49
C PRO D 81 35.67 -20.83 -7.17
N SER D 82 34.82 -20.25 -6.30
CA SER D 82 34.66 -20.80 -4.96
C SER D 82 34.04 -22.19 -4.97
N ASP D 83 33.31 -22.54 -6.04
CA ASP D 83 32.67 -23.84 -6.10
C ASP D 83 33.64 -24.99 -6.27
N ASP D 84 34.91 -24.71 -6.57
CA ASP D 84 35.88 -25.76 -6.85
C ASP D 84 36.77 -26.10 -5.67
N VAL D 85 36.57 -25.46 -4.51
CA VAL D 85 37.39 -25.70 -3.33
C VAL D 85 36.49 -25.86 -2.11
N TRP D 86 37.07 -26.45 -1.06
CA TRP D 86 36.36 -26.60 0.20
C TRP D 86 36.08 -25.24 0.80
N LEU D 87 34.85 -25.05 1.29
CA LEU D 87 34.47 -23.78 1.86
C LEU D 87 33.87 -23.99 3.25
N PRO D 88 34.22 -23.14 4.21
CA PRO D 88 33.52 -23.17 5.49
C PRO D 88 32.08 -22.74 5.33
N ASP D 89 31.19 -23.42 6.06
CA ASP D 89 29.74 -23.20 5.91
C ASP D 89 29.27 -22.18 6.95
N LEU D 90 29.77 -20.96 6.78
CA LEU D 90 29.37 -19.87 7.67
C LEU D 90 27.90 -19.54 7.46
N VAL D 91 27.11 -19.65 8.51
CA VAL D 91 25.67 -19.47 8.45
C VAL D 91 25.28 -18.40 9.46
N LEU D 92 24.50 -17.42 9.01
CA LEU D 92 23.94 -16.42 9.91
C LEU D 92 22.96 -17.12 10.85
N TYR D 93 23.36 -17.25 12.12
CA TYR D 93 22.54 -17.96 13.09
C TYR D 93 21.20 -17.27 13.32
N ASN D 94 21.21 -15.95 13.41
CA ASN D 94 19.98 -15.19 13.61
C ASN D 94 19.39 -14.68 12.31
N ASN D 95 19.60 -15.41 11.22
CA ASN D 95 19.02 -15.00 9.95
C ASN D 95 17.49 -15.07 10.00
N ALA D 96 16.85 -14.06 9.42
CA ALA D 96 15.40 -14.03 9.34
C ALA D 96 15.00 -13.40 8.02
N ASP D 97 14.12 -14.07 7.28
CA ASP D 97 13.57 -13.64 5.99
C ASP D 97 14.62 -13.58 4.89
N GLY D 98 15.84 -14.07 5.12
CA GLY D 98 16.87 -13.99 4.11
C GLY D 98 17.64 -15.29 3.94
N ASP D 99 18.70 -15.26 3.15
CA ASP D 99 19.52 -16.44 2.96
C ASP D 99 20.42 -16.68 4.17
N PHE D 100 20.79 -17.94 4.38
CA PHE D 100 21.58 -18.32 5.54
C PHE D 100 23.08 -18.20 5.28
N ALA D 101 23.54 -18.66 4.13
CA ALA D 101 24.97 -18.68 3.82
C ALA D 101 25.24 -17.90 2.54
N ILE D 102 26.48 -18.00 2.08
CA ILE D 102 26.89 -17.31 0.86
C ILE D 102 26.25 -17.97 -0.34
N VAL D 103 25.59 -17.18 -1.18
CA VAL D 103 24.92 -17.69 -2.36
C VAL D 103 25.52 -17.18 -3.66
N HIS D 104 26.29 -16.09 -3.63
CA HIS D 104 26.81 -15.52 -4.87
C HIS D 104 27.99 -16.32 -5.40
N MET D 105 28.83 -16.87 -4.50
CA MET D 105 29.92 -17.77 -4.84
C MET D 105 30.92 -17.11 -5.81
N THR D 106 31.55 -16.05 -5.33
CA THR D 106 32.52 -15.32 -6.13
C THR D 106 33.89 -15.97 -6.03
N LYS D 107 34.76 -15.61 -6.96
CA LYS D 107 36.11 -16.17 -7.00
C LYS D 107 36.93 -15.66 -5.82
N LEU D 108 37.98 -16.41 -5.48
CA LEU D 108 38.78 -16.14 -4.30
C LEU D 108 40.27 -16.22 -4.64
N LEU D 109 41.06 -15.42 -3.93
CA LEU D 109 42.50 -15.41 -4.11
C LEU D 109 43.12 -16.67 -3.49
N LEU D 110 44.29 -17.05 -4.01
CA LEU D 110 44.97 -18.25 -3.53
C LEU D 110 46.48 -18.00 -3.60
N ASP D 111 47.10 -17.77 -2.45
CA ASP D 111 48.54 -17.58 -2.39
C ASP D 111 49.26 -18.90 -2.62
N TYR D 112 50.56 -18.80 -2.92
CA TYR D 112 51.33 -20.00 -3.21
C TYR D 112 51.62 -20.84 -1.97
N THR D 113 51.42 -20.28 -0.78
CA THR D 113 51.55 -21.03 0.46
C THR D 113 50.23 -21.65 0.91
N GLY D 114 49.19 -21.55 0.09
CA GLY D 114 47.88 -22.04 0.44
C GLY D 114 47.00 -21.05 1.15
N LYS D 115 47.45 -19.81 1.34
CA LYS D 115 46.68 -18.80 2.04
C LYS D 115 45.50 -18.38 1.17
N ILE D 116 44.34 -18.96 1.43
CA ILE D 116 43.11 -18.62 0.73
C ILE D 116 42.58 -17.31 1.30
N MET D 117 42.19 -16.40 0.43
CA MET D 117 41.59 -15.12 0.83
C MET D 117 40.30 -14.96 0.04
N TRP D 118 39.16 -15.13 0.71
CA TRP D 118 37.85 -15.12 0.07
C TRP D 118 37.03 -13.96 0.63
N THR D 119 36.48 -13.14 -0.25
CA THR D 119 35.66 -11.99 0.14
C THR D 119 34.39 -11.96 -0.69
N PRO D 120 33.43 -12.85 -0.40
CA PRO D 120 32.21 -12.87 -1.17
C PRO D 120 31.22 -11.82 -0.69
N PRO D 121 30.57 -11.11 -1.61
CA PRO D 121 29.49 -10.21 -1.20
C PRO D 121 28.27 -10.99 -0.77
N ALA D 122 27.49 -10.37 0.12
CA ALA D 122 26.27 -10.99 0.61
C ALA D 122 25.37 -9.92 1.18
N ILE D 123 24.09 -10.24 1.31
CA ILE D 123 23.13 -9.39 1.98
C ILE D 123 22.59 -10.16 3.18
N PHE D 124 22.84 -9.63 4.37
CA PHE D 124 22.44 -10.28 5.61
C PHE D 124 21.20 -9.61 6.18
N LYS D 125 20.16 -10.39 6.38
CA LYS D 125 18.94 -9.93 7.04
C LYS D 125 18.92 -10.55 8.43
N SER D 126 19.55 -9.88 9.39
CA SER D 126 19.64 -10.37 10.75
C SER D 126 18.36 -10.08 11.51
N TYR D 127 18.14 -10.86 12.58
CA TYR D 127 17.01 -10.62 13.47
C TYR D 127 17.47 -9.61 14.52
N CYS D 128 17.30 -8.34 14.18
CA CYS D 128 17.73 -7.23 15.03
C CYS D 128 16.69 -6.99 16.10
N GLU D 129 17.04 -7.28 17.36
CA GLU D 129 16.12 -7.02 18.46
C GLU D 129 15.93 -5.52 18.62
N ILE D 130 14.79 -5.01 18.17
CA ILE D 130 14.55 -3.57 18.13
C ILE D 130 14.07 -3.12 19.50
N ILE D 131 14.73 -2.11 20.05
CA ILE D 131 14.32 -1.47 21.29
C ILE D 131 13.76 -0.10 20.94
N VAL D 132 12.47 0.09 21.19
CA VAL D 132 11.77 1.31 20.79
C VAL D 132 11.48 2.22 21.98
N THR D 133 12.23 2.08 23.08
CA THR D 133 11.88 2.79 24.30
C THR D 133 12.01 4.31 24.14
N HIS D 134 12.93 4.78 23.32
CA HIS D 134 13.17 6.20 23.13
C HIS D 134 13.04 6.61 21.68
N PHE D 135 12.07 6.03 20.97
CA PHE D 135 11.84 6.38 19.58
C PHE D 135 11.35 7.83 19.47
N PRO D 136 11.79 8.58 18.45
CA PRO D 136 12.73 8.23 17.38
C PRO D 136 14.18 8.55 17.71
N PHE D 137 14.48 9.15 18.87
CA PHE D 137 15.86 9.43 19.24
C PHE D 137 16.48 8.21 19.90
N ASP D 138 16.41 7.06 19.24
CA ASP D 138 16.72 5.78 19.85
C ASP D 138 18.08 5.27 19.41
N GLN D 139 18.64 4.38 20.22
CA GLN D 139 19.93 3.76 19.98
C GLN D 139 19.72 2.25 19.91
N GLN D 140 19.90 1.68 18.72
CA GLN D 140 19.73 0.25 18.51
C GLN D 140 21.08 -0.45 18.63
N ASN D 141 21.11 -1.56 19.38
CA ASN D 141 22.28 -2.41 19.51
C ASN D 141 21.86 -3.82 19.12
N CYS D 142 22.13 -4.22 17.89
CA CYS D 142 21.82 -5.56 17.45
C CYS D 142 22.93 -6.12 16.58
N THR D 143 23.04 -7.44 16.61
CA THR D 143 24.22 -8.15 16.17
C THR D 143 23.92 -8.96 14.90
N MET D 144 24.96 -9.66 14.43
CA MET D 144 24.84 -10.61 13.32
C MET D 144 25.73 -11.80 13.68
N LYS D 145 25.12 -12.85 14.22
CA LYS D 145 25.88 -14.00 14.70
C LYS D 145 26.32 -14.87 13.54
N LEU D 146 27.61 -15.21 13.51
CA LEU D 146 28.19 -16.04 12.47
C LEU D 146 28.89 -17.23 13.11
N GLY D 147 28.79 -18.39 12.48
CA GLY D 147 29.47 -19.56 12.97
C GLY D 147 29.37 -20.70 12.01
N ILE D 148 30.26 -21.68 12.20
CA ILE D 148 30.23 -22.88 11.39
C ILE D 148 29.04 -23.72 11.82
N TRP D 149 28.11 -23.95 10.90
CA TRP D 149 26.83 -24.56 11.26
C TRP D 149 26.99 -26.03 11.62
N THR D 150 27.72 -26.79 10.80
CA THR D 150 27.77 -28.23 10.98
C THR D 150 28.94 -28.67 11.86
N TYR D 151 30.13 -28.11 11.62
CA TYR D 151 31.29 -28.45 12.42
C TYR D 151 31.24 -27.72 13.75
N ASP D 152 32.26 -27.93 14.57
CA ASP D 152 32.32 -27.33 15.89
C ASP D 152 33.78 -27.10 16.25
N GLY D 153 34.04 -26.82 17.52
CA GLY D 153 35.40 -26.72 17.99
C GLY D 153 36.14 -28.03 17.87
N THR D 154 37.47 -27.92 17.85
CA THR D 154 38.43 -29.01 17.65
C THR D 154 38.28 -29.68 16.28
N LYS D 155 37.38 -29.16 15.44
CA LYS D 155 37.32 -29.55 14.03
C LYS D 155 37.56 -28.37 13.11
N VAL D 156 36.81 -27.28 13.27
CA VAL D 156 37.01 -26.05 12.54
C VAL D 156 36.98 -24.90 13.54
N SER D 157 38.08 -24.17 13.65
CA SER D 157 38.18 -23.05 14.56
C SER D 157 37.98 -21.75 13.81
N ILE D 158 37.24 -20.82 14.42
CA ILE D 158 36.94 -19.53 13.82
C ILE D 158 37.40 -18.44 14.78
N SER D 159 38.21 -17.51 14.27
CA SER D 159 38.77 -16.44 15.07
C SER D 159 38.58 -15.11 14.35
N PRO D 160 38.35 -14.03 15.10
CA PRO D 160 38.13 -12.73 14.44
C PRO D 160 39.41 -12.15 13.87
N GLU D 161 39.28 -11.49 12.72
CA GLU D 161 40.42 -10.84 12.09
C GLU D 161 40.95 -9.71 12.95
N SER D 162 40.05 -8.91 13.51
CA SER D 162 40.42 -7.83 14.41
C SER D 162 39.23 -7.56 15.31
N ASP D 163 39.50 -6.86 16.42
CA ASP D 163 38.45 -6.57 17.38
C ASP D 163 37.35 -5.66 16.83
N ARG D 164 37.60 -4.97 15.73
CA ARG D 164 36.59 -4.09 15.19
C ARG D 164 36.29 -4.44 13.73
N PRO D 165 35.02 -4.40 13.33
CA PRO D 165 34.70 -4.61 11.91
C PRO D 165 35.22 -3.48 11.05
N ASP D 166 35.56 -3.82 9.81
CA ASP D 166 36.04 -2.82 8.85
C ASP D 166 34.91 -1.92 8.39
N LEU D 167 35.15 -0.60 8.41
CA LEU D 167 34.15 0.36 7.96
C LEU D 167 34.76 1.41 7.03
N SER D 168 35.88 1.09 6.39
CA SER D 168 36.55 2.07 5.53
C SER D 168 35.72 2.39 4.30
N THR D 169 35.17 1.37 3.65
CA THR D 169 34.37 1.55 2.44
C THR D 169 32.90 1.73 2.74
N PHE D 170 32.55 2.17 3.94
CA PHE D 170 31.16 2.31 4.33
C PHE D 170 30.54 3.54 3.66
N MET D 171 29.39 3.35 3.03
CA MET D 171 28.62 4.45 2.48
C MET D 171 27.71 5.00 3.58
N GLU D 172 27.78 6.31 3.80
CA GLU D 172 27.03 6.92 4.89
C GLU D 172 25.53 6.81 4.63
N SER D 173 24.82 6.21 5.58
CA SER D 173 23.39 6.03 5.46
C SER D 173 22.67 7.35 5.69
N GLY D 174 21.38 7.37 5.33
CA GLY D 174 20.60 8.58 5.44
C GLY D 174 19.86 8.73 6.75
N GLU D 175 19.85 7.68 7.58
CA GLU D 175 19.10 7.75 8.82
C GLU D 175 19.85 7.15 10.01
N TRP D 176 21.14 6.86 9.90
CA TRP D 176 21.84 6.21 10.99
C TRP D 176 23.27 6.70 11.06
N VAL D 177 23.78 6.82 12.28
CA VAL D 177 25.16 7.20 12.53
C VAL D 177 25.81 6.04 13.29
N MET D 178 26.88 5.50 12.73
CA MET D 178 27.56 4.35 13.32
C MET D 178 28.40 4.84 14.50
N LYS D 179 27.85 4.72 15.71
CA LYS D 179 28.54 5.22 16.88
C LYS D 179 29.73 4.34 17.24
N ASP D 180 29.48 3.08 17.55
CA ASP D 180 30.53 2.15 17.95
C ASP D 180 30.27 0.81 17.29
N TYR D 181 31.33 0.02 17.17
CA TYR D 181 31.21 -1.32 16.61
C TYR D 181 32.38 -2.16 17.09
N ARG D 182 32.11 -3.42 17.38
CA ARG D 182 33.13 -4.32 17.92
C ARG D 182 32.67 -5.75 17.71
N GLY D 183 33.61 -6.67 17.80
CA GLY D 183 33.31 -8.08 17.66
C GLY D 183 33.94 -8.90 18.76
N TRP D 184 33.23 -9.94 19.19
CA TRP D 184 33.71 -10.85 20.21
C TRP D 184 33.48 -12.29 19.77
N LYS D 185 34.31 -13.19 20.28
CA LYS D 185 34.22 -14.61 19.98
C LYS D 185 33.93 -15.37 21.26
N HIS D 186 32.87 -16.17 21.27
CA HIS D 186 32.40 -16.84 22.46
C HIS D 186 32.83 -18.30 22.49
N TRP D 187 32.63 -18.92 23.65
CA TRP D 187 32.89 -20.34 23.86
C TRP D 187 31.71 -20.93 24.60
N VAL D 188 30.91 -21.74 23.91
CA VAL D 188 29.70 -22.33 24.48
C VAL D 188 29.93 -23.81 24.68
N TYR D 189 29.72 -24.29 25.90
CA TYR D 189 29.89 -25.69 26.23
C TYR D 189 28.53 -26.31 26.55
N TYR D 190 28.38 -27.57 26.17
CA TYR D 190 27.17 -28.34 26.44
C TYR D 190 27.50 -29.46 27.42
N THR D 191 26.55 -29.73 28.32
CA THR D 191 26.75 -30.78 29.31
C THR D 191 26.82 -32.17 28.68
N CYS D 192 26.21 -32.36 27.52
CA CYS D 192 26.29 -33.66 26.84
C CYS D 192 27.72 -33.94 26.37
N CYS D 193 28.40 -32.92 25.86
CA CYS D 193 29.80 -33.03 25.42
C CYS D 193 30.60 -31.90 26.04
N PRO D 194 30.94 -32.00 27.33
CA PRO D 194 31.65 -30.89 27.99
C PRO D 194 33.03 -30.63 27.45
N ASP D 195 33.66 -31.60 26.78
CA ASP D 195 35.02 -31.42 26.29
C ASP D 195 35.11 -30.66 24.97
N THR D 196 34.01 -30.52 24.24
CA THR D 196 34.04 -29.90 22.93
C THR D 196 33.41 -28.51 22.99
N PRO D 197 34.20 -27.44 22.87
CA PRO D 197 33.61 -26.10 22.83
C PRO D 197 32.95 -25.85 21.48
N TYR D 198 32.10 -24.82 21.47
CA TYR D 198 31.40 -24.39 20.26
C TYR D 198 31.65 -22.90 20.07
N LEU D 199 32.02 -22.52 18.85
CA LEU D 199 32.58 -21.21 18.57
C LEU D 199 31.65 -20.40 17.67
N ASP D 200 31.68 -19.09 17.85
CA ASP D 200 30.93 -18.17 17.00
C ASP D 200 31.52 -16.76 17.15
N ILE D 201 31.08 -15.86 16.28
CA ILE D 201 31.48 -14.46 16.31
C ILE D 201 30.23 -13.60 16.27
N THR D 202 30.14 -12.63 17.18
CA THR D 202 28.95 -11.79 17.34
C THR D 202 29.34 -10.34 17.07
N TYR D 203 28.94 -9.83 15.90
CA TYR D 203 29.31 -8.50 15.45
C TYR D 203 28.19 -7.53 15.77
N HIS D 204 28.38 -6.71 16.79
CA HIS D 204 27.35 -5.77 17.23
C HIS D 204 27.65 -4.36 16.70
N PHE D 205 26.59 -3.63 16.36
CA PHE D 205 26.69 -2.29 15.82
C PHE D 205 25.83 -1.35 16.65
N ILE D 206 26.46 -0.35 17.26
CA ILE D 206 25.75 0.69 18.00
C ILE D 206 25.34 1.76 16.99
N MET D 207 24.04 1.91 16.79
CA MET D 207 23.52 2.82 15.76
C MET D 207 22.53 3.80 16.37
N GLN D 208 22.69 5.07 16.04
CA GLN D 208 21.77 6.12 16.46
C GLN D 208 20.97 6.61 15.26
N ARG D 209 19.65 6.68 15.43
CA ARG D 209 18.79 7.15 14.36
C ARG D 209 18.92 8.67 14.21
N ILE D 210 19.08 9.12 12.97
CA ILE D 210 19.05 10.55 12.68
C ILE D 210 17.59 10.98 12.71
N PRO D 211 17.19 11.83 13.65
CA PRO D 211 15.76 12.09 13.88
C PRO D 211 15.17 13.25 13.10
N LEU D 212 15.88 13.84 12.15
CA LEU D 212 15.38 15.03 11.47
C LEU D 212 14.11 14.73 10.69
N TYR D 213 14.06 13.59 10.01
CA TYR D 213 12.89 13.24 9.22
C TYR D 213 11.65 13.09 10.09
N PHE D 214 11.77 12.32 11.17
CA PHE D 214 10.62 12.10 12.05
C PHE D 214 10.24 13.38 12.79
N VAL D 215 11.21 14.24 13.10
CA VAL D 215 10.90 15.51 13.74
C VAL D 215 10.12 16.42 12.80
N VAL D 216 10.56 16.50 11.54
CA VAL D 216 9.92 17.42 10.61
C VAL D 216 8.61 16.87 10.07
N ASN D 217 8.39 15.55 10.11
CA ASN D 217 7.16 14.98 9.59
C ASN D 217 6.17 14.55 10.68
N VAL D 218 6.60 14.46 11.93
CA VAL D 218 5.75 13.96 12.99
C VAL D 218 5.69 14.94 14.16
N ILE D 219 6.87 15.30 14.68
CA ILE D 219 6.93 16.05 15.93
C ILE D 219 6.38 17.46 15.75
N ILE D 220 6.72 18.12 14.65
CA ILE D 220 6.25 19.49 14.42
C ILE D 220 4.73 19.57 14.26
N PRO D 221 4.07 18.73 13.45
CA PRO D 221 2.59 18.80 13.43
C PRO D 221 1.96 18.46 14.77
N CYS D 222 2.53 17.53 15.52
CA CYS D 222 2.00 17.21 16.84
C CYS D 222 2.12 18.40 17.79
N LEU D 223 3.26 19.10 17.73
CA LEU D 223 3.42 20.30 18.54
C LEU D 223 2.45 21.39 18.11
N LEU D 224 2.21 21.54 16.82
CA LEU D 224 1.26 22.52 16.34
C LEU D 224 -0.15 22.20 16.83
N PHE D 225 -0.53 20.93 16.79
CA PHE D 225 -1.85 20.54 17.28
C PHE D 225 -1.96 20.72 18.78
N SER D 226 -0.88 20.44 19.52
CA SER D 226 -0.90 20.66 20.96
C SER D 226 -0.97 22.15 21.29
N PHE D 227 -0.43 23.01 20.43
CA PHE D 227 -0.53 24.44 20.66
C PHE D 227 -1.92 24.96 20.31
N LEU D 228 -2.55 24.38 19.27
CA LEU D 228 -3.88 24.83 18.88
C LEU D 228 -4.91 24.52 19.97
N THR D 229 -4.80 23.35 20.60
CA THR D 229 -5.73 23.00 21.67
C THR D 229 -5.62 23.96 22.84
N GLY D 230 -4.42 24.46 23.12
CA GLY D 230 -4.27 25.46 24.16
C GLY D 230 -4.79 26.83 23.77
N LEU D 231 -5.02 27.08 22.49
CA LEU D 231 -5.52 28.35 22.01
C LEU D 231 -7.04 28.37 21.86
N VAL D 232 -7.71 27.24 22.10
CA VAL D 232 -9.16 27.18 21.96
C VAL D 232 -9.82 28.07 23.00
N PHE D 233 -9.26 28.12 24.21
CA PHE D 233 -9.92 28.80 25.32
C PHE D 233 -9.90 30.31 25.19
N TYR D 234 -8.94 30.88 24.45
CA TYR D 234 -8.96 32.32 24.21
C TYR D 234 -10.14 32.71 23.32
N LEU D 235 -10.54 31.82 22.42
CA LEU D 235 -11.67 32.08 21.55
C LEU D 235 -12.95 32.13 22.37
N PRO D 236 -13.67 33.24 22.37
CA PRO D 236 -14.89 33.33 23.20
C PRO D 236 -15.97 32.38 22.72
N THR D 237 -16.76 31.92 23.67
CA THR D 237 -17.89 31.01 23.39
C THR D 237 -19.13 31.80 22.98
N ASP D 238 -18.93 32.69 22.01
CA ASP D 238 -20.00 33.49 21.46
C ASP D 238 -20.01 33.47 19.94
N SER D 239 -18.92 33.07 19.30
CA SER D 239 -18.83 32.98 17.85
C SER D 239 -19.39 31.68 17.30
N GLY D 240 -19.68 30.71 18.17
CA GLY D 240 -20.16 29.42 17.70
C GLY D 240 -19.14 28.58 17.00
N GLU D 241 -17.86 28.96 17.06
CA GLU D 241 -16.80 28.21 16.40
C GLU D 241 -15.83 27.56 17.38
N LYS D 242 -16.12 27.60 18.68
CA LYS D 242 -15.22 27.02 19.67
C LYS D 242 -15.22 25.51 19.56
N MET D 243 -16.41 24.89 19.67
CA MET D 243 -16.51 23.44 19.52
C MET D 243 -16.18 23.03 18.09
N THR D 244 -16.45 23.89 17.11
CA THR D 244 -16.04 23.60 15.74
C THR D 244 -14.52 23.47 15.64
N LEU D 245 -13.80 24.42 16.24
CA LEU D 245 -12.34 24.34 16.25
C LEU D 245 -11.86 23.12 17.02
N SER D 246 -12.49 22.81 18.14
CA SER D 246 -12.07 21.65 18.94
C SER D 246 -12.24 20.35 18.17
N ILE D 247 -13.40 20.15 17.56
CA ILE D 247 -13.62 18.91 16.82
C ILE D 247 -12.79 18.88 15.55
N SER D 248 -12.49 20.05 14.96
CA SER D 248 -11.63 20.07 13.78
C SER D 248 -10.21 19.67 14.14
N VAL D 249 -9.71 20.15 15.29
CA VAL D 249 -8.40 19.72 15.76
C VAL D 249 -8.42 18.23 16.10
N LEU D 250 -9.55 17.75 16.63
CA LEU D 250 -9.68 16.32 16.89
C LEU D 250 -9.61 15.51 15.60
N LEU D 251 -10.30 15.97 14.55
CA LEU D 251 -10.26 15.26 13.27
C LEU D 251 -8.87 15.33 12.64
N SER D 252 -8.20 16.47 12.74
CA SER D 252 -6.85 16.58 12.21
C SER D 252 -5.90 15.65 12.96
N LEU D 253 -6.08 15.52 14.27
CA LEU D 253 -5.26 14.58 15.03
C LEU D 253 -5.61 13.14 14.71
N THR D 254 -6.86 12.88 14.32
CA THR D 254 -7.21 11.54 13.84
C THR D 254 -6.52 11.22 12.52
N VAL D 255 -6.47 12.19 11.62
CA VAL D 255 -5.74 12.00 10.35
C VAL D 255 -4.27 11.78 10.64
N PHE D 256 -3.70 12.57 11.55
CA PHE D 256 -2.31 12.34 11.93
C PHE D 256 -2.14 11.03 12.69
N LEU D 257 -3.19 10.52 13.32
CA LEU D 257 -3.14 9.18 13.88
C LEU D 257 -3.05 8.13 12.78
N LEU D 258 -3.76 8.34 11.67
CA LEU D 258 -3.59 7.48 10.50
C LEU D 258 -2.13 7.51 10.03
N VAL D 259 -1.57 8.71 9.94
CA VAL D 259 -0.18 8.86 9.48
C VAL D 259 0.77 8.15 10.45
N ILE D 260 0.58 8.34 11.75
CA ILE D 260 1.48 7.77 12.74
C ILE D 260 1.33 6.26 12.81
N VAL D 261 0.12 5.74 12.52
CA VAL D 261 -0.05 4.31 12.41
C VAL D 261 0.72 3.78 11.21
N GLU D 262 0.69 4.53 10.10
CA GLU D 262 1.47 4.15 8.93
C GLU D 262 2.97 4.18 9.22
N LEU D 263 3.43 5.05 10.10
CA LEU D 263 4.87 5.24 10.29
C LEU D 263 5.45 4.35 11.37
N ILE D 264 4.97 4.46 12.61
CA ILE D 264 5.61 3.79 13.75
C ILE D 264 5.42 2.29 13.66
N PRO D 265 6.31 1.49 14.23
CA PRO D 265 6.15 0.04 14.18
C PRO D 265 5.05 -0.45 15.12
N SER D 266 4.56 -1.65 14.82
CA SER D 266 3.54 -2.30 15.64
C SER D 266 4.23 -3.31 16.56
N THR D 267 4.82 -2.79 17.63
CA THR D 267 5.48 -3.60 18.63
C THR D 267 4.85 -3.33 19.98
N SER D 268 4.32 -4.38 20.60
CA SER D 268 3.69 -4.28 21.92
C SER D 268 4.66 -4.59 23.05
N SER D 269 5.94 -4.81 22.74
CA SER D 269 6.92 -5.08 23.79
C SER D 269 7.07 -3.89 24.71
N ALA D 270 7.12 -2.68 24.15
CA ALA D 270 7.17 -1.46 24.94
C ALA D 270 6.58 -0.32 24.13
N VAL D 271 5.95 0.62 24.83
CA VAL D 271 5.36 1.79 24.18
C VAL D 271 6.49 2.72 23.74
N PRO D 272 6.56 3.09 22.47
CA PRO D 272 7.59 4.04 22.03
C PRO D 272 7.40 5.40 22.68
N LEU D 273 8.51 6.14 22.77
CA LEU D 273 8.44 7.47 23.36
C LEU D 273 7.55 8.40 22.55
N ILE D 274 7.62 8.31 21.23
CA ILE D 274 6.69 9.05 20.38
C ILE D 274 5.27 8.55 20.59
N GLY D 275 5.09 7.25 20.84
CA GLY D 275 3.78 6.74 21.19
C GLY D 275 3.25 7.34 22.48
N LYS D 276 4.12 7.46 23.48
CA LYS D 276 3.73 8.11 24.72
C LYS D 276 3.36 9.57 24.49
N TYR D 277 4.12 10.27 23.64
CA TYR D 277 3.83 11.68 23.38
C TYR D 277 2.51 11.84 22.64
N MET D 278 2.23 10.99 21.65
CA MET D 278 0.98 11.12 20.91
C MET D 278 -0.20 10.71 21.78
N LEU D 279 -0.03 9.71 22.64
CA LEU D 279 -1.08 9.39 23.60
C LEU D 279 -1.30 10.54 24.57
N PHE D 280 -0.21 11.22 24.96
CA PHE D 280 -0.34 12.36 25.85
C PHE D 280 -1.14 13.48 25.21
N THR D 281 -0.82 13.83 23.97
CA THR D 281 -1.56 14.92 23.33
C THR D 281 -2.97 14.50 22.96
N MET D 282 -3.21 13.20 22.75
CA MET D 282 -4.58 12.74 22.52
C MET D 282 -5.41 12.84 23.78
N ILE D 283 -4.84 12.44 24.93
CA ILE D 283 -5.50 12.67 26.21
C ILE D 283 -5.73 14.16 26.42
N PHE D 284 -4.75 14.98 26.03
CA PHE D 284 -4.85 16.42 26.19
C PHE D 284 -6.00 17.00 25.39
N VAL D 285 -6.13 16.60 24.13
CA VAL D 285 -7.20 17.14 23.29
C VAL D 285 -8.55 16.58 23.72
N ILE D 286 -8.61 15.33 24.18
CA ILE D 286 -9.87 14.79 24.68
C ILE D 286 -10.32 15.56 25.91
N SER D 287 -9.39 15.83 26.83
CA SER D 287 -9.72 16.61 28.01
C SER D 287 -10.11 18.03 27.65
N SER D 288 -9.43 18.63 26.67
CA SER D 288 -9.80 19.98 26.26
C SER D 288 -11.19 20.02 25.65
N ILE D 289 -11.55 19.00 24.86
CA ILE D 289 -12.89 18.93 24.31
C ILE D 289 -13.92 18.77 25.41
N ILE D 290 -13.62 17.94 26.41
CA ILE D 290 -14.56 17.73 27.51
C ILE D 290 -14.78 19.03 28.28
N ILE D 291 -13.69 19.74 28.59
CA ILE D 291 -13.87 20.96 29.39
C ILE D 291 -14.44 22.10 28.54
N THR D 292 -14.22 22.09 27.22
CA THR D 292 -14.90 23.08 26.39
C THR D 292 -16.39 22.79 26.31
N VAL D 293 -16.77 21.50 26.30
CA VAL D 293 -18.18 21.15 26.43
C VAL D 293 -18.74 21.70 27.73
N VAL D 294 -17.99 21.55 28.82
CA VAL D 294 -18.44 22.03 30.12
C VAL D 294 -18.60 23.54 30.12
N VAL D 295 -17.62 24.27 29.57
CA VAL D 295 -17.71 25.73 29.61
C VAL D 295 -18.78 26.24 28.65
N ILE D 296 -19.05 25.52 27.55
CA ILE D 296 -20.14 25.89 26.67
C ILE D 296 -21.47 25.72 27.39
N ASN D 297 -21.63 24.61 28.10
CA ASN D 297 -22.86 24.42 28.88
C ASN D 297 -22.99 25.48 29.95
N THR D 298 -21.88 25.88 30.56
CA THR D 298 -21.92 26.95 31.57
C THR D 298 -22.27 28.29 30.95
N HIS D 299 -21.85 28.54 29.71
CA HIS D 299 -22.10 29.83 29.07
C HIS D 299 -23.58 30.03 28.78
N HIS D 300 -24.25 29.00 28.26
CA HIS D 300 -25.67 29.09 27.92
C HIS D 300 -26.56 28.73 29.10
N ARG D 301 -26.03 28.73 30.31
CA ARG D 301 -26.78 28.31 31.50
C ARG D 301 -27.87 29.34 31.78
N SER D 302 -29.12 28.97 31.50
CA SER D 302 -30.23 29.88 31.74
C SER D 302 -30.42 30.05 33.24
N PRO D 303 -30.61 31.27 33.73
CA PRO D 303 -30.69 31.50 35.18
C PRO D 303 -31.86 30.83 35.86
N SER D 304 -32.96 30.62 35.15
CA SER D 304 -34.13 29.99 35.77
C SER D 304 -33.85 28.54 36.14
N THR D 305 -33.15 27.81 35.27
CA THR D 305 -32.91 26.39 35.53
C THR D 305 -31.84 26.17 36.60
N HIS D 306 -30.75 26.94 36.55
CA HIS D 306 -29.64 26.78 37.47
C HIS D 306 -29.41 28.06 38.24
N THR D 307 -29.28 27.95 39.56
CA THR D 307 -28.93 29.06 40.43
C THR D 307 -27.46 28.95 40.80
N MET D 308 -26.75 30.07 40.76
CA MET D 308 -25.31 30.05 40.94
C MET D 308 -24.94 29.68 42.38
N PRO D 309 -24.12 28.65 42.58
CA PRO D 309 -23.67 28.32 43.94
C PRO D 309 -22.69 29.35 44.46
N GLN D 310 -22.53 29.34 45.79
CA GLN D 310 -21.68 30.33 46.43
C GLN D 310 -20.20 30.08 46.14
N TRP D 311 -19.79 28.81 46.13
CA TRP D 311 -18.37 28.49 46.02
C TRP D 311 -17.82 28.81 44.64
N VAL D 312 -18.59 28.54 43.59
CA VAL D 312 -18.14 28.87 42.23
C VAL D 312 -17.98 30.36 42.07
N ARG D 313 -18.95 31.14 42.56
CA ARG D 313 -18.85 32.59 42.49
C ARG D 313 -17.66 33.10 43.28
N LYS D 314 -17.45 32.56 44.48
CA LYS D 314 -16.34 33.00 45.32
C LYS D 314 -15.00 32.69 44.67
N ILE D 315 -14.88 31.53 44.01
CA ILE D 315 -13.61 31.13 43.42
C ILE D 315 -13.37 31.77 42.05
N PHE D 316 -14.42 32.24 41.37
CA PHE D 316 -14.26 32.74 40.01
C PHE D 316 -14.58 34.23 39.85
N ILE D 317 -14.97 34.93 40.92
CA ILE D 317 -15.16 36.37 40.85
C ILE D 317 -14.25 37.13 41.80
N ASP D 318 -13.82 36.52 42.91
CA ASP D 318 -13.02 37.21 43.92
C ASP D 318 -11.54 36.89 43.85
N THR D 319 -11.17 35.61 43.81
CA THR D 319 -9.77 35.23 43.90
C THR D 319 -9.06 35.36 42.55
N ILE D 320 -9.51 34.61 41.55
CA ILE D 320 -8.81 34.59 40.25
C ILE D 320 -8.85 35.96 39.55
N PRO D 321 -9.97 36.69 39.50
CA PRO D 321 -9.91 38.03 38.87
C PRO D 321 -8.95 38.99 39.55
N ASN D 322 -8.79 38.88 40.86
CA ASN D 322 -7.82 39.71 41.56
C ASN D 322 -6.39 39.18 41.44
N VAL D 323 -6.21 37.99 40.87
CA VAL D 323 -4.88 37.45 40.63
C VAL D 323 -4.51 37.61 39.16
N ILE D 376 -51.34 52.47 29.97
CA ILE D 376 -50.74 52.79 31.25
C ILE D 376 -50.35 51.50 31.99
N GLU D 377 -51.32 50.59 32.12
CA GLU D 377 -51.04 49.30 32.74
C GLU D 377 -50.06 48.49 31.90
N GLY D 378 -50.20 48.54 30.58
CA GLY D 378 -49.25 47.86 29.72
C GLY D 378 -47.85 48.40 29.80
N VAL D 379 -47.71 49.71 30.08
CA VAL D 379 -46.39 50.29 30.29
C VAL D 379 -45.73 49.68 31.52
N LYS D 380 -46.50 49.54 32.61
CA LYS D 380 -45.97 48.88 33.80
C LYS D 380 -45.66 47.42 33.53
N TYR D 381 -46.49 46.76 32.72
CA TYR D 381 -46.25 45.36 32.38
C TYR D 381 -44.94 45.19 31.61
N ILE D 382 -44.71 46.04 30.61
CA ILE D 382 -43.48 45.93 29.83
C ILE D 382 -42.28 46.36 30.67
N ALA D 383 -42.48 47.29 31.61
CA ALA D 383 -41.40 47.64 32.53
C ALA D 383 -41.00 46.45 33.40
N GLU D 384 -41.99 45.73 33.93
CA GLU D 384 -41.70 44.54 34.73
C GLU D 384 -41.06 43.45 33.88
N HIS D 385 -41.54 43.26 32.65
CA HIS D 385 -40.95 42.27 31.76
C HIS D 385 -39.49 42.60 31.43
N MET D 386 -39.21 43.88 31.17
CA MET D 386 -37.84 44.29 30.90
C MET D 386 -36.97 44.21 32.14
N LYS D 387 -37.53 44.46 33.32
CA LYS D 387 -36.78 44.27 34.56
C LYS D 387 -36.40 42.80 34.75
N SER D 388 -37.35 41.89 34.50
CA SER D 388 -37.06 40.46 34.59
C SER D 388 -36.01 40.04 33.57
N ASP D 389 -36.12 40.57 32.35
CA ASP D 389 -35.12 40.26 31.32
C ASP D 389 -33.75 40.81 31.70
N GLU D 390 -33.71 41.99 32.32
CA GLU D 390 -32.44 42.56 32.74
C GLU D 390 -31.81 41.74 33.88
N GLU D 391 -32.64 41.27 34.81
CA GLU D 391 -32.12 40.39 35.87
C GLU D 391 -31.58 39.09 35.28
N SER D 392 -32.32 38.51 34.34
CA SER D 392 -31.85 37.28 33.71
C SER D 392 -30.57 37.51 32.91
N SER D 393 -30.47 38.66 32.25
CA SER D 393 -29.27 38.97 31.49
C SER D 393 -28.08 39.25 32.40
N ASN D 394 -28.32 39.83 33.58
CA ASN D 394 -27.23 40.01 34.54
C ASN D 394 -26.75 38.67 35.08
N ALA D 395 -27.68 37.75 35.36
CA ALA D 395 -27.27 36.43 35.81
C ALA D 395 -26.52 35.68 34.71
N ALA D 396 -26.98 35.80 33.46
CA ALA D 396 -26.25 35.22 32.34
C ALA D 396 -24.90 35.88 32.16
N GLU D 397 -24.80 37.17 32.48
CA GLU D 397 -23.51 37.86 32.45
C GLU D 397 -22.58 37.28 33.50
N GLU D 398 -23.11 36.96 34.68
CA GLU D 398 -22.32 36.28 35.69
C GLU D 398 -21.82 34.92 35.18
N TRP D 399 -22.71 34.18 34.51
CA TRP D 399 -22.30 32.89 33.94
C TRP D 399 -21.21 33.07 32.88
N LYS D 400 -21.35 34.11 32.04
CA LYS D 400 -20.34 34.36 31.02
C LYS D 400 -19.01 34.79 31.64
N TYR D 401 -19.07 35.56 32.72
CA TYR D 401 -17.86 35.94 33.44
C TYR D 401 -17.16 34.72 34.02
N VAL D 402 -17.93 33.79 34.59
CA VAL D 402 -17.37 32.53 35.07
C VAL D 402 -16.74 31.76 33.91
N ALA D 403 -17.43 31.73 32.76
CA ALA D 403 -16.89 31.05 31.59
C ALA D 403 -15.58 31.67 31.14
N MET D 404 -15.50 33.00 31.12
CA MET D 404 -14.27 33.66 30.69
C MET D 404 -13.13 33.42 31.66
N VAL D 405 -13.41 33.47 32.96
CA VAL D 405 -12.38 33.25 33.96
C VAL D 405 -11.85 31.82 33.89
N ILE D 406 -12.76 30.85 33.78
CA ILE D 406 -12.31 29.47 33.67
C ILE D 406 -11.60 29.24 32.34
N ASP D 407 -11.97 29.99 31.31
CA ASP D 407 -11.24 29.90 30.05
C ASP D 407 -9.80 30.38 30.20
N HIS D 408 -9.60 31.49 30.91
CA HIS D 408 -8.24 31.97 31.16
C HIS D 408 -7.45 30.97 31.98
N ILE D 409 -8.07 30.40 33.01
CA ILE D 409 -7.40 29.42 33.87
C ILE D 409 -6.99 28.21 33.05
N LEU D 410 -7.91 27.69 32.23
CA LEU D 410 -7.61 26.55 31.39
C LEU D 410 -6.56 26.87 30.34
N LEU D 411 -6.56 28.10 29.81
CA LEU D 411 -5.53 28.49 28.85
C LEU D 411 -4.15 28.42 29.48
N CYS D 412 -3.97 29.05 30.65
CA CYS D 412 -2.67 29.06 31.30
C CYS D 412 -2.26 27.64 31.72
N VAL D 413 -3.19 26.91 32.35
CA VAL D 413 -2.89 25.57 32.83
C VAL D 413 -2.55 24.65 31.67
N PHE D 414 -3.29 24.76 30.57
CA PHE D 414 -3.09 23.86 29.44
C PHE D 414 -1.79 24.17 28.71
N MET D 415 -1.42 25.45 28.58
CA MET D 415 -0.13 25.75 27.94
C MET D 415 1.04 25.32 28.81
N LEU D 416 0.92 25.51 30.14
CA LEU D 416 1.99 25.04 31.02
C LEU D 416 2.07 23.52 31.03
N ILE D 417 0.92 22.85 30.96
CA ILE D 417 0.90 21.38 30.91
C ILE D 417 1.54 20.89 29.62
N CYS D 418 1.24 21.56 28.50
CA CYS D 418 1.86 21.20 27.23
C CYS D 418 3.38 21.35 27.29
N ILE D 419 3.85 22.48 27.85
CA ILE D 419 5.29 22.71 27.94
C ILE D 419 5.95 21.68 28.85
N ILE D 420 5.34 21.42 30.01
CA ILE D 420 5.91 20.46 30.96
C ILE D 420 5.94 19.07 30.37
N GLY D 421 4.86 18.66 29.70
CA GLY D 421 4.82 17.34 29.10
C GLY D 421 5.84 17.17 28.00
N THR D 422 5.96 18.16 27.12
CA THR D 422 6.95 18.07 26.05
C THR D 422 8.37 18.02 26.60
N VAL D 423 8.65 18.84 27.63
CA VAL D 423 9.98 18.81 28.25
C VAL D 423 10.24 17.45 28.89
N SER D 424 9.26 16.91 29.61
CA SER D 424 9.47 15.64 30.30
C SER D 424 9.61 14.47 29.33
N VAL D 425 8.96 14.53 28.17
CA VAL D 425 9.06 13.42 27.23
C VAL D 425 10.19 13.59 26.21
N PHE D 426 10.77 14.78 26.09
CA PHE D 426 11.82 14.98 25.10
C PHE D 426 13.16 15.36 25.70
N ALA D 427 13.18 16.34 26.61
CA ALA D 427 14.43 16.87 27.14
C ALA D 427 15.20 15.85 27.96
N GLY D 428 14.53 14.85 28.53
CA GLY D 428 15.25 13.81 29.24
C GLY D 428 16.13 12.99 28.33
N ARG D 429 15.58 12.56 27.19
CA ARG D 429 16.36 11.80 26.22
C ARG D 429 17.44 12.68 25.59
N LEU D 430 17.14 13.96 25.37
CA LEU D 430 18.15 14.88 24.85
C LEU D 430 19.30 15.06 25.82
N ILE D 431 18.99 15.15 27.12
CA ILE D 431 20.03 15.24 28.14
C ILE D 431 20.86 13.96 28.17
N GLU D 432 20.19 12.81 28.05
CA GLU D 432 20.92 11.54 28.02
C GLU D 432 21.84 11.46 26.81
N LEU D 433 21.39 11.94 25.66
CA LEU D 433 22.24 11.94 24.46
C LEU D 433 23.40 12.92 24.60
N SER D 434 23.16 14.09 25.20
CA SER D 434 24.23 15.07 25.34
C SER D 434 25.31 14.57 26.30
N GLN D 435 24.91 13.87 27.35
CA GLN D 435 25.87 13.33 28.30
C GLN D 435 26.30 11.92 27.92
N ASN E 1 29.82 -26.77 -42.88
CA ASN E 1 29.86 -25.47 -42.21
C ASN E 1 31.19 -25.28 -41.50
N GLU E 2 31.98 -24.31 -41.96
CA GLU E 2 33.30 -24.08 -41.39
C GLU E 2 33.24 -23.54 -39.98
N GLU E 3 32.17 -22.81 -39.65
CA GLU E 3 32.03 -22.22 -38.33
C GLU E 3 32.00 -23.29 -37.24
N GLY E 4 31.40 -24.44 -37.54
CA GLY E 4 31.35 -25.51 -36.55
C GLY E 4 32.72 -26.01 -36.16
N ARG E 5 33.55 -26.33 -37.15
CA ARG E 5 34.87 -26.84 -36.84
C ARG E 5 35.77 -25.75 -36.27
N LEU E 6 35.54 -24.50 -36.66
CA LEU E 6 36.32 -23.40 -36.08
C LEU E 6 36.02 -23.23 -34.60
N ILE E 7 34.74 -23.23 -34.23
CA ILE E 7 34.39 -23.10 -32.81
C ILE E 7 34.82 -24.35 -32.04
N GLU E 8 34.74 -25.53 -32.66
CA GLU E 8 35.22 -26.73 -31.99
C GLU E 8 36.71 -26.66 -31.71
N LYS E 9 37.49 -26.13 -32.65
CA LYS E 9 38.94 -26.05 -32.43
C LYS E 9 39.28 -24.97 -31.41
N LEU E 10 38.55 -23.85 -31.44
CA LEU E 10 38.87 -22.76 -30.51
C LEU E 10 38.64 -23.16 -29.06
N LEU E 11 37.54 -23.85 -28.78
CA LEU E 11 37.15 -24.16 -27.42
C LEU E 11 37.51 -25.59 -27.01
N GLY E 12 38.32 -26.28 -27.83
CA GLY E 12 38.70 -27.64 -27.50
C GLY E 12 39.57 -27.72 -26.26
N ASP E 13 40.52 -26.81 -26.13
CA ASP E 13 41.39 -26.72 -24.95
C ASP E 13 41.33 -25.29 -24.45
N TYR E 14 40.33 -24.99 -23.63
CA TYR E 14 40.06 -23.63 -23.19
C TYR E 14 39.45 -23.69 -21.80
N ASP E 15 40.16 -23.15 -20.82
CA ASP E 15 39.66 -23.09 -19.45
C ASP E 15 39.12 -21.69 -19.20
N LYS E 16 37.83 -21.60 -18.90
CA LYS E 16 37.16 -20.33 -18.71
C LYS E 16 37.43 -19.72 -17.34
N ARG E 17 38.34 -20.29 -16.57
CA ARG E 17 38.67 -19.80 -15.24
C ARG E 17 40.05 -19.14 -15.20
N ILE E 18 40.66 -18.87 -16.35
CA ILE E 18 42.03 -18.38 -16.42
C ILE E 18 42.03 -17.04 -17.14
N ILE E 19 42.56 -16.02 -16.48
CA ILE E 19 42.70 -14.70 -17.12
C ILE E 19 43.73 -14.80 -18.24
N PRO E 20 43.45 -14.28 -19.43
CA PRO E 20 44.43 -14.37 -20.52
C PRO E 20 45.59 -13.40 -20.32
N ALA E 21 46.75 -13.92 -19.94
CA ALA E 21 47.96 -13.11 -19.85
C ALA E 21 49.05 -13.84 -20.62
N LYS E 22 49.52 -13.21 -21.70
CA LYS E 22 50.50 -13.87 -22.57
C LYS E 22 51.82 -14.11 -21.86
N THR E 23 52.09 -13.38 -20.78
CA THR E 23 53.29 -13.57 -19.99
C THR E 23 53.02 -13.07 -18.58
N LEU E 24 53.99 -13.23 -17.70
CA LEU E 24 53.87 -12.70 -16.35
C LEU E 24 53.81 -11.18 -16.38
N ASP E 25 53.15 -10.62 -15.35
CA ASP E 25 52.93 -9.17 -15.19
C ASP E 25 52.44 -8.50 -16.47
N HIS E 26 51.64 -9.22 -17.25
CA HIS E 26 51.03 -8.69 -18.47
C HIS E 26 49.58 -8.33 -18.15
N ILE E 27 49.29 -7.04 -18.16
CA ILE E 27 47.94 -6.59 -17.91
C ILE E 27 47.13 -6.66 -19.21
N ILE E 28 45.80 -6.67 -19.07
CA ILE E 28 44.90 -6.67 -20.22
C ILE E 28 43.98 -5.47 -20.11
N ASP E 29 43.90 -4.70 -21.19
CA ASP E 29 43.09 -3.48 -21.21
C ASP E 29 41.65 -3.86 -21.49
N VAL E 30 40.78 -3.64 -20.52
CA VAL E 30 39.35 -3.88 -20.68
C VAL E 30 38.68 -2.52 -20.87
N THR E 31 38.15 -2.28 -22.06
CA THR E 31 37.53 -1.01 -22.41
C THR E 31 36.02 -1.12 -22.30
N LEU E 32 35.38 -0.05 -21.86
CA LEU E 32 33.95 -0.03 -21.63
C LEU E 32 33.31 1.13 -22.38
N LYS E 33 32.01 0.98 -22.65
CA LYS E 33 31.21 2.02 -23.28
C LYS E 33 29.73 1.75 -23.04
N LEU E 34 29.07 2.61 -22.28
CA LEU E 34 27.67 2.40 -21.93
C LEU E 34 26.77 3.03 -22.97
N THR E 35 25.71 2.31 -23.33
CA THR E 35 24.75 2.76 -24.34
C THR E 35 23.36 2.74 -23.70
N LEU E 36 22.97 3.87 -23.13
CA LEU E 36 21.64 3.99 -22.54
C LEU E 36 20.58 3.94 -23.64
N THR E 37 19.48 3.25 -23.37
CA THR E 37 18.38 3.20 -24.33
C THR E 37 17.06 3.59 -23.69
N ASN E 38 16.87 3.20 -22.44
CA ASN E 38 15.61 3.49 -21.75
C ASN E 38 15.92 3.78 -20.28
N LEU E 39 15.66 5.02 -19.86
CA LEU E 39 15.75 5.39 -18.46
C LEU E 39 14.42 5.05 -17.83
N ILE E 40 14.37 3.94 -17.08
CA ILE E 40 13.09 3.40 -16.63
C ILE E 40 12.47 4.29 -15.57
N SER E 41 13.13 4.41 -14.43
CA SER E 41 12.56 5.18 -13.32
C SER E 41 13.65 5.51 -12.32
N LEU E 42 13.36 6.48 -11.47
CA LEU E 42 14.21 6.84 -10.34
C LEU E 42 13.32 6.80 -9.10
N ASN E 43 13.39 5.69 -8.36
CA ASN E 43 12.53 5.49 -7.21
C ASN E 43 13.08 6.27 -6.03
N GLU E 44 12.39 7.34 -5.64
CA GLU E 44 12.86 8.16 -4.53
C GLU E 44 12.76 7.43 -3.20
N LYS E 45 11.77 6.55 -3.04
CA LYS E 45 11.59 5.84 -1.78
C LYS E 45 12.75 4.91 -1.49
N GLU E 46 13.22 4.18 -2.50
CA GLU E 46 14.26 3.18 -2.33
C GLU E 46 15.65 3.68 -2.73
N GLU E 47 15.74 4.93 -3.21
CA GLU E 47 17.01 5.53 -3.65
C GLU E 47 17.69 4.66 -4.70
N ALA E 48 16.91 4.12 -5.62
CA ALA E 48 17.41 3.23 -6.66
C ALA E 48 17.05 3.78 -8.03
N LEU E 49 18.01 3.73 -8.95
CA LEU E 49 17.83 4.16 -10.31
C LEU E 49 17.84 2.94 -11.22
N THR E 50 16.75 2.70 -11.92
CA THR E 50 16.61 1.56 -12.80
C THR E 50 16.86 2.00 -14.24
N THR E 51 17.82 1.36 -14.89
CA THR E 51 18.19 1.72 -16.24
C THR E 51 18.25 0.47 -17.12
N ASN E 52 18.00 0.67 -18.41
CA ASN E 52 18.10 -0.38 -19.42
C ASN E 52 19.24 0.02 -20.35
N VAL E 53 20.38 -0.64 -20.22
CA VAL E 53 21.60 -0.22 -20.89
C VAL E 53 22.16 -1.36 -21.72
N TRP E 54 23.00 -1.00 -22.68
CA TRP E 54 23.77 -1.94 -23.50
C TRP E 54 25.24 -1.68 -23.17
N ILE E 55 25.75 -2.30 -22.10
CA ILE E 55 27.14 -2.10 -21.74
C ILE E 55 28.02 -2.84 -22.75
N GLU E 56 29.00 -2.13 -23.30
CA GLU E 56 29.88 -2.65 -24.34
C GLU E 56 31.25 -2.91 -23.73
N ILE E 57 31.60 -4.18 -23.57
CA ILE E 57 32.85 -4.59 -22.95
C ILE E 57 33.73 -5.19 -24.03
N GLN E 58 34.93 -4.64 -24.19
CA GLN E 58 35.90 -5.16 -25.14
C GLN E 58 37.20 -5.47 -24.43
N TRP E 59 37.75 -6.65 -24.71
CA TRP E 59 39.07 -7.00 -24.23
C TRP E 59 39.77 -7.78 -25.33
N ASN E 60 40.89 -8.41 -25.00
CA ASN E 60 41.64 -9.19 -25.97
C ASN E 60 42.03 -10.53 -25.35
N ASP E 61 41.78 -11.60 -26.10
CA ASP E 61 42.10 -12.96 -25.66
C ASP E 61 42.98 -13.60 -26.71
N TYR E 62 44.22 -13.93 -26.34
CA TYR E 62 45.15 -14.49 -27.30
C TYR E 62 44.79 -15.91 -27.73
N ARG E 63 43.98 -16.62 -26.93
CA ARG E 63 43.58 -17.96 -27.29
C ARG E 63 42.51 -17.97 -28.37
N LEU E 64 41.63 -16.97 -28.38
CA LEU E 64 40.53 -16.90 -29.34
C LEU E 64 40.95 -16.15 -30.60
N SER E 65 42.00 -16.66 -31.24
CA SER E 65 42.50 -16.11 -32.49
C SER E 65 42.73 -17.21 -33.49
N TRP E 66 42.56 -16.90 -34.77
CA TRP E 66 42.77 -17.86 -35.83
C TRP E 66 43.23 -17.12 -37.08
N ASN E 67 43.29 -17.83 -38.20
CA ASN E 67 43.70 -17.27 -39.47
C ASN E 67 42.56 -17.45 -40.46
N THR E 68 42.18 -16.37 -41.15
CA THR E 68 40.98 -16.41 -41.99
C THR E 68 41.16 -17.30 -43.21
N SER E 69 42.36 -17.33 -43.78
CA SER E 69 42.57 -18.08 -45.01
C SER E 69 42.43 -19.60 -44.81
N GLU E 70 42.55 -20.08 -43.58
CA GLU E 70 42.42 -21.51 -43.31
C GLU E 70 40.99 -21.93 -43.04
N TYR E 71 40.03 -21.01 -43.07
CA TYR E 71 38.64 -21.34 -42.76
C TYR E 71 37.69 -20.67 -43.73
N GLU E 72 38.10 -20.58 -44.99
CA GLU E 72 37.25 -20.10 -46.09
C GLU E 72 36.74 -18.68 -45.84
N GLY E 73 37.60 -17.84 -45.28
CA GLY E 73 37.33 -16.41 -45.23
C GLY E 73 36.44 -15.92 -44.12
N ILE E 74 36.09 -16.78 -43.15
CA ILE E 74 35.31 -16.30 -42.01
C ILE E 74 36.22 -15.50 -41.10
N ASP E 75 35.73 -14.34 -40.64
CA ASP E 75 36.51 -13.48 -39.78
C ASP E 75 35.74 -13.06 -38.53
N LEU E 76 34.60 -13.69 -38.26
CA LEU E 76 33.80 -13.31 -37.09
C LEU E 76 32.91 -14.49 -36.73
N VAL E 77 33.17 -15.11 -35.59
CA VAL E 77 32.31 -16.14 -35.05
C VAL E 77 31.60 -15.57 -33.83
N ARG E 78 30.59 -16.29 -33.37
CA ARG E 78 29.81 -15.88 -32.21
C ARG E 78 29.71 -17.05 -31.24
N ILE E 79 30.13 -16.83 -30.01
CA ILE E 79 30.22 -17.86 -28.98
C ILE E 79 29.39 -17.40 -27.78
N PRO E 80 28.56 -18.25 -27.18
CA PRO E 80 27.80 -17.81 -26.01
C PRO E 80 28.70 -17.52 -24.83
N SER E 81 28.22 -16.63 -23.95
CA SER E 81 29.06 -16.14 -22.86
C SER E 81 29.35 -17.22 -21.82
N GLU E 82 28.49 -18.25 -21.74
CA GLU E 82 28.67 -19.26 -20.71
C GLU E 82 29.86 -20.18 -20.96
N LEU E 83 30.49 -20.09 -22.13
CA LEU E 83 31.59 -20.97 -22.49
C LEU E 83 32.92 -20.25 -22.59
N LEU E 84 32.99 -18.99 -22.18
CA LEU E 84 34.19 -18.18 -22.38
C LEU E 84 34.58 -17.45 -21.09
N TRP E 85 35.86 -17.11 -21.02
CA TRP E 85 36.36 -16.28 -19.92
C TRP E 85 35.79 -14.88 -20.03
N LEU E 86 35.50 -14.29 -18.88
CA LEU E 86 34.95 -12.94 -18.80
C LEU E 86 35.79 -12.10 -17.85
N PRO E 87 35.79 -10.78 -18.04
CA PRO E 87 36.48 -9.91 -17.07
C PRO E 87 35.72 -9.70 -15.78
N ASP E 88 34.48 -10.18 -15.70
CA ASP E 88 33.62 -10.03 -14.51
C ASP E 88 33.44 -8.57 -14.14
N VAL E 89 32.92 -7.80 -15.10
CA VAL E 89 32.62 -6.40 -14.89
C VAL E 89 31.18 -6.31 -14.38
N VAL E 90 31.02 -5.94 -13.12
CA VAL E 90 29.73 -5.91 -12.46
C VAL E 90 29.46 -4.50 -11.95
N LEU E 91 28.20 -4.25 -11.62
CA LEU E 91 27.79 -2.96 -11.06
C LEU E 91 27.98 -3.02 -9.56
N GLU E 92 29.00 -2.32 -9.06
CA GLU E 92 29.35 -2.44 -7.65
C GLU E 92 28.31 -1.77 -6.74
N ASN E 93 27.81 -0.61 -7.13
CA ASN E 93 26.84 0.11 -6.31
C ASN E 93 25.40 -0.28 -6.69
N ASN E 94 25.10 -1.55 -6.52
CA ASN E 94 23.79 -2.10 -6.82
C ASN E 94 22.98 -2.26 -5.53
N VAL E 95 21.73 -1.80 -5.55
CA VAL E 95 20.91 -1.85 -4.35
C VAL E 95 20.53 -3.29 -4.01
N ASP E 96 20.13 -4.07 -5.01
CA ASP E 96 19.75 -5.45 -4.81
C ASP E 96 20.98 -6.35 -4.91
N GLY E 97 20.77 -7.66 -5.01
CA GLY E 97 21.87 -8.57 -5.17
C GLY E 97 22.13 -8.96 -6.61
N GLN E 98 21.97 -8.01 -7.52
CA GLN E 98 22.11 -8.26 -8.95
C GLN E 98 23.39 -7.56 -9.44
N PHE E 99 24.45 -8.34 -9.58
CA PHE E 99 25.74 -7.83 -10.05
C PHE E 99 25.94 -8.00 -11.54
N GLU E 100 25.58 -9.15 -12.10
CA GLU E 100 25.92 -9.49 -13.47
C GLU E 100 24.87 -8.95 -14.44
N VAL E 101 25.10 -9.18 -15.73
CA VAL E 101 24.15 -8.73 -16.74
C VAL E 101 22.95 -9.66 -16.77
N ALA E 102 21.88 -9.19 -17.41
CA ALA E 102 20.58 -9.86 -17.35
C ALA E 102 20.31 -10.81 -18.50
N TYR E 103 21.18 -10.88 -19.51
CA TYR E 103 20.90 -11.73 -20.66
C TYR E 103 22.02 -12.69 -21.03
N TYR E 104 23.28 -12.27 -20.89
CA TYR E 104 24.44 -13.05 -21.35
C TYR E 104 24.34 -13.35 -22.85
N ALA E 105 24.37 -12.28 -23.64
CA ALA E 105 24.34 -12.42 -25.09
C ALA E 105 25.62 -13.06 -25.60
N ASN E 106 25.57 -13.54 -26.84
CA ASN E 106 26.75 -14.11 -27.47
C ASN E 106 27.80 -13.02 -27.69
N VAL E 107 29.06 -13.44 -27.68
CA VAL E 107 30.17 -12.55 -27.88
C VAL E 107 30.56 -12.59 -29.36
N LEU E 108 31.30 -11.59 -29.80
CA LEU E 108 31.78 -11.52 -31.17
C LEU E 108 33.30 -11.65 -31.14
N VAL E 109 33.78 -12.88 -31.28
CA VAL E 109 35.21 -13.14 -31.33
C VAL E 109 35.71 -12.77 -32.72
N TYR E 110 36.53 -11.72 -32.81
CA TYR E 110 37.04 -11.30 -34.09
C TYR E 110 38.26 -12.14 -34.47
N ASN E 111 38.81 -11.85 -35.65
CA ASN E 111 39.88 -12.66 -36.22
C ASN E 111 41.15 -12.55 -35.39
N ASP E 112 41.50 -11.35 -34.95
CA ASP E 112 42.77 -11.12 -34.27
C ASP E 112 42.70 -11.41 -32.78
N GLY E 113 41.54 -11.84 -32.27
CA GLY E 113 41.38 -12.10 -30.87
C GLY E 113 40.64 -11.00 -30.12
N SER E 114 40.35 -9.88 -30.77
CA SER E 114 39.57 -8.84 -30.12
C SER E 114 38.17 -9.35 -29.81
N MET E 115 37.69 -9.04 -28.62
CA MET E 115 36.39 -9.50 -28.16
C MET E 115 35.42 -8.34 -28.13
N TYR E 116 34.16 -8.62 -28.47
CA TYR E 116 33.10 -7.60 -28.52
C TYR E 116 31.88 -8.22 -27.86
N TRP E 117 31.73 -7.99 -26.56
CA TRP E 117 30.59 -8.48 -25.81
C TRP E 117 29.67 -7.30 -25.52
N LEU E 118 28.41 -7.43 -25.92
CA LEU E 118 27.41 -6.37 -25.73
C LEU E 118 26.15 -6.97 -25.13
N PRO E 119 26.13 -7.21 -23.83
CA PRO E 119 24.92 -7.75 -23.21
C PRO E 119 24.02 -6.64 -22.71
N PRO E 120 22.72 -6.73 -22.98
CA PRO E 120 21.78 -5.80 -22.34
C PRO E 120 21.62 -6.13 -20.88
N ALA E 121 21.23 -5.13 -20.10
CA ALA E 121 21.14 -5.31 -18.67
C ALA E 121 20.10 -4.37 -18.07
N ILE E 122 19.48 -4.82 -17.00
CA ILE E 122 18.56 -4.01 -16.21
C ILE E 122 19.24 -3.75 -14.88
N TYR E 123 19.84 -2.57 -14.74
CA TYR E 123 20.66 -2.24 -13.58
C TYR E 123 19.90 -1.34 -12.62
N ARG E 124 19.85 -1.74 -11.36
CA ARG E 124 19.29 -0.92 -10.30
C ARG E 124 20.46 -0.41 -9.45
N SER E 125 21.01 0.73 -9.87
CA SER E 125 22.15 1.33 -9.18
C SER E 125 21.67 2.28 -8.11
N THR E 126 22.24 2.16 -6.91
CA THR E 126 21.88 3.06 -5.83
C THR E 126 22.32 4.48 -6.14
N CYS E 127 21.55 5.43 -5.62
CA CYS E 127 21.82 6.84 -5.88
C CYS E 127 21.31 7.69 -4.74
N PRO E 128 22.19 8.40 -4.03
CA PRO E 128 21.72 9.35 -3.01
C PRO E 128 20.89 10.44 -3.65
N ILE E 129 19.87 10.88 -2.92
CA ILE E 129 18.88 11.82 -3.44
C ILE E 129 19.21 13.22 -2.92
N ALA E 130 19.35 14.16 -3.84
CA ALA E 130 19.52 15.57 -3.49
C ALA E 130 18.14 16.18 -3.31
N VAL E 131 17.55 15.90 -2.15
CA VAL E 131 16.16 16.25 -1.88
C VAL E 131 15.97 17.73 -1.54
N THR E 132 17.05 18.51 -1.46
CA THR E 132 16.98 19.83 -0.85
C THR E 132 16.04 20.78 -1.59
N TYR E 133 16.05 20.73 -2.92
CA TYR E 133 15.27 21.65 -3.75
C TYR E 133 14.10 20.96 -4.42
N PHE E 134 13.43 20.06 -3.69
CA PHE E 134 12.32 19.31 -4.23
C PHE E 134 11.15 20.24 -4.58
N PRO E 135 10.51 20.05 -5.74
CA PRO E 135 10.78 19.06 -6.79
C PRO E 135 11.57 19.61 -7.96
N PHE E 136 11.96 20.88 -7.95
CA PHE E 136 12.77 21.43 -9.05
C PHE E 136 14.24 21.14 -8.82
N ASP E 137 14.58 19.87 -8.62
CA ASP E 137 15.91 19.47 -8.19
C ASP E 137 16.56 18.61 -9.26
N TRP E 138 17.84 18.84 -9.50
CA TRP E 138 18.63 18.01 -10.39
C TRP E 138 19.42 17.00 -9.58
N GLN E 139 19.43 15.76 -10.05
CA GLN E 139 20.08 14.67 -9.33
C GLN E 139 21.43 14.35 -9.96
N ASN E 140 22.28 13.68 -9.16
CA ASN E 140 23.62 13.30 -9.57
C ASN E 140 23.76 11.81 -9.25
N CYS E 141 23.30 10.96 -10.17
CA CYS E 141 23.35 9.52 -9.99
C CYS E 141 24.51 8.96 -10.80
N SER E 142 25.17 7.94 -10.26
CA SER E 142 26.36 7.38 -10.86
C SER E 142 26.27 5.86 -10.90
N LEU E 143 26.90 5.28 -11.92
CA LEU E 143 27.02 3.84 -12.06
C LEU E 143 28.50 3.49 -11.98
N VAL E 144 28.85 2.59 -11.06
CA VAL E 144 30.23 2.19 -10.84
C VAL E 144 30.41 0.77 -11.37
N PHE E 145 31.28 0.62 -12.35
CA PHE E 145 31.61 -0.68 -12.93
C PHE E 145 33.06 -1.00 -12.60
N ARG E 146 33.27 -1.98 -11.74
CA ARG E 146 34.61 -2.45 -11.40
C ARG E 146 34.62 -3.97 -11.44
N SER E 147 35.79 -4.53 -11.71
CA SER E 147 35.93 -5.98 -11.75
C SER E 147 35.92 -6.52 -10.34
N GLN E 148 34.87 -7.27 -9.99
CA GLN E 148 34.69 -7.71 -8.62
C GLN E 148 35.68 -8.79 -8.20
N THR E 149 36.45 -9.34 -9.13
CA THR E 149 37.43 -10.36 -8.79
C THR E 149 38.85 -9.90 -9.04
N TYR E 150 39.18 -9.47 -10.25
CA TYR E 150 40.56 -9.12 -10.59
C TYR E 150 40.89 -7.72 -10.11
N ASN E 151 42.10 -7.56 -9.58
CA ASN E 151 42.54 -6.27 -9.10
C ASN E 151 43.11 -5.44 -10.24
N ALA E 152 43.55 -4.22 -9.92
CA ALA E 152 44.14 -3.34 -10.93
C ALA E 152 45.52 -3.81 -11.36
N HIS E 153 46.10 -4.79 -10.68
CA HIS E 153 47.38 -5.36 -11.08
C HIS E 153 47.23 -6.46 -12.13
N GLU E 154 46.01 -6.82 -12.48
CA GLU E 154 45.75 -7.87 -13.47
C GLU E 154 44.96 -7.38 -14.66
N VAL E 155 44.01 -6.47 -14.47
CA VAL E 155 43.25 -5.87 -15.56
C VAL E 155 43.38 -4.35 -15.46
N ASN E 156 43.20 -3.70 -16.59
CA ASN E 156 43.33 -2.24 -16.69
C ASN E 156 42.05 -1.70 -17.32
N LEU E 157 41.12 -1.26 -16.47
CA LEU E 157 39.88 -0.71 -16.98
C LEU E 157 40.15 0.62 -17.69
N GLN E 158 39.49 0.82 -18.82
CA GLN E 158 39.68 2.02 -19.64
C GLN E 158 38.32 2.39 -20.23
N LEU E 159 38.33 3.40 -21.09
CA LEU E 159 37.16 3.80 -21.85
C LEU E 159 37.42 3.61 -23.33
N SER E 160 36.35 3.32 -24.07
CA SER E 160 36.49 2.99 -25.48
C SER E 160 36.88 4.22 -26.29
N ALA E 161 37.44 3.97 -27.47
CA ALA E 161 37.84 5.02 -28.39
C ALA E 161 37.33 4.68 -29.78
N GLU E 162 36.62 5.62 -30.40
CA GLU E 162 36.04 5.36 -31.71
C GLU E 162 37.08 5.50 -32.83
N GLU E 163 37.64 6.70 -32.99
CA GLU E 163 38.61 6.98 -34.03
C GLU E 163 39.90 7.55 -33.44
N GLY E 164 40.17 7.30 -32.16
CA GLY E 164 41.27 7.92 -31.47
C GLY E 164 40.86 8.97 -30.46
N GLU E 165 39.58 9.27 -30.35
CA GLU E 165 39.05 10.19 -29.37
C GLU E 165 38.33 9.40 -28.29
N ALA E 166 38.69 9.63 -27.04
CA ALA E 166 38.12 8.87 -25.94
C ALA E 166 36.64 9.16 -25.78
N VAL E 167 35.84 8.12 -25.63
CA VAL E 167 34.41 8.26 -25.42
C VAL E 167 34.16 8.49 -23.94
N GLU E 168 34.25 9.73 -23.50
CA GLU E 168 34.07 10.08 -22.11
C GLU E 168 32.63 10.43 -21.77
N TRP E 169 31.68 9.89 -22.52
CA TRP E 169 30.27 10.18 -22.31
C TRP E 169 29.45 8.93 -22.57
N ILE E 170 28.23 8.92 -22.03
CA ILE E 170 27.29 7.84 -22.25
C ILE E 170 26.71 8.00 -23.64
N HIS E 171 27.00 7.06 -24.54
CA HIS E 171 26.54 7.17 -25.91
C HIS E 171 25.05 6.91 -25.99
N ILE E 172 24.33 7.82 -26.63
CA ILE E 172 22.89 7.68 -26.84
C ILE E 172 22.61 7.80 -28.34
N ASP E 173 21.98 6.78 -28.90
CA ASP E 173 21.62 6.79 -30.31
C ASP E 173 20.17 7.22 -30.44
N PRO E 174 19.88 8.33 -31.12
CA PRO E 174 18.49 8.76 -31.27
C PRO E 174 17.63 7.83 -32.13
N GLU E 175 18.23 6.82 -32.76
CA GLU E 175 17.44 5.87 -33.54
C GLU E 175 16.48 5.09 -32.67
N ASP E 176 16.93 4.67 -31.48
CA ASP E 176 16.13 3.83 -30.60
C ASP E 176 16.20 4.34 -29.16
N PHE E 177 16.01 5.63 -28.98
CA PHE E 177 15.96 6.23 -27.65
C PHE E 177 14.74 7.13 -27.54
N THR E 178 14.05 7.03 -26.40
CA THR E 178 12.87 7.84 -26.13
C THR E 178 13.07 8.58 -24.81
N GLU E 179 12.59 9.81 -24.76
CA GLU E 179 12.66 10.59 -23.52
C GLU E 179 11.77 9.97 -22.45
N ASN E 180 12.25 10.00 -21.22
CA ASN E 180 11.45 9.50 -20.11
C ASN E 180 10.23 10.37 -19.87
N GLY E 181 10.33 11.67 -20.18
CA GLY E 181 9.26 12.60 -19.92
C GLY E 181 9.21 13.13 -18.51
N GLU E 182 9.97 12.54 -17.59
CA GLU E 182 10.08 13.03 -16.23
C GLU E 182 11.50 13.42 -15.86
N TRP E 183 12.51 12.77 -16.42
CA TRP E 183 13.90 13.13 -16.22
C TRP E 183 14.56 13.39 -17.57
N THR E 184 15.36 14.45 -17.63
CA THR E 184 16.07 14.81 -18.83
C THR E 184 17.58 14.63 -18.62
N ILE E 185 18.24 14.06 -19.61
CA ILE E 185 19.68 13.82 -19.52
C ILE E 185 20.40 15.12 -19.82
N ARG E 186 20.64 15.93 -18.78
CA ARG E 186 21.30 17.21 -18.98
C ARG E 186 22.78 17.04 -19.24
N HIS E 187 23.44 16.19 -18.44
CA HIS E 187 24.85 15.90 -18.62
C HIS E 187 25.07 14.41 -18.46
N ARG E 188 25.92 13.84 -19.31
CA ARG E 188 26.23 12.42 -19.29
C ARG E 188 27.74 12.22 -19.41
N PRO E 189 28.49 12.54 -18.36
CA PRO E 189 29.95 12.37 -18.42
C PRO E 189 30.39 11.01 -17.93
N ALA E 190 31.69 10.74 -18.09
CA ALA E 190 32.27 9.48 -17.69
C ALA E 190 33.77 9.65 -17.49
N LYS E 191 34.28 9.00 -16.45
CA LYS E 191 35.73 9.13 -16.11
C LYS E 191 36.19 7.94 -15.28
N LYS E 192 37.45 7.56 -15.43
CA LYS E 192 38.04 6.47 -14.66
C LYS E 192 38.56 7.04 -13.35
N ASN E 193 38.06 6.50 -12.23
CA ASN E 193 38.37 7.02 -10.91
C ASN E 193 39.25 6.03 -10.16
N TYR E 194 40.20 6.57 -9.40
CA TYR E 194 41.04 5.76 -8.53
C TYR E 194 40.68 6.01 -7.08
N ASN E 195 41.06 5.05 -6.23
CA ASN E 195 40.93 5.18 -4.77
C ASN E 195 42.33 5.05 -4.20
N TRP E 196 42.98 6.19 -3.95
CA TRP E 196 44.36 6.19 -3.50
C TRP E 196 44.51 5.73 -2.06
N GLN E 197 43.42 5.59 -1.31
CA GLN E 197 43.51 5.01 0.02
C GLN E 197 43.73 3.51 -0.03
N LEU E 198 43.54 2.88 -1.18
CA LEU E 198 43.76 1.45 -1.34
C LEU E 198 44.94 1.24 -2.28
N THR E 199 45.75 0.23 -1.97
CA THR E 199 46.96 -0.06 -2.73
C THR E 199 46.59 -0.58 -4.12
N LYS E 200 47.59 -0.61 -5.00
CA LYS E 200 47.37 -0.98 -6.40
C LYS E 200 46.86 -2.41 -6.53
N ASP E 201 47.41 -3.33 -5.75
CA ASP E 201 46.98 -4.73 -5.86
C ASP E 201 45.68 -5.01 -5.13
N ASP E 202 45.04 -4.00 -4.55
CA ASP E 202 43.68 -4.18 -4.04
C ASP E 202 42.70 -4.22 -5.21
N THR E 203 41.59 -4.94 -5.00
CA THR E 203 40.62 -5.14 -6.07
C THR E 203 39.96 -3.83 -6.49
N ASP E 204 39.61 -2.97 -5.52
CA ASP E 204 38.85 -1.76 -5.77
C ASP E 204 39.72 -0.54 -6.02
N PHE E 205 40.94 -0.72 -6.51
CA PHE E 205 41.83 0.41 -6.75
C PHE E 205 41.32 1.29 -7.87
N GLN E 206 40.79 0.70 -8.93
CA GLN E 206 40.33 1.43 -10.10
C GLN E 206 38.90 1.06 -10.45
N GLU E 207 38.21 1.97 -11.11
CA GLU E 207 36.82 1.74 -11.50
C GLU E 207 36.45 2.71 -12.61
N ILE E 208 35.28 2.49 -13.20
CA ILE E 208 34.72 3.35 -14.25
C ILE E 208 33.38 3.86 -13.76
N ILE E 209 33.19 5.18 -13.83
CA ILE E 209 31.96 5.81 -13.34
C ILE E 209 31.28 6.52 -14.49
N PHE E 210 30.00 6.21 -14.69
CA PHE E 210 29.15 6.89 -15.66
C PHE E 210 28.15 7.74 -14.90
N PHE E 211 28.36 9.05 -14.91
CA PHE E 211 27.43 9.95 -14.23
C PHE E 211 26.22 10.21 -15.12
N LEU E 212 25.12 10.61 -14.48
CA LEU E 212 23.88 10.96 -15.17
C LEU E 212 23.24 12.12 -14.41
N ILE E 213 23.56 13.34 -14.83
CA ILE E 213 22.97 14.53 -14.21
C ILE E 213 21.58 14.71 -14.77
N ILE E 214 20.59 14.11 -14.13
CA ILE E 214 19.22 14.09 -14.63
C ILE E 214 18.43 15.18 -13.93
N GLN E 215 17.83 16.05 -14.72
CA GLN E 215 16.98 17.10 -14.18
C GLN E 215 15.51 16.75 -14.37
N ARG E 216 14.73 16.92 -13.31
CA ARG E 216 13.32 16.58 -13.34
C ARG E 216 12.54 17.67 -14.08
N LYS E 217 11.69 17.24 -15.00
CA LYS E 217 10.76 18.16 -15.66
C LYS E 217 9.70 18.57 -14.65
N PRO E 218 9.55 19.86 -14.36
CA PRO E 218 8.66 20.30 -13.28
C PRO E 218 7.24 20.69 -13.69
N LEU E 219 6.88 20.58 -14.97
CA LEU E 219 5.56 21.04 -15.41
C LEU E 219 4.44 20.22 -14.77
N PHE E 220 4.61 18.90 -14.70
CA PHE E 220 3.57 18.05 -14.11
C PHE E 220 3.36 18.39 -12.64
N TYR E 221 4.46 18.53 -11.89
CA TYR E 221 4.34 18.82 -10.46
C TYR E 221 3.81 20.22 -10.23
N ILE E 222 4.17 21.18 -11.09
CA ILE E 222 3.62 22.52 -10.99
C ILE E 222 2.11 22.50 -11.20
N ILE E 223 1.65 21.78 -12.22
CA ILE E 223 0.23 21.73 -12.52
C ILE E 223 -0.55 21.01 -11.43
N ASN E 224 -0.02 19.88 -10.95
CA ASN E 224 -0.81 19.00 -10.11
C ASN E 224 -0.69 19.29 -8.61
N ILE E 225 0.45 19.81 -8.15
CA ILE E 225 0.70 19.92 -6.71
C ILE E 225 0.97 21.36 -6.30
N ILE E 226 1.95 21.99 -6.96
CA ILE E 226 2.44 23.29 -6.52
C ILE E 226 1.38 24.36 -6.70
N ALA E 227 0.79 24.46 -7.89
CA ALA E 227 -0.28 25.44 -8.11
C ALA E 227 -1.51 25.18 -7.27
N PRO E 228 -2.04 23.94 -7.15
CA PRO E 228 -3.17 23.75 -6.23
C PRO E 228 -2.84 24.09 -4.79
N CYS E 229 -1.63 23.80 -4.32
CA CYS E 229 -1.29 24.10 -2.94
C CYS E 229 -1.15 25.59 -2.71
N VAL E 230 -0.57 26.32 -3.67
CA VAL E 230 -0.47 27.76 -3.50
C VAL E 230 -1.84 28.41 -3.67
N LEU E 231 -2.77 27.73 -4.36
CA LEU E 231 -4.13 28.25 -4.45
C LEU E 231 -4.88 28.04 -3.14
N ILE E 232 -4.66 26.90 -2.48
CA ILE E 232 -5.29 26.65 -1.20
C ILE E 232 -4.80 27.64 -0.16
N SER E 233 -3.48 27.84 -0.09
CA SER E 233 -2.90 28.75 0.88
C SER E 233 -3.24 30.20 0.58
N SER E 234 -3.67 30.51 -0.64
CA SER E 234 -4.12 31.86 -0.96
C SER E 234 -5.43 32.20 -0.27
N LEU E 235 -6.17 31.21 0.23
CA LEU E 235 -7.48 31.46 0.81
C LEU E 235 -7.42 32.03 2.22
N VAL E 236 -6.33 31.82 2.95
CA VAL E 236 -6.23 32.41 4.28
C VAL E 236 -6.08 33.92 4.20
N VAL E 237 -5.67 34.45 3.04
CA VAL E 237 -5.70 35.88 2.83
C VAL E 237 -7.13 36.40 2.88
N LEU E 238 -8.07 35.64 2.34
CA LEU E 238 -9.47 36.03 2.30
C LEU E 238 -10.13 35.99 3.67
N VAL E 239 -9.50 35.34 4.65
CA VAL E 239 -10.12 35.17 5.97
C VAL E 239 -10.37 36.52 6.63
N TYR E 240 -9.42 37.45 6.47
CA TYR E 240 -9.53 38.73 7.16
C TYR E 240 -10.63 39.61 6.60
N PHE E 241 -11.24 39.24 5.49
CA PHE E 241 -12.39 39.97 4.96
C PHE E 241 -13.72 39.38 5.40
N LEU E 242 -13.74 38.16 5.91
CA LEU E 242 -14.94 37.63 6.51
C LEU E 242 -15.26 38.39 7.80
N PRO E 243 -16.54 38.55 8.13
CA PRO E 243 -16.89 39.31 9.33
C PRO E 243 -16.47 38.59 10.61
N ALA E 244 -16.19 39.38 11.63
CA ALA E 244 -15.89 38.86 12.97
C ALA E 244 -17.21 38.73 13.75
N GLN E 245 -18.02 37.77 13.31
CA GLN E 245 -19.36 37.58 13.83
C GLN E 245 -19.61 36.09 13.99
N ALA E 246 -20.62 35.76 14.80
CA ALA E 246 -20.97 34.36 15.02
C ALA E 246 -21.41 33.68 13.73
N GLY E 247 -22.20 34.38 12.91
CA GLY E 247 -22.62 33.84 11.63
C GLY E 247 -21.50 33.72 10.62
N GLY E 248 -20.42 34.47 10.81
CA GLY E 248 -19.27 34.34 9.95
C GLY E 248 -18.53 33.04 10.19
N GLN E 249 -17.58 32.77 9.31
CA GLN E 249 -16.85 31.50 9.35
C GLN E 249 -15.36 31.73 9.22
N LYS E 250 -14.83 32.65 10.01
CA LYS E 250 -13.39 32.90 10.01
C LYS E 250 -12.61 31.67 10.46
N CYS E 251 -12.90 31.20 11.69
CA CYS E 251 -12.19 30.05 12.23
C CYS E 251 -12.43 28.80 11.40
N THR E 252 -13.66 28.61 10.93
CA THR E 252 -13.97 27.42 10.13
C THR E 252 -13.18 27.40 8.84
N LEU E 253 -13.13 28.54 8.15
CA LEU E 253 -12.35 28.61 6.91
C LEU E 253 -10.86 28.42 7.18
N SER E 254 -10.35 29.02 8.25
CA SER E 254 -8.92 28.89 8.55
C SER E 254 -8.55 27.45 8.86
N ILE E 255 -9.33 26.78 9.71
CA ILE E 255 -9.03 25.40 10.03
C ILE E 255 -9.32 24.46 8.87
N SER E 256 -10.21 24.84 7.96
CA SER E 256 -10.42 24.02 6.77
C SER E 256 -9.24 24.11 5.82
N VAL E 257 -8.67 25.31 5.67
CA VAL E 257 -7.44 25.42 4.89
C VAL E 257 -6.31 24.67 5.58
N LEU E 258 -6.29 24.68 6.92
CA LEU E 258 -5.29 23.89 7.65
C LEU E 258 -5.48 22.41 7.42
N LEU E 259 -6.73 21.93 7.37
CA LEU E 259 -7.00 20.53 7.07
C LEU E 259 -6.56 20.19 5.65
N ALA E 260 -6.77 21.10 4.71
CA ALA E 260 -6.26 20.89 3.36
C ALA E 260 -4.75 20.79 3.35
N GLN E 261 -4.07 21.61 4.16
CA GLN E 261 -2.63 21.51 4.28
C GLN E 261 -2.20 20.18 4.89
N THR E 262 -2.96 19.68 5.87
CA THR E 262 -2.66 18.38 6.45
C THR E 262 -2.82 17.26 5.43
N ILE E 263 -3.87 17.35 4.60
CA ILE E 263 -4.06 16.38 3.52
C ILE E 263 -2.91 16.46 2.53
N PHE E 264 -2.43 17.67 2.24
CA PHE E 264 -1.25 17.81 1.38
C PHE E 264 -0.02 17.19 2.03
N LEU E 265 0.13 17.35 3.34
CA LEU E 265 1.27 16.74 4.05
C LEU E 265 1.21 15.22 3.94
N PHE E 266 0.03 14.64 4.15
CA PHE E 266 -0.15 13.21 3.98
C PHE E 266 0.04 12.78 2.53
N LEU E 267 -0.17 13.69 1.59
CA LEU E 267 0.06 13.40 0.17
C LEU E 267 1.55 13.34 -0.15
N ILE E 268 2.26 14.45 0.10
CA ILE E 268 3.64 14.55 -0.32
C ILE E 268 4.57 13.69 0.54
N ALA E 269 4.13 13.28 1.74
CA ALA E 269 4.92 12.35 2.53
C ALA E 269 5.06 11.01 1.82
N GLN E 270 4.03 10.60 1.09
CA GLN E 270 4.10 9.37 0.30
C GLN E 270 4.99 9.50 -0.93
N LYS E 271 5.43 10.71 -1.27
CA LYS E 271 6.19 10.94 -2.49
C LYS E 271 7.65 11.32 -2.23
N VAL E 272 7.95 11.95 -1.12
CA VAL E 272 9.31 12.42 -0.83
C VAL E 272 10.15 11.26 -0.30
N PRO E 273 11.47 11.29 -0.47
CA PRO E 273 12.32 10.25 0.10
C PRO E 273 12.34 10.32 1.62
N GLU E 274 12.66 9.19 2.23
CA GLU E 274 12.69 9.05 3.68
C GLU E 274 14.06 9.39 4.28
N THR E 275 14.99 9.90 3.46
CA THR E 275 16.30 10.27 3.95
C THR E 275 16.18 11.43 4.94
N SER E 276 16.96 11.36 6.03
CA SER E 276 16.92 12.33 7.10
C SER E 276 18.02 13.38 7.00
N LEU E 277 18.77 13.41 5.89
CA LEU E 277 19.88 14.35 5.78
C LEU E 277 19.39 15.79 5.70
N ASN E 278 18.33 16.05 4.93
CA ASN E 278 17.82 17.40 4.74
C ASN E 278 16.31 17.36 4.65
N VAL E 279 15.71 18.54 4.60
CA VAL E 279 14.27 18.71 4.45
C VAL E 279 13.99 19.19 3.04
N PRO E 280 13.09 18.54 2.30
CA PRO E 280 12.83 18.95 0.92
C PRO E 280 12.22 20.34 0.85
N LEU E 281 12.41 21.00 -0.29
CA LEU E 281 11.94 22.37 -0.46
C LEU E 281 10.42 22.44 -0.40
N ILE E 282 9.74 21.46 -0.99
CA ILE E 282 8.29 21.43 -0.86
C ILE E 282 7.89 21.15 0.58
N GLY E 283 8.68 20.37 1.30
CA GLY E 283 8.43 20.19 2.72
C GLY E 283 8.62 21.48 3.52
N LYS E 284 9.63 22.26 3.15
CA LYS E 284 9.83 23.56 3.80
C LYS E 284 8.68 24.49 3.49
N TYR E 285 8.16 24.47 2.26
CA TYR E 285 7.01 25.29 1.93
C TYR E 285 5.77 24.84 2.69
N LEU E 286 5.60 23.53 2.84
CA LEU E 286 4.47 23.02 3.63
C LEU E 286 4.57 23.45 5.07
N ILE E 287 5.77 23.38 5.66
CA ILE E 287 5.95 23.82 7.04
C ILE E 287 5.70 25.31 7.15
N PHE E 288 6.17 26.08 6.18
CA PHE E 288 5.96 27.53 6.20
C PHE E 288 4.48 27.88 6.11
N VAL E 289 3.74 27.23 5.21
CA VAL E 289 2.33 27.57 5.08
C VAL E 289 1.53 27.07 6.28
N MET E 290 1.92 25.93 6.86
CA MET E 290 1.24 25.48 8.07
C MET E 290 1.51 26.41 9.24
N PHE E 291 2.74 26.88 9.38
CA PHE E 291 3.05 27.83 10.44
C PHE E 291 2.33 29.15 10.24
N VAL E 292 2.31 29.65 9.00
CA VAL E 292 1.64 30.92 8.75
C VAL E 292 0.13 30.75 8.89
N SER E 293 -0.41 29.56 8.60
CA SER E 293 -1.83 29.35 8.81
C SER E 293 -2.18 29.17 10.28
N MET E 294 -1.28 28.61 11.07
CA MET E 294 -1.47 28.61 12.51
C MET E 294 -1.45 30.04 13.05
N LEU E 295 -0.58 30.88 12.49
CA LEU E 295 -0.61 32.30 12.84
C LEU E 295 -1.91 32.95 12.39
N ILE E 296 -2.45 32.53 11.24
CA ILE E 296 -3.75 33.01 10.79
C ILE E 296 -4.82 32.65 11.81
N VAL E 297 -4.80 31.40 12.29
CA VAL E 297 -5.79 30.96 13.27
C VAL E 297 -5.62 31.72 14.59
N MET E 298 -4.38 31.99 14.99
CA MET E 298 -4.15 32.76 16.19
C MET E 298 -4.68 34.18 16.04
N ASN E 299 -4.45 34.81 14.89
CA ASN E 299 -5.04 36.12 14.66
C ASN E 299 -6.56 36.05 14.60
N CYS E 300 -7.10 34.95 14.10
CA CYS E 300 -8.55 34.77 14.07
C CYS E 300 -9.14 34.75 15.47
N VAL E 301 -8.53 33.96 16.36
CA VAL E 301 -9.05 33.90 17.72
C VAL E 301 -8.81 35.22 18.43
N ILE E 302 -7.72 35.92 18.10
CA ILE E 302 -7.46 37.23 18.71
C ILE E 302 -8.52 38.24 18.29
N VAL E 303 -8.81 38.32 17.00
CA VAL E 303 -9.79 39.30 16.52
C VAL E 303 -11.20 38.90 16.94
N LEU E 304 -11.48 37.60 17.07
CA LEU E 304 -12.77 37.18 17.56
C LEU E 304 -12.93 37.52 19.04
N ASN E 305 -11.85 37.43 19.81
CA ASN E 305 -11.92 37.85 21.20
C ASN E 305 -12.11 39.37 21.30
N VAL E 306 -11.38 40.12 20.47
CA VAL E 306 -11.43 41.59 20.56
C VAL E 306 -12.79 42.11 20.13
N SER E 307 -13.30 41.63 19.00
CA SER E 307 -14.58 42.10 18.48
C SER E 307 -15.76 41.62 19.30
N LEU E 308 -15.56 40.67 20.22
CA LEU E 308 -16.61 40.20 21.10
C LEU E 308 -16.34 40.58 22.56
N ARG E 309 -15.43 41.52 22.80
CA ARG E 309 -15.15 41.96 24.15
C ARG E 309 -16.29 42.80 24.69
N THR E 310 -17.21 42.15 25.39
CA THR E 310 -18.32 42.86 25.99
C THR E 310 -17.81 43.77 27.11
N PRO E 311 -18.41 44.95 27.31
CA PRO E 311 -18.02 45.77 28.46
C PRO E 311 -18.26 45.10 29.79
N ASN E 312 -19.16 44.13 29.85
CA ASN E 312 -19.40 43.37 31.08
C ASN E 312 -18.25 42.43 31.43
N THR E 313 -17.31 42.19 30.50
CA THR E 313 -16.18 41.33 30.76
C THR E 313 -14.85 42.07 30.73
N HIS E 314 -14.56 42.78 29.65
CA HIS E 314 -13.30 43.51 29.49
C HIS E 314 -13.53 45.00 29.66
N SER E 315 -12.43 45.73 29.68
CA SER E 315 -12.44 47.19 29.78
C SER E 315 -11.68 47.78 28.60
N LEU E 316 -12.19 48.88 28.06
CA LEU E 316 -11.58 49.57 26.93
C LEU E 316 -10.73 50.72 27.47
N SER E 317 -9.43 50.50 27.56
CA SER E 317 -8.52 51.57 27.96
C SER E 317 -8.40 52.58 26.83
N GLU E 318 -8.30 53.86 27.19
CA GLU E 318 -8.27 54.92 26.18
C GLU E 318 -6.96 54.90 25.40
N LYS E 319 -5.88 54.42 26.01
CA LYS E 319 -4.58 54.42 25.32
C LYS E 319 -4.59 53.51 24.10
N ILE E 320 -5.14 52.30 24.24
CA ILE E 320 -5.15 51.38 23.11
C ILE E 320 -6.14 51.86 22.04
N LYS E 321 -7.23 52.51 22.45
CA LYS E 321 -8.17 53.06 21.48
C LYS E 321 -7.54 54.19 20.69
N HIS E 322 -6.75 55.04 21.36
CA HIS E 322 -5.99 56.06 20.64
C HIS E 322 -4.94 55.42 19.72
N LEU E 323 -4.33 54.32 20.17
CA LEU E 323 -3.29 53.67 19.37
C LEU E 323 -3.85 53.09 18.08
N PHE E 324 -5.03 52.46 18.15
CA PHE E 324 -5.57 51.81 16.96
C PHE E 324 -6.41 52.74 16.10
N LEU E 325 -7.15 53.68 16.70
CA LEU E 325 -7.88 54.65 15.87
C LEU E 325 -6.93 55.64 15.20
N GLY E 326 -5.77 55.87 15.79
CA GLY E 326 -4.75 56.68 15.14
C GLY E 326 -4.00 55.98 14.04
N PHE E 327 -4.20 54.67 13.88
CA PHE E 327 -3.57 53.89 12.83
C PHE E 327 -4.30 54.01 11.50
N LEU E 328 -5.50 54.61 11.48
CA LEU E 328 -6.23 54.77 10.24
C LEU E 328 -5.46 55.54 9.17
N PRO E 329 -4.74 56.65 9.45
CA PRO E 329 -3.83 57.18 8.44
C PRO E 329 -2.64 56.26 8.22
N LYS E 330 -2.61 55.59 7.09
CA LYS E 330 -1.54 54.64 6.78
C LYS E 330 -0.22 55.35 6.55
N CYS E 415 -46.67 57.57 38.74
CA CYS E 415 -46.96 56.35 37.98
C CYS E 415 -46.55 56.52 36.52
N VAL E 416 -45.45 57.22 36.29
CA VAL E 416 -44.92 57.43 34.94
C VAL E 416 -43.45 57.08 34.90
N GLU E 417 -42.93 56.53 36.00
CA GLU E 417 -41.52 56.20 36.10
C GLU E 417 -41.13 54.99 35.25
N ALA E 418 -42.10 54.23 34.76
CA ALA E 418 -41.79 53.09 33.89
C ALA E 418 -41.13 53.54 32.60
N CYS E 419 -41.62 54.64 32.01
CA CYS E 419 -41.00 55.18 30.81
C CYS E 419 -39.58 55.66 31.08
N ASN E 420 -39.37 56.29 32.23
CA ASN E 420 -38.03 56.75 32.59
C ASN E 420 -37.08 55.56 32.78
N PHE E 421 -37.56 54.49 33.41
CA PHE E 421 -36.72 53.30 33.57
C PHE E 421 -36.42 52.65 32.22
N ILE E 422 -37.39 52.63 31.32
CA ILE E 422 -37.17 52.11 29.97
C ILE E 422 -36.12 52.96 29.25
N ALA E 423 -36.21 54.27 29.38
CA ALA E 423 -35.23 55.16 28.74
C ALA E 423 -33.83 54.95 29.32
N LYS E 424 -33.74 54.76 30.65
CA LYS E 424 -32.45 54.50 31.27
C LYS E 424 -31.85 53.19 30.78
N SER E 425 -32.68 52.15 30.67
CA SER E 425 -32.20 50.86 30.15
C SER E 425 -31.77 50.99 28.69
N THR E 426 -32.52 51.76 27.90
CA THR E 426 -32.14 51.97 26.51
C THR E 426 -30.81 52.71 26.40
N LYS E 427 -30.59 53.71 27.26
CA LYS E 427 -29.31 54.40 27.27
C LYS E 427 -28.18 53.46 27.66
N GLU E 428 -28.40 52.60 28.65
CA GLU E 428 -27.36 51.66 29.08
C GLU E 428 -27.01 50.68 27.97
N GLN E 429 -28.03 50.11 27.30
CA GLN E 429 -27.75 49.17 26.23
C GLN E 429 -27.15 49.85 25.02
N ASN E 430 -27.52 51.12 24.76
CA ASN E 430 -26.89 51.86 23.68
C ASN E 430 -25.42 52.12 23.97
N ASP E 431 -25.08 52.45 25.23
CA ASP E 431 -23.69 52.65 25.60
C ASP E 431 -22.89 51.36 25.45
N SER E 432 -23.45 50.24 25.92
CA SER E 432 -22.75 48.97 25.78
C SER E 432 -22.58 48.59 24.31
N GLY E 433 -23.61 48.83 23.49
CA GLY E 433 -23.50 48.55 22.07
C GLY E 433 -22.48 49.44 21.39
N SER E 434 -22.38 50.71 21.80
CA SER E 434 -21.38 51.60 21.23
C SER E 434 -19.97 51.15 21.59
N GLU E 435 -19.76 50.72 22.84
CA GLU E 435 -18.45 50.19 23.21
C GLU E 435 -18.13 48.92 22.45
N ASN E 436 -19.14 48.06 22.24
CA ASN E 436 -18.94 46.86 21.42
C ASN E 436 -18.59 47.22 19.98
N GLU E 437 -19.23 48.27 19.44
CA GLU E 437 -18.92 48.73 18.09
C GLU E 437 -17.50 49.24 18.00
N ASN E 438 -17.05 49.95 19.03
CA ASN E 438 -15.65 50.38 19.08
C ASN E 438 -14.71 49.20 19.09
N TRP E 439 -15.05 48.15 19.86
CA TRP E 439 -14.24 46.94 19.87
C TRP E 439 -14.22 46.27 18.50
N VAL E 440 -15.35 46.26 17.81
CA VAL E 440 -15.42 45.68 16.47
C VAL E 440 -14.54 46.47 15.50
N LEU E 441 -14.54 47.80 15.64
CA LEU E 441 -13.67 48.63 14.81
C LEU E 441 -12.20 48.36 15.09
N ILE E 442 -11.86 48.15 16.37
CA ILE E 442 -10.48 47.79 16.73
C ILE E 442 -10.11 46.47 16.06
N GLY E 443 -11.01 45.50 16.12
CA GLY E 443 -10.78 44.24 15.44
C GLY E 443 -10.62 44.39 13.94
N LYS E 444 -11.39 45.30 13.34
CA LYS E 444 -11.29 45.56 11.91
C LYS E 444 -9.93 46.17 11.55
N VAL E 445 -9.45 47.11 12.36
CA VAL E 445 -8.13 47.71 12.12
C VAL E 445 -7.05 46.64 12.24
N ILE E 446 -7.15 45.80 13.26
CA ILE E 446 -6.23 44.67 13.41
C ILE E 446 -6.29 43.78 12.17
N ASP E 447 -7.50 43.52 11.68
CA ASP E 447 -7.68 42.68 10.50
C ASP E 447 -6.99 43.26 9.29
N LYS E 448 -7.15 44.57 9.07
CA LYS E 448 -6.54 45.21 7.91
C LYS E 448 -5.01 45.18 8.00
N ALA E 449 -4.46 45.57 9.15
CA ALA E 449 -3.00 45.63 9.28
C ALA E 449 -2.39 44.24 9.19
N CYS E 450 -2.91 43.29 9.95
CA CYS E 450 -2.39 41.93 9.89
C CYS E 450 -2.69 41.27 8.55
N PHE E 451 -3.72 41.71 7.83
CA PHE E 451 -3.98 41.18 6.51
C PHE E 451 -2.90 41.60 5.53
N TRP E 452 -2.54 42.89 5.55
CA TRP E 452 -1.45 43.33 4.69
C TRP E 452 -0.15 42.66 5.07
N ILE E 453 0.11 42.52 6.38
CA ILE E 453 1.35 41.88 6.83
C ILE E 453 1.39 40.41 6.40
N ALA E 454 0.29 39.70 6.58
CA ALA E 454 0.24 38.28 6.22
C ALA E 454 0.32 38.08 4.72
N LEU E 455 -0.35 38.94 3.94
CA LEU E 455 -0.26 38.86 2.50
C LEU E 455 1.17 39.09 2.03
N LEU E 456 1.83 40.12 2.57
CA LEU E 456 3.21 40.37 2.19
C LEU E 456 4.12 39.21 2.57
N LEU E 457 3.93 38.67 3.78
CA LEU E 457 4.77 37.56 4.25
C LEU E 457 4.58 36.32 3.39
N PHE E 458 3.31 35.95 3.13
CA PHE E 458 3.04 34.78 2.32
C PHE E 458 3.55 34.95 0.89
N SER E 459 3.35 36.14 0.31
CA SER E 459 3.82 36.38 -1.05
C SER E 459 5.33 36.32 -1.13
N ILE E 460 6.04 36.96 -0.19
CA ILE E 460 7.49 36.97 -0.26
C ILE E 460 8.05 35.58 0.01
N GLY E 461 7.44 34.82 0.92
CA GLY E 461 7.91 33.46 1.18
C GLY E 461 7.70 32.55 -0.01
N THR E 462 6.50 32.60 -0.60
CA THR E 462 6.22 31.77 -1.77
C THR E 462 7.12 32.14 -2.93
N LEU E 463 7.29 33.45 -3.19
CA LEU E 463 8.13 33.89 -4.29
C LEU E 463 9.59 33.52 -4.07
N ALA E 464 10.10 33.67 -2.84
CA ALA E 464 11.49 33.32 -2.56
C ALA E 464 11.71 31.82 -2.71
N ILE E 465 10.80 31.00 -2.18
CA ILE E 465 10.95 29.56 -2.28
C ILE E 465 10.91 29.11 -3.74
N PHE E 466 9.95 29.62 -4.50
CA PHE E 466 9.83 29.19 -5.88
C PHE E 466 10.89 29.78 -6.79
N LEU E 467 11.43 30.96 -6.45
CA LEU E 467 12.55 31.49 -7.20
C LEU E 467 13.84 30.74 -6.91
N THR E 468 14.00 30.26 -5.67
CA THR E 468 15.11 29.36 -5.36
C THR E 468 14.98 28.06 -6.14
N GLY E 469 13.76 27.53 -6.22
CA GLY E 469 13.54 26.33 -7.01
C GLY E 469 13.80 26.54 -8.50
N HIS E 470 13.35 27.67 -9.04
CA HIS E 470 13.55 27.97 -10.45
C HIS E 470 15.00 28.26 -10.78
N PHE E 471 15.72 28.87 -9.85
CA PHE E 471 17.14 29.21 -10.06
C PHE E 471 18.07 28.05 -9.75
N ASN E 472 17.53 26.87 -9.43
CA ASN E 472 18.35 25.68 -9.23
C ASN E 472 18.64 25.05 -10.60
N GLN E 473 19.45 25.76 -11.37
CA GLN E 473 19.83 25.28 -12.69
C GLN E 473 20.94 24.24 -12.57
N VAL E 474 20.98 23.33 -13.54
CA VAL E 474 22.08 22.38 -13.61
C VAL E 474 23.37 23.14 -13.87
N PRO E 475 24.49 22.79 -13.23
CA PRO E 475 25.75 23.49 -13.50
C PRO E 475 26.14 23.37 -14.97
N GLU E 476 26.72 24.46 -15.48
CA GLU E 476 27.08 24.52 -16.89
C GLU E 476 28.13 23.47 -17.24
N PHE E 477 29.11 23.27 -16.36
CA PHE E 477 30.06 22.21 -16.66
C PHE E 477 29.67 20.94 -15.92
N PRO E 478 29.90 19.77 -16.54
CA PRO E 478 29.66 18.51 -15.83
C PRO E 478 30.50 18.36 -14.57
N PHE E 479 31.74 18.83 -14.61
CA PHE E 479 32.62 18.88 -13.45
C PHE E 479 32.97 20.33 -13.20
N PRO E 480 32.65 20.88 -12.02
CA PRO E 480 32.84 22.33 -11.80
C PRO E 480 34.27 22.81 -11.96
N GLY E 481 35.25 22.00 -11.58
CA GLY E 481 36.63 22.41 -11.74
C GLY E 481 37.25 22.12 -13.08
N ASP E 482 36.48 21.57 -14.02
CA ASP E 482 37.00 21.15 -15.31
C ASP E 482 36.38 21.98 -16.42
N PRO E 483 37.18 22.63 -17.26
CA PRO E 483 36.61 23.41 -18.37
C PRO E 483 36.09 22.57 -19.54
N ARG E 484 36.37 21.26 -19.55
CA ARG E 484 35.90 20.41 -20.64
C ARG E 484 34.38 20.27 -20.58
N LYS E 485 33.78 20.05 -21.75
CA LYS E 485 32.32 19.96 -21.84
C LYS E 485 31.79 18.55 -21.73
N TYR E 486 32.61 17.54 -22.05
CA TYR E 486 32.23 16.13 -21.94
C TYR E 486 30.96 15.81 -22.73
N VAL E 487 30.86 16.37 -23.93
CA VAL E 487 29.72 16.13 -24.82
C VAL E 487 30.26 15.99 -26.24
N PRO E 488 29.86 14.96 -27.00
CA PRO E 488 30.30 14.76 -28.38
C PRO E 488 29.79 15.85 -29.31
#